data_5A9C
# 
_entry.id   5A9C 
# 
_audit_conform.dict_name       mmcif_pdbx.dic 
_audit_conform.dict_version    5.391 
_audit_conform.dict_location   http://mmcif.pdb.org/dictionaries/ascii/mmcif_pdbx.dic 
# 
loop_
_database_2.database_id 
_database_2.database_code 
_database_2.pdbx_database_accession 
_database_2.pdbx_DOI 
PDB   5A9C         pdb_00005a9c 10.2210/pdb5a9c/pdb 
PDBE  EBI-64415    ?            ?                   
WWPDB D_1290064415 ?            ?                   
# 
loop_
_pdbx_audit_revision_history.ordinal 
_pdbx_audit_revision_history.data_content_type 
_pdbx_audit_revision_history.major_revision 
_pdbx_audit_revision_history.minor_revision 
_pdbx_audit_revision_history.revision_date 
1 'Structure model' 1 0 2015-09-02 
2 'Structure model' 1 1 2015-10-21 
3 'Structure model' 1 2 2024-05-01 
# 
_pdbx_audit_revision_details.ordinal             1 
_pdbx_audit_revision_details.revision_ordinal    1 
_pdbx_audit_revision_details.data_content_type   'Structure model' 
_pdbx_audit_revision_details.provider            repository 
_pdbx_audit_revision_details.type                'Initial release' 
_pdbx_audit_revision_details.description         ? 
_pdbx_audit_revision_details.details             ? 
# 
loop_
_pdbx_audit_revision_group.ordinal 
_pdbx_audit_revision_group.revision_ordinal 
_pdbx_audit_revision_group.data_content_type 
_pdbx_audit_revision_group.group 
1 2 'Structure model' 'Database references'    
2 3 'Structure model' 'Data collection'        
3 3 'Structure model' 'Database references'    
4 3 'Structure model' Other                    
5 3 'Structure model' 'Refinement description' 
# 
loop_
_pdbx_audit_revision_category.ordinal 
_pdbx_audit_revision_category.revision_ordinal 
_pdbx_audit_revision_category.data_content_type 
_pdbx_audit_revision_category.category 
1 3 'Structure model' chem_comp_atom                
2 3 'Structure model' chem_comp_bond                
3 3 'Structure model' database_2                    
4 3 'Structure model' pdbx_database_status          
5 3 'Structure model' pdbx_initial_refinement_model 
# 
loop_
_pdbx_audit_revision_item.ordinal 
_pdbx_audit_revision_item.revision_ordinal 
_pdbx_audit_revision_item.data_content_type 
_pdbx_audit_revision_item.item 
1 3 'Structure model' '_database_2.pdbx_DOI'                 
2 3 'Structure model' '_database_2.pdbx_database_accession'  
3 3 'Structure model' '_pdbx_database_status.status_code_sf' 
# 
_pdbx_database_status.status_code                     REL 
_pdbx_database_status.entry_id                        5A9C 
_pdbx_database_status.deposit_site                    PDBE 
_pdbx_database_status.process_site                    PDBE 
_pdbx_database_status.SG_entry                        . 
_pdbx_database_status.recvd_initial_deposition_date   2015-07-17 
_pdbx_database_status.pdb_format_compatible           Y 
_pdbx_database_status.status_code_sf                  REL 
_pdbx_database_status.status_code_mr                  ? 
_pdbx_database_status.status_code_cs                  ? 
_pdbx_database_status.methods_development_category    ? 
_pdbx_database_status.status_code_nmr_data            ? 
# 
loop_
_pdbx_database_related.db_name 
_pdbx_database_related.db_id 
_pdbx_database_related.content_type 
_pdbx_database_related.details 
PDB 5A8S unspecified 'CRYSTAL STRUCTURE OF ANTHERAEA MYLITTA CPV4 POLYHEDRA TYPE 1'                     
PDB 5A8T unspecified 'CRYSTAL STRUCTURE OF ANTHERAEA MYLITTA CPV4 POLYHEDRA TYPE 2'                     
PDB 5A8U unspecified 'CRYSTAL STRUCTURE OF ORGYIA PSEUDOTSUGATA CPV5 POLYHEDRA'                         
PDB 5A8V unspecified 'CRYSTAL STRUCTURE OF ORGYIA PSEUDOTSUGATA CPV5 POLYHEDRA WITH SEMET SUBSTITUTION' 
PDB 5A96 unspecified 'CRYSTAL STRUCTURE OF LYMANTRIA DISPAR CPV14 POLYHEDRA'                            
PDB 5A98 unspecified 'CRYSTAL STRUCTURE OF TRICHOPLUSIA NI CPV15 POLYHEDRA'                             
PDB 5A99 unspecified 'CRYSTAL STRUCTURE OF OPEROPHTERA BRUMATA CPV19 POLYHEDRA'                         
PDB 5A9A unspecified 'CRYSTAL STRUCTURE OF SIMULIUM UBIQUITUM CPV20 POLYHEDRA'                          
PDB 5A9B unspecified 'CRYSTAL STRUCTURE OF BOMBYX MORI CPV1 POLYHEDRA BASE DOMAIN DELETED MUTANT'       
PDB 5A9P unspecified 'CRYSTAL STRUCTURE OF OPEROPHTERA BRUMATA CPV18 POLYHEDRA'                         
# 
loop_
_audit_author.name 
_audit_author.pdbx_ordinal 
'Ji, X.'       1 
'Axford, D.'   2 
'Owen, R.'     3 
'Evans, G.'    4 
'Ginn, H.M.'   5 
'Sutton, G.'   6 
'Stuart, D.I.' 7 
# 
_citation.id                        primary 
_citation.title                     'Polyhedra Structures and the Evolution of the Insect Viruses.' 
_citation.journal_abbrev            J.Struct.Biol. 
_citation.journal_volume            192 
_citation.page_first                88 
_citation.page_last                 ? 
_citation.year                      2015 
_citation.journal_id_ASTM           JSBIEM 
_citation.country                   US 
_citation.journal_id_ISSN           1047-8477 
_citation.journal_id_CSD            0803 
_citation.book_publisher            ? 
_citation.pdbx_database_id_PubMed   26291392 
_citation.pdbx_database_id_DOI      10.1016/J.JSB.2015.08.009 
# 
loop_
_citation_author.citation_id 
_citation_author.name 
_citation_author.ordinal 
_citation_author.identifier_ORCID 
primary 'Ji, X.'       1 ? 
primary 'Axford, D.'   2 ? 
primary 'Owen, R.'     3 ? 
primary 'Evans, G.'    4 ? 
primary 'Ginn, H.M.'   5 ? 
primary 'Sutton, G.'   6 ? 
primary 'Stuart, D.I.' 7 ? 
# 
loop_
_entity.id 
_entity.type 
_entity.src_method 
_entity.pdbx_description 
_entity.formula_weight 
_entity.pdbx_number_of_molecules 
_entity.pdbx_ec 
_entity.pdbx_mutation 
_entity.pdbx_fragment 
_entity.details 
1 polymer man POLYHEDRIN 24818.990 1   ? ? ? ? 
2 water   nat water      18.015    136 ? ? ? ? 
# 
_entity_poly.entity_id                      1 
_entity_poly.type                           'polypeptide(L)' 
_entity_poly.nstd_linkage                   no 
_entity_poly.nstd_monomer                   no 
_entity_poly.pdbx_seq_one_letter_code       
;MSTSTYALRAGKRDVRREQQEIITRQINTAPYVQDAMMRVVVFAQYPSGRYKAFDYVFPDYLKVFLNWRELLEGSGRYPM
GVIVSFNGNIDWTRARVEATNMHGLNNTDWREARAWGPHVICGNQLRKAGHLSRAVYVPLDEHNTVKVLATARQDGALNR
FNGPQLAQTLTNNIVCPNVIEFNTESDVIDYAKMAHIAYIDQAGLIVASSDAYISGDSQA
;
_entity_poly.pdbx_seq_one_letter_code_can   
;MSTSTYALRAGKRDVRREQQEIITRQINTAPYVQDAMMRVVVFAQYPSGRYKAFDYVFPDYLKVFLNWRELLEGSGRYPM
GVIVSFNGNIDWTRARVEATNMHGLNNTDWREARAWGPHVICGNQLRKAGHLSRAVYVPLDEHNTVKVLATARQDGALNR
FNGPQLAQTLTNNIVCPNVIEFNTESDVIDYAKMAHIAYIDQAGLIVASSDAYISGDSQA
;
_entity_poly.pdbx_strand_id                 A 
_entity_poly.pdbx_target_identifier         ? 
# 
_pdbx_entity_nonpoly.entity_id   2 
_pdbx_entity_nonpoly.name        water 
_pdbx_entity_nonpoly.comp_id     HOH 
# 
loop_
_entity_poly_seq.entity_id 
_entity_poly_seq.num 
_entity_poly_seq.mon_id 
_entity_poly_seq.hetero 
1 1   MET n 
1 2   SER n 
1 3   THR n 
1 4   SER n 
1 5   THR n 
1 6   TYR n 
1 7   ALA n 
1 8   LEU n 
1 9   ARG n 
1 10  ALA n 
1 11  GLY n 
1 12  LYS n 
1 13  ARG n 
1 14  ASP n 
1 15  VAL n 
1 16  ARG n 
1 17  ARG n 
1 18  GLU n 
1 19  GLN n 
1 20  GLN n 
1 21  GLU n 
1 22  ILE n 
1 23  ILE n 
1 24  THR n 
1 25  ARG n 
1 26  GLN n 
1 27  ILE n 
1 28  ASN n 
1 29  THR n 
1 30  ALA n 
1 31  PRO n 
1 32  TYR n 
1 33  VAL n 
1 34  GLN n 
1 35  ASP n 
1 36  ALA n 
1 37  MET n 
1 38  MET n 
1 39  ARG n 
1 40  VAL n 
1 41  VAL n 
1 42  VAL n 
1 43  PHE n 
1 44  ALA n 
1 45  GLN n 
1 46  TYR n 
1 47  PRO n 
1 48  SER n 
1 49  GLY n 
1 50  ARG n 
1 51  TYR n 
1 52  LYS n 
1 53  ALA n 
1 54  PHE n 
1 55  ASP n 
1 56  TYR n 
1 57  VAL n 
1 58  PHE n 
1 59  PRO n 
1 60  ASP n 
1 61  TYR n 
1 62  LEU n 
1 63  LYS n 
1 64  VAL n 
1 65  PHE n 
1 66  LEU n 
1 67  ASN n 
1 68  TRP n 
1 69  ARG n 
1 70  GLU n 
1 71  LEU n 
1 72  LEU n 
1 73  GLU n 
1 74  GLY n 
1 75  SER n 
1 76  GLY n 
1 77  ARG n 
1 78  TYR n 
1 79  PRO n 
1 80  MET n 
1 81  GLY n 
1 82  VAL n 
1 83  ILE n 
1 84  VAL n 
1 85  SER n 
1 86  PHE n 
1 87  ASN n 
1 88  GLY n 
1 89  ASN n 
1 90  ILE n 
1 91  ASP n 
1 92  TRP n 
1 93  THR n 
1 94  ARG n 
1 95  ALA n 
1 96  ARG n 
1 97  VAL n 
1 98  GLU n 
1 99  ALA n 
1 100 THR n 
1 101 ASN n 
1 102 MET n 
1 103 HIS n 
1 104 GLY n 
1 105 LEU n 
1 106 ASN n 
1 107 ASN n 
1 108 THR n 
1 109 ASP n 
1 110 TRP n 
1 111 ARG n 
1 112 GLU n 
1 113 ALA n 
1 114 ARG n 
1 115 ALA n 
1 116 TRP n 
1 117 GLY n 
1 118 PRO n 
1 119 HIS n 
1 120 VAL n 
1 121 ILE n 
1 122 CYS n 
1 123 GLY n 
1 124 ASN n 
1 125 GLN n 
1 126 LEU n 
1 127 ARG n 
1 128 LYS n 
1 129 ALA n 
1 130 GLY n 
1 131 HIS n 
1 132 LEU n 
1 133 SER n 
1 134 ARG n 
1 135 ALA n 
1 136 VAL n 
1 137 TYR n 
1 138 VAL n 
1 139 PRO n 
1 140 LEU n 
1 141 ASP n 
1 142 GLU n 
1 143 HIS n 
1 144 ASN n 
1 145 THR n 
1 146 VAL n 
1 147 LYS n 
1 148 VAL n 
1 149 LEU n 
1 150 ALA n 
1 151 THR n 
1 152 ALA n 
1 153 ARG n 
1 154 GLN n 
1 155 ASP n 
1 156 GLY n 
1 157 ALA n 
1 158 LEU n 
1 159 ASN n 
1 160 ARG n 
1 161 PHE n 
1 162 ASN n 
1 163 GLY n 
1 164 PRO n 
1 165 GLN n 
1 166 LEU n 
1 167 ALA n 
1 168 GLN n 
1 169 THR n 
1 170 LEU n 
1 171 THR n 
1 172 ASN n 
1 173 ASN n 
1 174 ILE n 
1 175 VAL n 
1 176 CYS n 
1 177 PRO n 
1 178 ASN n 
1 179 VAL n 
1 180 ILE n 
1 181 GLU n 
1 182 PHE n 
1 183 ASN n 
1 184 THR n 
1 185 GLU n 
1 186 SER n 
1 187 ASP n 
1 188 VAL n 
1 189 ILE n 
1 190 ASP n 
1 191 TYR n 
1 192 ALA n 
1 193 LYS n 
1 194 MET n 
1 195 ALA n 
1 196 HIS n 
1 197 ILE n 
1 198 ALA n 
1 199 TYR n 
1 200 ILE n 
1 201 ASP n 
1 202 GLN n 
1 203 ALA n 
1 204 GLY n 
1 205 LEU n 
1 206 ILE n 
1 207 VAL n 
1 208 ALA n 
1 209 SER n 
1 210 SER n 
1 211 ASP n 
1 212 ALA n 
1 213 TYR n 
1 214 ILE n 
1 215 SER n 
1 216 GLY n 
1 217 ASP n 
1 218 SER n 
1 219 GLN n 
1 220 ALA n 
# 
_entity_src_gen.entity_id                          1 
_entity_src_gen.pdbx_src_id                        1 
_entity_src_gen.pdbx_alt_source_flag               sample 
_entity_src_gen.pdbx_seq_type                      ? 
_entity_src_gen.pdbx_beg_seq_num                   ? 
_entity_src_gen.pdbx_end_seq_num                   ? 
_entity_src_gen.gene_src_common_name               ? 
_entity_src_gen.gene_src_genus                     ? 
_entity_src_gen.pdbx_gene_src_gene                 ? 
_entity_src_gen.gene_src_species                   ? 
_entity_src_gen.gene_src_strain                    ? 
_entity_src_gen.gene_src_tissue                    ? 
_entity_src_gen.gene_src_tissue_fraction           ? 
_entity_src_gen.gene_src_details                   ? 
_entity_src_gen.pdbx_gene_src_fragment             ? 
_entity_src_gen.pdbx_gene_src_scientific_name      'ANTHERAEA MYLITTA CYPOVIRUS 4' 
_entity_src_gen.pdbx_gene_src_ncbi_taxonomy_id     180167 
_entity_src_gen.pdbx_gene_src_variant              ? 
_entity_src_gen.pdbx_gene_src_cell_line            ? 
_entity_src_gen.pdbx_gene_src_atcc                 ? 
_entity_src_gen.pdbx_gene_src_organ                ? 
_entity_src_gen.pdbx_gene_src_organelle            ? 
_entity_src_gen.pdbx_gene_src_cell                 ? 
_entity_src_gen.pdbx_gene_src_cellular_location    ? 
_entity_src_gen.host_org_common_name               'FALL ARMYWORM' 
_entity_src_gen.pdbx_host_org_scientific_name      'SPODOPTERA FRUGIPERDA' 
_entity_src_gen.pdbx_host_org_ncbi_taxonomy_id     7108 
_entity_src_gen.host_org_genus                     ? 
_entity_src_gen.pdbx_host_org_gene                 ? 
_entity_src_gen.pdbx_host_org_organ                ? 
_entity_src_gen.host_org_species                   ? 
_entity_src_gen.pdbx_host_org_tissue               ? 
_entity_src_gen.pdbx_host_org_tissue_fraction      ? 
_entity_src_gen.pdbx_host_org_strain               ? 
_entity_src_gen.pdbx_host_org_variant              ? 
_entity_src_gen.pdbx_host_org_cell_line            SF9 
_entity_src_gen.pdbx_host_org_atcc                 ? 
_entity_src_gen.pdbx_host_org_culture_collection   ? 
_entity_src_gen.pdbx_host_org_cell                 ? 
_entity_src_gen.pdbx_host_org_organelle            ? 
_entity_src_gen.pdbx_host_org_cellular_location    ? 
_entity_src_gen.pdbx_host_org_vector_type          BACULOVIRUS 
_entity_src_gen.pdbx_host_org_vector               ? 
_entity_src_gen.host_org_details                   ? 
_entity_src_gen.expression_system_id               ? 
_entity_src_gen.plasmid_name                       ? 
_entity_src_gen.plasmid_details                    ? 
_entity_src_gen.pdbx_description                   ? 
# 
loop_
_chem_comp.id 
_chem_comp.type 
_chem_comp.mon_nstd_flag 
_chem_comp.name 
_chem_comp.pdbx_synonyms 
_chem_comp.formula 
_chem_comp.formula_weight 
ALA 'L-peptide linking' y ALANINE         ? 'C3 H7 N O2'     89.093  
ARG 'L-peptide linking' y ARGININE        ? 'C6 H15 N4 O2 1' 175.209 
ASN 'L-peptide linking' y ASPARAGINE      ? 'C4 H8 N2 O3'    132.118 
ASP 'L-peptide linking' y 'ASPARTIC ACID' ? 'C4 H7 N O4'     133.103 
CYS 'L-peptide linking' y CYSTEINE        ? 'C3 H7 N O2 S'   121.158 
GLN 'L-peptide linking' y GLUTAMINE       ? 'C5 H10 N2 O3'   146.144 
GLU 'L-peptide linking' y 'GLUTAMIC ACID' ? 'C5 H9 N O4'     147.129 
GLY 'peptide linking'   y GLYCINE         ? 'C2 H5 N O2'     75.067  
HIS 'L-peptide linking' y HISTIDINE       ? 'C6 H10 N3 O2 1' 156.162 
HOH non-polymer         . WATER           ? 'H2 O'           18.015  
ILE 'L-peptide linking' y ISOLEUCINE      ? 'C6 H13 N O2'    131.173 
LEU 'L-peptide linking' y LEUCINE         ? 'C6 H13 N O2'    131.173 
LYS 'L-peptide linking' y LYSINE          ? 'C6 H15 N2 O2 1' 147.195 
MET 'L-peptide linking' y METHIONINE      ? 'C5 H11 N O2 S'  149.211 
PHE 'L-peptide linking' y PHENYLALANINE   ? 'C9 H11 N O2'    165.189 
PRO 'L-peptide linking' y PROLINE         ? 'C5 H9 N O2'     115.130 
SER 'L-peptide linking' y SERINE          ? 'C3 H7 N O3'     105.093 
THR 'L-peptide linking' y THREONINE       ? 'C4 H9 N O3'     119.119 
TRP 'L-peptide linking' y TRYPTOPHAN      ? 'C11 H12 N2 O2'  204.225 
TYR 'L-peptide linking' y TYROSINE        ? 'C9 H11 N O3'    181.189 
VAL 'L-peptide linking' y VALINE          ? 'C5 H11 N O2'    117.146 
# 
loop_
_pdbx_poly_seq_scheme.asym_id 
_pdbx_poly_seq_scheme.entity_id 
_pdbx_poly_seq_scheme.seq_id 
_pdbx_poly_seq_scheme.mon_id 
_pdbx_poly_seq_scheme.ndb_seq_num 
_pdbx_poly_seq_scheme.pdb_seq_num 
_pdbx_poly_seq_scheme.auth_seq_num 
_pdbx_poly_seq_scheme.pdb_mon_id 
_pdbx_poly_seq_scheme.auth_mon_id 
_pdbx_poly_seq_scheme.pdb_strand_id 
_pdbx_poly_seq_scheme.pdb_ins_code 
_pdbx_poly_seq_scheme.hetero 
A 1 1   MET 1   1   ?   ?   ?   A . n 
A 1 2   SER 2   2   ?   ?   ?   A . n 
A 1 3   THR 3   3   ?   ?   ?   A . n 
A 1 4   SER 4   4   ?   ?   ?   A . n 
A 1 5   THR 5   5   ?   ?   ?   A . n 
A 1 6   TYR 6   6   ?   ?   ?   A . n 
A 1 7   ALA 7   7   ?   ?   ?   A . n 
A 1 8   LEU 8   8   ?   ?   ?   A . n 
A 1 9   ARG 9   9   ?   ?   ?   A . n 
A 1 10  ALA 10  10  ?   ?   ?   A . n 
A 1 11  GLY 11  11  ?   ?   ?   A . n 
A 1 12  LYS 12  12  ?   ?   ?   A . n 
A 1 13  ARG 13  13  13  ARG ARG A . n 
A 1 14  ASP 14  14  14  ASP ASP A . n 
A 1 15  VAL 15  15  15  VAL VAL A . n 
A 1 16  ARG 16  16  16  ARG ARG A . n 
A 1 17  ARG 17  17  17  ARG ARG A . n 
A 1 18  GLU 18  18  18  GLU GLU A . n 
A 1 19  GLN 19  19  19  GLN GLN A . n 
A 1 20  GLN 20  20  20  GLN GLN A . n 
A 1 21  GLU 21  21  21  GLU GLU A . n 
A 1 22  ILE 22  22  22  ILE ILE A . n 
A 1 23  ILE 23  23  23  ILE ILE A . n 
A 1 24  THR 24  24  24  THR THR A . n 
A 1 25  ARG 25  25  25  ARG ARG A . n 
A 1 26  GLN 26  26  26  GLN GLN A . n 
A 1 27  ILE 27  27  27  ILE ILE A . n 
A 1 28  ASN 28  28  28  ASN ASN A . n 
A 1 29  THR 29  29  29  THR THR A . n 
A 1 30  ALA 30  30  30  ALA ALA A . n 
A 1 31  PRO 31  31  31  PRO PRO A . n 
A 1 32  TYR 32  32  32  TYR TYR A . n 
A 1 33  VAL 33  33  33  VAL VAL A . n 
A 1 34  GLN 34  34  34  GLN GLN A . n 
A 1 35  ASP 35  35  35  ASP ASP A . n 
A 1 36  ALA 36  36  36  ALA ALA A . n 
A 1 37  MET 37  37  37  MET MET A . n 
A 1 38  MET 38  38  38  MET MET A . n 
A 1 39  ARG 39  39  39  ARG ARG A . n 
A 1 40  VAL 40  40  40  VAL VAL A . n 
A 1 41  VAL 41  41  41  VAL VAL A . n 
A 1 42  VAL 42  42  42  VAL VAL A . n 
A 1 43  PHE 43  43  43  PHE PHE A . n 
A 1 44  ALA 44  44  44  ALA ALA A . n 
A 1 45  GLN 45  45  45  GLN GLN A . n 
A 1 46  TYR 46  46  46  TYR TYR A . n 
A 1 47  PRO 47  47  47  PRO PRO A . n 
A 1 48  SER 48  48  48  SER SER A . n 
A 1 49  GLY 49  49  49  GLY GLY A . n 
A 1 50  ARG 50  50  50  ARG ARG A . n 
A 1 51  TYR 51  51  51  TYR TYR A . n 
A 1 52  LYS 52  52  52  LYS LYS A . n 
A 1 53  ALA 53  53  53  ALA ALA A . n 
A 1 54  PHE 54  54  54  PHE PHE A . n 
A 1 55  ASP 55  55  55  ASP ASP A . n 
A 1 56  TYR 56  56  56  TYR TYR A . n 
A 1 57  VAL 57  57  57  VAL VAL A . n 
A 1 58  PHE 58  58  58  PHE PHE A . n 
A 1 59  PRO 59  59  59  PRO PRO A . n 
A 1 60  ASP 60  60  60  ASP ASP A . n 
A 1 61  TYR 61  61  61  TYR TYR A . n 
A 1 62  LEU 62  62  62  LEU LEU A . n 
A 1 63  LYS 63  63  63  LYS LYS A . n 
A 1 64  VAL 64  64  64  VAL VAL A . n 
A 1 65  PHE 65  65  65  PHE PHE A . n 
A 1 66  LEU 66  66  66  LEU LEU A . n 
A 1 67  ASN 67  67  67  ASN ASN A . n 
A 1 68  TRP 68  68  68  TRP TRP A . n 
A 1 69  ARG 69  69  69  ARG ARG A . n 
A 1 70  GLU 70  70  70  GLU GLU A . n 
A 1 71  LEU 71  71  71  LEU LEU A . n 
A 1 72  LEU 72  72  72  LEU LEU A . n 
A 1 73  GLU 73  73  73  GLU GLU A . n 
A 1 74  GLY 74  74  74  GLY GLY A . n 
A 1 75  SER 75  75  75  SER SER A . n 
A 1 76  GLY 76  110 110 GLY GLY A . n 
A 1 77  ARG 77  111 111 ARG ARG A . n 
A 1 78  TYR 78  112 112 TYR TYR A . n 
A 1 79  PRO 79  113 113 PRO PRO A . n 
A 1 80  MET 80  114 114 MET MET A . n 
A 1 81  GLY 81  115 115 GLY GLY A . n 
A 1 82  VAL 82  116 116 VAL VAL A . n 
A 1 83  ILE 83  117 117 ILE ILE A . n 
A 1 84  VAL 84  118 118 VAL VAL A . n 
A 1 85  SER 85  119 119 SER SER A . n 
A 1 86  PHE 86  120 120 PHE PHE A . n 
A 1 87  ASN 87  121 121 ASN ASN A . n 
A 1 88  GLY 88  122 122 GLY GLY A . n 
A 1 89  ASN 89  123 123 ASN ASN A . n 
A 1 90  ILE 90  124 124 ILE ILE A . n 
A 1 91  ASP 91  125 125 ASP ASP A . n 
A 1 92  TRP 92  126 126 TRP TRP A . n 
A 1 93  THR 93  127 127 THR THR A . n 
A 1 94  ARG 94  128 128 ARG ARG A . n 
A 1 95  ALA 95  129 129 ALA ALA A . n 
A 1 96  ARG 96  130 130 ARG ARG A . n 
A 1 97  VAL 97  131 131 VAL VAL A . n 
A 1 98  GLU 98  132 132 GLU GLU A . n 
A 1 99  ALA 99  133 133 ALA ALA A . n 
A 1 100 THR 100 134 134 THR THR A . n 
A 1 101 ASN 101 135 135 ASN ASN A . n 
A 1 102 MET 102 136 136 MET MET A . n 
A 1 103 HIS 103 137 137 HIS HIS A . n 
A 1 104 GLY 104 138 138 GLY GLY A . n 
A 1 105 LEU 105 139 139 LEU LEU A . n 
A 1 106 ASN 106 140 140 ASN ASN A . n 
A 1 107 ASN 107 141 141 ASN ASN A . n 
A 1 108 THR 108 142 142 THR THR A . n 
A 1 109 ASP 109 143 143 ASP ASP A . n 
A 1 110 TRP 110 144 144 TRP TRP A . n 
A 1 111 ARG 111 145 145 ARG ARG A . n 
A 1 112 GLU 112 146 146 GLU GLU A . n 
A 1 113 ALA 113 147 147 ALA ALA A . n 
A 1 114 ARG 114 148 148 ARG ARG A . n 
A 1 115 ALA 115 149 149 ALA ALA A . n 
A 1 116 TRP 116 150 150 TRP TRP A . n 
A 1 117 GLY 117 151 151 GLY GLY A . n 
A 1 118 PRO 118 152 152 PRO PRO A . n 
A 1 119 HIS 119 153 153 HIS HIS A . n 
A 1 120 VAL 120 154 154 VAL VAL A . n 
A 1 121 ILE 121 155 155 ILE ILE A . n 
A 1 122 CYS 122 156 156 CYS CYS A . n 
A 1 123 GLY 123 157 157 GLY GLY A . n 
A 1 124 ASN 124 158 158 ASN ASN A . n 
A 1 125 GLN 125 159 159 GLN GLN A . n 
A 1 126 LEU 126 160 160 LEU LEU A . n 
A 1 127 ARG 127 161 161 ARG ARG A . n 
A 1 128 LYS 128 162 162 LYS LYS A . n 
A 1 129 ALA 129 163 163 ALA ALA A . n 
A 1 130 GLY 130 164 164 GLY GLY A . n 
A 1 131 HIS 131 165 165 HIS HIS A . n 
A 1 132 LEU 132 166 166 LEU LEU A . n 
A 1 133 SER 133 167 167 SER SER A . n 
A 1 134 ARG 134 168 168 ARG ARG A . n 
A 1 135 ALA 135 169 169 ALA ALA A . n 
A 1 136 VAL 136 170 170 VAL VAL A . n 
A 1 137 TYR 137 171 171 TYR TYR A . n 
A 1 138 VAL 138 172 172 VAL VAL A . n 
A 1 139 PRO 139 173 173 PRO PRO A . n 
A 1 140 LEU 140 174 174 LEU LEU A . n 
A 1 141 ASP 141 175 175 ASP ASP A . n 
A 1 142 GLU 142 176 176 GLU GLU A . n 
A 1 143 HIS 143 177 177 HIS HIS A . n 
A 1 144 ASN 144 178 178 ASN ASN A . n 
A 1 145 THR 145 179 179 THR THR A . n 
A 1 146 VAL 146 180 180 VAL VAL A . n 
A 1 147 LYS 147 181 181 LYS LYS A . n 
A 1 148 VAL 148 182 182 VAL VAL A . n 
A 1 149 LEU 149 183 183 LEU LEU A . n 
A 1 150 ALA 150 184 184 ALA ALA A . n 
A 1 151 THR 151 185 185 THR THR A . n 
A 1 152 ALA 152 186 186 ALA ALA A . n 
A 1 153 ARG 153 187 187 ARG ARG A . n 
A 1 154 GLN 154 188 188 GLN GLN A . n 
A 1 155 ASP 155 189 ?   ?   ?   A . n 
A 1 156 GLY 156 190 ?   ?   ?   A . n 
A 1 157 ALA 157 191 ?   ?   ?   A . n 
A 1 158 LEU 158 192 ?   ?   ?   A . n 
A 1 159 ASN 159 193 193 ASN ASN A . n 
A 1 160 ARG 160 194 194 ARG ARG A . n 
A 1 161 PHE 161 195 195 PHE PHE A . n 
A 1 162 ASN 162 196 196 ASN ASN A . n 
A 1 163 GLY 163 197 197 GLY GLY A . n 
A 1 164 PRO 164 198 198 PRO PRO A . n 
A 1 165 GLN 165 199 199 GLN GLN A . n 
A 1 166 LEU 166 200 200 LEU LEU A . n 
A 1 167 ALA 167 201 201 ALA ALA A . n 
A 1 168 GLN 168 202 202 GLN GLN A . n 
A 1 169 THR 169 203 203 THR THR A . n 
A 1 170 LEU 170 204 204 LEU LEU A . n 
A 1 171 THR 171 205 205 THR THR A . n 
A 1 172 ASN 172 206 206 ASN ASN A . n 
A 1 173 ASN 173 207 207 ASN ASN A . n 
A 1 174 ILE 174 208 208 ILE ILE A . n 
A 1 175 VAL 175 209 209 VAL VAL A . n 
A 1 176 CYS 176 210 210 CYS CYS A . n 
A 1 177 PRO 177 211 211 PRO PRO A . n 
A 1 178 ASN 178 212 212 ASN ASN A . n 
A 1 179 VAL 179 213 213 VAL VAL A . n 
A 1 180 ILE 180 214 214 ILE ILE A . n 
A 1 181 GLU 181 215 215 GLU GLU A . n 
A 1 182 PHE 182 216 216 PHE PHE A . n 
A 1 183 ASN 183 217 217 ASN ASN A . n 
A 1 184 THR 184 218 218 THR THR A . n 
A 1 185 GLU 185 219 219 GLU GLU A . n 
A 1 186 SER 186 220 220 SER SER A . n 
A 1 187 ASP 187 221 221 ASP ASP A . n 
A 1 188 VAL 188 222 222 VAL VAL A . n 
A 1 189 ILE 189 223 223 ILE ILE A . n 
A 1 190 ASP 190 224 224 ASP ASP A . n 
A 1 191 TYR 191 225 225 TYR TYR A . n 
A 1 192 ALA 192 226 226 ALA ALA A . n 
A 1 193 LYS 193 227 227 LYS LYS A . n 
A 1 194 MET 194 228 228 MET MET A . n 
A 1 195 ALA 195 229 229 ALA ALA A . n 
A 1 196 HIS 196 230 230 HIS HIS A . n 
A 1 197 ILE 197 231 231 ILE ILE A . n 
A 1 198 ALA 198 232 232 ALA ALA A . n 
A 1 199 TYR 199 233 233 TYR TYR A . n 
A 1 200 ILE 200 234 234 ILE ILE A . n 
A 1 201 ASP 201 235 235 ASP ASP A . n 
A 1 202 GLN 202 236 236 GLN GLN A . n 
A 1 203 ALA 203 237 237 ALA ALA A . n 
A 1 204 GLY 204 238 238 GLY GLY A . n 
A 1 205 LEU 205 239 239 LEU LEU A . n 
A 1 206 ILE 206 240 240 ILE ILE A . n 
A 1 207 VAL 207 241 241 VAL VAL A . n 
A 1 208 ALA 208 242 242 ALA ALA A . n 
A 1 209 SER 209 243 243 SER SER A . n 
A 1 210 SER 210 244 244 SER SER A . n 
A 1 211 ASP 211 245 245 ASP ASP A . n 
A 1 212 ALA 212 246 246 ALA ALA A . n 
A 1 213 TYR 213 247 247 TYR TYR A . n 
A 1 214 ILE 214 248 248 ILE ILE A . n 
A 1 215 SER 215 249 249 SER SER A . n 
A 1 216 GLY 216 250 250 GLY GLY A . n 
A 1 217 ASP 217 251 251 ASP ASP A . n 
A 1 218 SER 218 252 252 SER SER A . n 
A 1 219 GLN 219 253 253 GLN GLN A . n 
A 1 220 ALA 220 254 ?   ?   ?   A . n 
# 
loop_
_pdbx_nonpoly_scheme.asym_id 
_pdbx_nonpoly_scheme.entity_id 
_pdbx_nonpoly_scheme.mon_id 
_pdbx_nonpoly_scheme.ndb_seq_num 
_pdbx_nonpoly_scheme.pdb_seq_num 
_pdbx_nonpoly_scheme.auth_seq_num 
_pdbx_nonpoly_scheme.pdb_mon_id 
_pdbx_nonpoly_scheme.auth_mon_id 
_pdbx_nonpoly_scheme.pdb_strand_id 
_pdbx_nonpoly_scheme.pdb_ins_code 
B 2 HOH 1   2001 2001 HOH HOH A . 
B 2 HOH 2   2002 2002 HOH HOH A . 
B 2 HOH 3   2003 2003 HOH HOH A . 
B 2 HOH 4   2004 2004 HOH HOH A . 
B 2 HOH 5   2005 2005 HOH HOH A . 
B 2 HOH 6   2006 2006 HOH HOH A . 
B 2 HOH 7   2007 2007 HOH HOH A . 
B 2 HOH 8   2008 2008 HOH HOH A . 
B 2 HOH 9   2009 2009 HOH HOH A . 
B 2 HOH 10  2010 2010 HOH HOH A . 
B 2 HOH 11  2011 2011 HOH HOH A . 
B 2 HOH 12  2012 2012 HOH HOH A . 
B 2 HOH 13  2013 2013 HOH HOH A . 
B 2 HOH 14  2014 2014 HOH HOH A . 
B 2 HOH 15  2015 2015 HOH HOH A . 
B 2 HOH 16  2016 2016 HOH HOH A . 
B 2 HOH 17  2017 2017 HOH HOH A . 
B 2 HOH 18  2018 2018 HOH HOH A . 
B 2 HOH 19  2019 2019 HOH HOH A . 
B 2 HOH 20  2020 2020 HOH HOH A . 
B 2 HOH 21  2021 2021 HOH HOH A . 
B 2 HOH 22  2022 2022 HOH HOH A . 
B 2 HOH 23  2023 2023 HOH HOH A . 
B 2 HOH 24  2024 2024 HOH HOH A . 
B 2 HOH 25  2025 2025 HOH HOH A . 
B 2 HOH 26  2026 2026 HOH HOH A . 
B 2 HOH 27  2027 2027 HOH HOH A . 
B 2 HOH 28  2028 2028 HOH HOH A . 
B 2 HOH 29  2029 2029 HOH HOH A . 
B 2 HOH 30  2030 2030 HOH HOH A . 
B 2 HOH 31  2031 2031 HOH HOH A . 
B 2 HOH 32  2032 2032 HOH HOH A . 
B 2 HOH 33  2033 2033 HOH HOH A . 
B 2 HOH 34  2034 2034 HOH HOH A . 
B 2 HOH 35  2035 2035 HOH HOH A . 
B 2 HOH 36  2036 2036 HOH HOH A . 
B 2 HOH 37  2037 2037 HOH HOH A . 
B 2 HOH 38  2038 2038 HOH HOH A . 
B 2 HOH 39  2039 2039 HOH HOH A . 
B 2 HOH 40  2040 2040 HOH HOH A . 
B 2 HOH 41  2041 2041 HOH HOH A . 
B 2 HOH 42  2042 2042 HOH HOH A . 
B 2 HOH 43  2043 2043 HOH HOH A . 
B 2 HOH 44  2044 2044 HOH HOH A . 
B 2 HOH 45  2045 2045 HOH HOH A . 
B 2 HOH 46  2046 2046 HOH HOH A . 
B 2 HOH 47  2047 2047 HOH HOH A . 
B 2 HOH 48  2048 2048 HOH HOH A . 
B 2 HOH 49  2049 2049 HOH HOH A . 
B 2 HOH 50  2050 2050 HOH HOH A . 
B 2 HOH 51  2051 2051 HOH HOH A . 
B 2 HOH 52  2052 2052 HOH HOH A . 
B 2 HOH 53  2053 2053 HOH HOH A . 
B 2 HOH 54  2054 2054 HOH HOH A . 
B 2 HOH 55  2055 2055 HOH HOH A . 
B 2 HOH 56  2056 2056 HOH HOH A . 
B 2 HOH 57  2057 2057 HOH HOH A . 
B 2 HOH 58  2058 2058 HOH HOH A . 
B 2 HOH 59  2059 2059 HOH HOH A . 
B 2 HOH 60  2060 2060 HOH HOH A . 
B 2 HOH 61  2061 2061 HOH HOH A . 
B 2 HOH 62  2062 2062 HOH HOH A . 
B 2 HOH 63  2063 2063 HOH HOH A . 
B 2 HOH 64  2064 2064 HOH HOH A . 
B 2 HOH 65  2065 2065 HOH HOH A . 
B 2 HOH 66  2066 2066 HOH HOH A . 
B 2 HOH 67  2067 2067 HOH HOH A . 
B 2 HOH 68  2068 2068 HOH HOH A . 
B 2 HOH 69  2069 2069 HOH HOH A . 
B 2 HOH 70  2070 2070 HOH HOH A . 
B 2 HOH 71  2071 2071 HOH HOH A . 
B 2 HOH 72  2072 2072 HOH HOH A . 
B 2 HOH 73  2073 2073 HOH HOH A . 
B 2 HOH 74  2074 2074 HOH HOH A . 
B 2 HOH 75  2075 2075 HOH HOH A . 
B 2 HOH 76  2076 2076 HOH HOH A . 
B 2 HOH 77  2077 2077 HOH HOH A . 
B 2 HOH 78  2078 2078 HOH HOH A . 
B 2 HOH 79  2079 2079 HOH HOH A . 
B 2 HOH 80  2080 2080 HOH HOH A . 
B 2 HOH 81  2081 2081 HOH HOH A . 
B 2 HOH 82  2082 2082 HOH HOH A . 
B 2 HOH 83  2083 2083 HOH HOH A . 
B 2 HOH 84  2084 2084 HOH HOH A . 
B 2 HOH 85  2085 2085 HOH HOH A . 
B 2 HOH 86  2086 2086 HOH HOH A . 
B 2 HOH 87  2087 2087 HOH HOH A . 
B 2 HOH 88  2088 2088 HOH HOH A . 
B 2 HOH 89  2089 2089 HOH HOH A . 
B 2 HOH 90  2090 2090 HOH HOH A . 
B 2 HOH 91  2091 2091 HOH HOH A . 
B 2 HOH 92  2092 2092 HOH HOH A . 
B 2 HOH 93  2093 2093 HOH HOH A . 
B 2 HOH 94  2094 2094 HOH HOH A . 
B 2 HOH 95  2095 2095 HOH HOH A . 
B 2 HOH 96  2096 2096 HOH HOH A . 
B 2 HOH 97  2097 2097 HOH HOH A . 
B 2 HOH 98  2098 2098 HOH HOH A . 
B 2 HOH 99  2099 2099 HOH HOH A . 
B 2 HOH 100 2100 2100 HOH HOH A . 
B 2 HOH 101 2101 2101 HOH HOH A . 
B 2 HOH 102 2102 2102 HOH HOH A . 
B 2 HOH 103 2103 2103 HOH HOH A . 
B 2 HOH 104 2104 2104 HOH HOH A . 
B 2 HOH 105 2105 2105 HOH HOH A . 
B 2 HOH 106 2106 2106 HOH HOH A . 
B 2 HOH 107 2107 2107 HOH HOH A . 
B 2 HOH 108 2108 2108 HOH HOH A . 
B 2 HOH 109 2109 2109 HOH HOH A . 
B 2 HOH 110 2110 2110 HOH HOH A . 
B 2 HOH 111 2111 2111 HOH HOH A . 
B 2 HOH 112 2112 2112 HOH HOH A . 
B 2 HOH 113 2113 2113 HOH HOH A . 
B 2 HOH 114 2114 2114 HOH HOH A . 
B 2 HOH 115 2115 2115 HOH HOH A . 
B 2 HOH 116 2116 2116 HOH HOH A . 
B 2 HOH 117 2117 2117 HOH HOH A . 
B 2 HOH 118 2118 2118 HOH HOH A . 
B 2 HOH 119 2119 2119 HOH HOH A . 
B 2 HOH 120 2120 2120 HOH HOH A . 
B 2 HOH 121 2121 2121 HOH HOH A . 
B 2 HOH 122 2122 2122 HOH HOH A . 
B 2 HOH 123 2123 2123 HOH HOH A . 
B 2 HOH 124 2124 2124 HOH HOH A . 
B 2 HOH 125 2125 2125 HOH HOH A . 
B 2 HOH 126 2126 2126 HOH HOH A . 
B 2 HOH 127 2127 2127 HOH HOH A . 
B 2 HOH 128 2128 2128 HOH HOH A . 
B 2 HOH 129 2129 2129 HOH HOH A . 
B 2 HOH 130 2130 2130 HOH HOH A . 
B 2 HOH 131 2131 2131 HOH HOH A . 
B 2 HOH 132 2132 2132 HOH HOH A . 
B 2 HOH 133 2133 2133 HOH HOH A . 
B 2 HOH 134 2134 2134 HOH HOH A . 
B 2 HOH 135 2135 2135 HOH HOH A . 
B 2 HOH 136 2136 2136 HOH HOH A . 
# 
loop_
_software.name 
_software.classification 
_software.version 
_software.citation_id 
_software.pdbx_ordinal 
PHENIX refinement       '(PHENIX.REFINE)' ? 1 
xia2   'data reduction' .                 ? 2 
xia2   'data scaling'   .                 ? 3 
PHASER phasing          .                 ? 4 
# 
_cell.entry_id           5A9C 
_cell.length_a           104.330 
_cell.length_b           104.330 
_cell.length_c           104.330 
_cell.angle_alpha        90.00 
_cell.angle_beta         90.00 
_cell.angle_gamma        90.00 
_cell.Z_PDB              24 
_cell.pdbx_unique_axis   ? 
# 
_symmetry.entry_id                         5A9C 
_symmetry.space_group_name_H-M             'I 2 3' 
_symmetry.pdbx_full_space_group_name_H-M   ? 
_symmetry.cell_setting                     ? 
_symmetry.Int_Tables_number                197 
# 
_exptl.entry_id          5A9C 
_exptl.method            'X-RAY DIFFRACTION' 
_exptl.crystals_number   21 
# 
_exptl_crystal.id                    1 
_exptl_crystal.density_meas          ? 
_exptl_crystal.density_Matthews      1.9 
_exptl_crystal.density_percent_sol   35.7 
_exptl_crystal.description           NONE 
# 
_exptl_crystal_grow.crystal_id      1 
_exptl_crystal_grow.method          ? 
_exptl_crystal_grow.temp            ? 
_exptl_crystal_grow.temp_details    ? 
_exptl_crystal_grow.pH              7.5 
_exptl_crystal_grow.pdbx_pH_range   ? 
_exptl_crystal_grow.pdbx_details    'pH 7.5' 
# 
_diffrn.id                     1 
_diffrn.ambient_temp           100 
_diffrn.ambient_temp_details   ? 
_diffrn.crystal_id             1 
# 
_diffrn_detector.diffrn_id              1 
_diffrn_detector.detector               PIXEL 
_diffrn_detector.type                   'DECTRIS PILATUS 6M' 
_diffrn_detector.pdbx_collection_date   ? 
_diffrn_detector.details                ? 
# 
_diffrn_radiation.diffrn_id                        1 
_diffrn_radiation.wavelength_id                    1 
_diffrn_radiation.pdbx_monochromatic_or_laue_m_l   M 
_diffrn_radiation.monochromator                    ? 
_diffrn_radiation.pdbx_diffrn_protocol             'SINGLE WAVELENGTH' 
_diffrn_radiation.pdbx_scattering_type             x-ray 
# 
_diffrn_radiation_wavelength.id           1 
_diffrn_radiation_wavelength.wavelength   0.979 
_diffrn_radiation_wavelength.wt           1.0 
# 
_diffrn_source.diffrn_id                   1 
_diffrn_source.source                      SYNCHROTRON 
_diffrn_source.type                        'DIAMOND BEAMLINE I24' 
_diffrn_source.pdbx_synchrotron_site       Diamond 
_diffrn_source.pdbx_synchrotron_beamline   I24 
_diffrn_source.pdbx_wavelength             0.979 
_diffrn_source.pdbx_wavelength_list        ? 
# 
_reflns.pdbx_diffrn_id               1 
_reflns.pdbx_ordinal                 1 
_reflns.entry_id                     5A9C 
_reflns.observed_criterion_sigma_I   1.0 
_reflns.observed_criterion_sigma_F   ? 
_reflns.d_resolution_low             33.00 
_reflns.d_resolution_high            1.71 
_reflns.number_obs                   19985 
_reflns.number_all                   ? 
_reflns.percent_possible_obs         97.3 
_reflns.pdbx_Rmerge_I_obs            0.19 
_reflns.pdbx_Rsym_value              ? 
_reflns.pdbx_netI_over_sigmaI        5.00 
_reflns.B_iso_Wilson_estimate        15.8 
_reflns.pdbx_redundancy              4.4 
# 
_reflns_shell.pdbx_diffrn_id         1 
_reflns_shell.pdbx_ordinal           1 
_reflns_shell.d_res_high             1.71 
_reflns_shell.d_res_low              1.75 
_reflns_shell.percent_possible_all   88.9 
_reflns_shell.Rmerge_I_obs           ? 
_reflns_shell.pdbx_Rsym_value        ? 
_reflns_shell.meanI_over_sigI_obs    0.60 
_reflns_shell.pdbx_redundancy        2.7 
# 
_refine.pdbx_refine_id                           'X-RAY DIFFRACTION' 
_refine.entry_id                                 5A9C 
_refine.pdbx_diffrn_id                           1 
_refine.pdbx_TLS_residual_ADP_flag               ? 
_refine.ls_number_reflns_obs                     19908 
_refine.ls_number_reflns_all                     ? 
_refine.pdbx_ls_sigma_I                          ? 
_refine.pdbx_ls_sigma_F                          1.34 
_refine.pdbx_data_cutoff_high_absF               ? 
_refine.pdbx_data_cutoff_low_absF                ? 
_refine.pdbx_data_cutoff_high_rms_absF           ? 
_refine.ls_d_res_low                             27.883 
_refine.ls_d_res_high                            1.710 
_refine.ls_percent_reflns_obs                    96.76 
_refine.ls_R_factor_obs                          0.1869 
_refine.ls_R_factor_all                          ? 
_refine.ls_R_factor_R_work                       0.1853 
_refine.ls_R_factor_R_free                       0.2158 
_refine.ls_R_factor_R_free_error                 ? 
_refine.ls_R_factor_R_free_error_details         ? 
_refine.ls_percent_reflns_R_free                 5.1 
_refine.ls_number_reflns_R_free                  1018 
_refine.ls_number_parameters                     ? 
_refine.ls_number_restraints                     ? 
_refine.occupancy_min                            ? 
_refine.occupancy_max                            ? 
_refine.correlation_coeff_Fo_to_Fc               ? 
_refine.correlation_coeff_Fo_to_Fc_free          ? 
_refine.B_iso_mean                               27.6 
_refine.aniso_B[1][1]                            0.0000 
_refine.aniso_B[2][2]                            0.0000 
_refine.aniso_B[3][3]                            0.0000 
_refine.aniso_B[1][2]                            0.0000 
_refine.aniso_B[1][3]                            0.0000 
_refine.aniso_B[2][3]                            0.0000 
_refine.solvent_model_details                    'FLAT BULK SOLVENT MODEL' 
_refine.solvent_model_param_ksol                 0.401 
_refine.solvent_model_param_bsol                 53.265 
_refine.pdbx_solvent_vdw_probe_radii             1.11 
_refine.pdbx_solvent_ion_probe_radii             ? 
_refine.pdbx_solvent_shrinkage_radii             0.90 
_refine.pdbx_ls_cross_valid_method               ? 
_refine.details                                  'RESIDUES 1-12, 189-192 ARE DISORDERED.' 
_refine.pdbx_starting_model                      'CPV4 POLYHEDRA TYPE 2 STRUCTURE' 
_refine.pdbx_method_to_determine_struct          'MOLECULAR REPLACEMENT' 
_refine.pdbx_isotropic_thermal_model             ? 
_refine.pdbx_stereochemistry_target_values       ML 
_refine.pdbx_stereochem_target_val_spec_case     ? 
_refine.pdbx_R_Free_selection_details            ? 
_refine.pdbx_overall_ESU_R                       ? 
_refine.pdbx_overall_ESU_R_Free                  ? 
_refine.overall_SU_ML                            0.46 
_refine.pdbx_overall_phase_error                 21.70 
_refine.overall_SU_B                             ? 
_refine.overall_SU_R_Cruickshank_DPI             ? 
_refine.pdbx_overall_SU_R_free_Cruickshank_DPI   ? 
_refine.pdbx_overall_SU_R_Blow_DPI               ? 
_refine.pdbx_overall_SU_R_free_Blow_DPI          ? 
# 
_refine_hist.pdbx_refine_id                   'X-RAY DIFFRACTION' 
_refine_hist.cycle_id                         LAST 
_refine_hist.pdbx_number_atoms_protein        1628 
_refine_hist.pdbx_number_atoms_nucleic_acid   0 
_refine_hist.pdbx_number_atoms_ligand         0 
_refine_hist.number_atoms_solvent             136 
_refine_hist.number_atoms_total               1764 
_refine_hist.d_res_high                       1.710 
_refine_hist.d_res_low                        27.883 
# 
loop_
_refine_ls_restr.type 
_refine_ls_restr.dev_ideal 
_refine_ls_restr.dev_ideal_target 
_refine_ls_restr.weight 
_refine_ls_restr.number 
_refine_ls_restr.pdbx_refine_id 
_refine_ls_restr.pdbx_restraint_function 
f_bond_d           0.003  ? ? 1664 'X-RAY DIFFRACTION' ? 
f_angle_d          0.735  ? ? 2261 'X-RAY DIFFRACTION' ? 
f_dihedral_angle_d 12.038 ? ? 606  'X-RAY DIFFRACTION' ? 
f_chiral_restr     0.055  ? ? 245  'X-RAY DIFFRACTION' ? 
f_plane_restr      0.004  ? ? 298  'X-RAY DIFFRACTION' ? 
# 
loop_
_refine_ls_shell.pdbx_refine_id 
_refine_ls_shell.pdbx_total_number_of_bins_used 
_refine_ls_shell.d_res_high 
_refine_ls_shell.d_res_low 
_refine_ls_shell.number_reflns_R_work 
_refine_ls_shell.R_factor_R_work 
_refine_ls_shell.percent_reflns_obs 
_refine_ls_shell.R_factor_R_free 
_refine_ls_shell.R_factor_R_free_error 
_refine_ls_shell.percent_reflns_R_free 
_refine_ls_shell.number_reflns_R_free 
_refine_ls_shell.number_reflns_all 
_refine_ls_shell.R_factor_all 
'X-RAY DIFFRACTION' . 1.7096 1.7998  2467 0.3384 89.00 0.3614 . . 144 . . 
'X-RAY DIFFRACTION' . 1.7998 1.9125  2650 0.2791 96.00 0.3242 . . 139 . . 
'X-RAY DIFFRACTION' . 1.9125 2.0601  2734 0.2157 99.00 0.2509 . . 137 . . 
'X-RAY DIFFRACTION' . 2.0601 2.2674  2729 0.1854 98.00 0.2258 . . 149 . . 
'X-RAY DIFFRACTION' . 2.2674 2.5952  2729 0.1761 98.00 0.2255 . . 147 . . 
'X-RAY DIFFRACTION' . 2.5952 3.2689  2762 0.1558 99.00 0.1857 . . 156 . . 
'X-RAY DIFFRACTION' . 3.2689 27.8871 2819 0.1684 97.00 0.1869 . . 146 . . 
# 
_struct.entry_id                  5A9C 
_struct.title                     'Crystal structure of Antheraea mylitta CPV4 polyhedra base domain deleted mutant' 
_struct.pdbx_model_details        ? 
_struct.pdbx_CASP_flag            ? 
_struct.pdbx_model_type_details   ? 
# 
_struct_keywords.entry_id        5A9C 
_struct_keywords.pdbx_keywords   'VIRAL PROTEIN' 
_struct_keywords.text            'VIRAL PROTEIN, INSECT VIRUS OCCLUSION BODY, MICROCRYSTAL' 
# 
loop_
_struct_asym.id 
_struct_asym.pdbx_blank_PDB_chainid_flag 
_struct_asym.pdbx_modified 
_struct_asym.entity_id 
_struct_asym.details 
A N N 1 ? 
B N N 2 ? 
# 
_struct_ref.id                         1 
_struct_ref.db_name                    UNP 
_struct_ref.db_code                    Q67G23_9REOV 
_struct_ref.entity_id                  1 
_struct_ref.pdbx_seq_one_letter_code   ? 
_struct_ref.pdbx_align_begin           ? 
_struct_ref.pdbx_db_accession          Q67G23 
_struct_ref.pdbx_db_isoform            ? 
# 
_struct_ref_seq.align_id                      1 
_struct_ref_seq.ref_id                        1 
_struct_ref_seq.pdbx_PDB_id_code              5A9C 
_struct_ref_seq.pdbx_strand_id                A 
_struct_ref_seq.seq_align_beg                 1 
_struct_ref_seq.pdbx_seq_align_beg_ins_code   ? 
_struct_ref_seq.seq_align_end                 220 
_struct_ref_seq.pdbx_seq_align_end_ins_code   ? 
_struct_ref_seq.pdbx_db_accession             Q67G23 
_struct_ref_seq.db_align_beg                  1 
_struct_ref_seq.pdbx_db_align_beg_ins_code    ? 
_struct_ref_seq.db_align_end                  254 
_struct_ref_seq.pdbx_db_align_end_ins_code    ? 
_struct_ref_seq.pdbx_auth_seq_align_beg       1 
_struct_ref_seq.pdbx_auth_seq_align_end       254 
# 
loop_
_struct_ref_seq_dif.align_id 
_struct_ref_seq_dif.pdbx_pdb_id_code 
_struct_ref_seq_dif.mon_id 
_struct_ref_seq_dif.pdbx_pdb_strand_id 
_struct_ref_seq_dif.seq_num 
_struct_ref_seq_dif.pdbx_pdb_ins_code 
_struct_ref_seq_dif.pdbx_seq_db_name 
_struct_ref_seq_dif.pdbx_seq_db_accession_code 
_struct_ref_seq_dif.db_mon_id 
_struct_ref_seq_dif.pdbx_seq_db_seq_num 
_struct_ref_seq_dif.details 
_struct_ref_seq_dif.pdbx_auth_seq_num 
_struct_ref_seq_dif.pdbx_ordinal 
1 5A9C ?   A ?  ? UNP Q67G23 ASP 74  deletion  ?   1  
1 5A9C ?   A ?  ? UNP Q67G23 THR 75  deletion  ?   2  
1 5A9C ?   A ?  ? UNP Q67G23 THR 76  deletion  ?   3  
1 5A9C ?   A ?  ? UNP Q67G23 THR 77  deletion  ?   4  
1 5A9C ?   A ?  ? UNP Q67G23 ASP 78  deletion  ?   5  
1 5A9C ?   A ?  ? UNP Q67G23 TYR 79  deletion  ?   6  
1 5A9C ?   A ?  ? UNP Q67G23 ASP 80  deletion  ?   7  
1 5A9C ?   A ?  ? UNP Q67G23 PRO 81  deletion  ?   8  
1 5A9C ?   A ?  ? UNP Q67G23 ARG 82  deletion  ?   9  
1 5A9C ?   A ?  ? UNP Q67G23 THR 83  deletion  ?   10 
1 5A9C ?   A ?  ? UNP Q67G23 ASN 84  deletion  ?   11 
1 5A9C ?   A ?  ? UNP Q67G23 THR 85  deletion  ?   12 
1 5A9C ?   A ?  ? UNP Q67G23 HIS 86  deletion  ?   13 
1 5A9C ?   A ?  ? UNP Q67G23 ARG 87  deletion  ?   14 
1 5A9C ?   A ?  ? UNP Q67G23 LEU 88  deletion  ?   15 
1 5A9C ?   A ?  ? UNP Q67G23 MET 89  deletion  ?   16 
1 5A9C ?   A ?  ? UNP Q67G23 GLY 90  deletion  ?   17 
1 5A9C ?   A ?  ? UNP Q67G23 GLN 91  deletion  ?   18 
1 5A9C ?   A ?  ? UNP Q67G23 GLY 92  deletion  ?   19 
1 5A9C ?   A ?  ? UNP Q67G23 TYR 93  deletion  ?   20 
1 5A9C ?   A ?  ? UNP Q67G23 ARG 94  deletion  ?   21 
1 5A9C ?   A ?  ? UNP Q67G23 GLN 95  deletion  ?   22 
1 5A9C ?   A ?  ? UNP Q67G23 LEU 96  deletion  ?   23 
1 5A9C ?   A ?  ? UNP Q67G23 ILE 97  deletion  ?   24 
1 5A9C ?   A ?  ? UNP Q67G23 HIS 98  deletion  ?   25 
1 5A9C ?   A ?  ? UNP Q67G23 PRO 99  deletion  ?   26 
1 5A9C ?   A ?  ? UNP Q67G23 ASN 100 deletion  ?   27 
1 5A9C ?   A ?  ? UNP Q67G23 HIS 101 deletion  ?   28 
1 5A9C ?   A ?  ? UNP Q67G23 GLY 102 deletion  ?   29 
1 5A9C ?   A ?  ? UNP Q67G23 SER 103 deletion  ?   30 
1 5A9C ?   A ?  ? UNP Q67G23 GLY 104 deletion  ?   31 
1 5A9C ?   A ?  ? UNP Q67G23 GLU 105 deletion  ?   32 
1 5A9C ?   A ?  ? UNP Q67G23 GLU 106 deletion  ?   33 
1 5A9C ?   A ?  ? UNP Q67G23 PRO 107 deletion  ?   34 
1 5A9C ?   A ?  ? UNP Q67G23 TYR 108 deletion  ?   35 
1 5A9C ?   A ?  ? UNP Q67G23 ASP 109 deletion  ?   36 
1 5A9C ?   A ?  ? UNP Q67G23 THR 110 deletion  ?   37 
1 5A9C GLY A 74 ? UNP Q67G23 ?   ?   insertion 74  38 
1 5A9C SER A 75 ? UNP Q67G23 ?   ?   insertion 75  39 
1 5A9C GLY A 76 ? UNP Q67G23 ?   ?   insertion 110 40 
# 
_pdbx_struct_assembly.id                   1 
_pdbx_struct_assembly.details              author_and_software_defined_assembly 
_pdbx_struct_assembly.method_details       PISA 
_pdbx_struct_assembly.oligomeric_details   trimeric 
_pdbx_struct_assembly.oligomeric_count     3 
# 
loop_
_pdbx_struct_assembly_prop.biol_id 
_pdbx_struct_assembly_prop.type 
_pdbx_struct_assembly_prop.value 
_pdbx_struct_assembly_prop.details 
1 'ABSA (A^2)' 7360  ? 
1 MORE         -37.9 ? 
1 'SSA (A^2)'  28020 ? 
# 
_pdbx_struct_assembly_gen.assembly_id       1 
_pdbx_struct_assembly_gen.oper_expression   1,2,3 
_pdbx_struct_assembly_gen.asym_id_list      A,B 
# 
loop_
_pdbx_struct_oper_list.id 
_pdbx_struct_oper_list.type 
_pdbx_struct_oper_list.name 
_pdbx_struct_oper_list.symmetry_operation 
_pdbx_struct_oper_list.matrix[1][1] 
_pdbx_struct_oper_list.matrix[1][2] 
_pdbx_struct_oper_list.matrix[1][3] 
_pdbx_struct_oper_list.vector[1] 
_pdbx_struct_oper_list.matrix[2][1] 
_pdbx_struct_oper_list.matrix[2][2] 
_pdbx_struct_oper_list.matrix[2][3] 
_pdbx_struct_oper_list.vector[2] 
_pdbx_struct_oper_list.matrix[3][1] 
_pdbx_struct_oper_list.matrix[3][2] 
_pdbx_struct_oper_list.matrix[3][3] 
_pdbx_struct_oper_list.vector[3] 
1 'identity operation'         1_555 x,y,z 1.0000000000  0.0000000000  0.0000000000  0.0000000000  0.0000000000  1.0000000000 0.0000000000 0.0000000000  0.0000000000  0.0000000000 1.0000000000  0.0000000000   
2 'crystal symmetry operation' 9_555 y,z,x -0.4375894121 -0.1113511153 0.8922535713  26.2809870530 0.6471421849  0.6499333688 0.3984891574 2.8419318448  -0.6242775816 0.7517895618 -0.2123439567 -17.9236408894 
3 'crystal symmetry operation' 5_555 z,x,y -0.4375894121 0.6471421849  -0.6242775816 -1.5281794966 -0.1113511153 0.6499333688 0.7517895618 14.5541570118 0.8922535713  0.3984891574 -0.2123439567 -28.3877604070 
# 
_struct_biol.id   1 
# 
loop_
_struct_conf.conf_type_id 
_struct_conf.id 
_struct_conf.pdbx_PDB_helix_id 
_struct_conf.beg_label_comp_id 
_struct_conf.beg_label_asym_id 
_struct_conf.beg_label_seq_id 
_struct_conf.pdbx_beg_PDB_ins_code 
_struct_conf.end_label_comp_id 
_struct_conf.end_label_asym_id 
_struct_conf.end_label_seq_id 
_struct_conf.pdbx_end_PDB_ins_code 
_struct_conf.beg_auth_comp_id 
_struct_conf.beg_auth_asym_id 
_struct_conf.beg_auth_seq_id 
_struct_conf.end_auth_comp_id 
_struct_conf.end_auth_asym_id 
_struct_conf.end_auth_seq_id 
_struct_conf.pdbx_PDB_helix_class 
_struct_conf.details 
_struct_conf.pdbx_PDB_helix_length 
HELX_P HELX_P1 1 ASP A 14  ? ALA A 30  ? ASP A 14  ALA A 30  1 ? 17 
HELX_P HELX_P2 2 PRO A 31  ? VAL A 33  ? PRO A 31  VAL A 33  5 ? 3  
HELX_P HELX_P3 3 ASP A 109 ? ALA A 113 ? ASP A 143 ALA A 147 5 ? 5  
HELX_P HELX_P4 4 CYS A 122 ? LEU A 126 ? CYS A 156 LEU A 160 5 ? 5  
HELX_P HELX_P5 5 PRO A 164 ? ASN A 173 ? PRO A 198 ASN A 207 1 ? 10 
HELX_P HELX_P6 6 THR A 184 ? HIS A 196 ? THR A 218 HIS A 230 1 ? 13 
# 
_struct_conf_type.id          HELX_P 
_struct_conf_type.criteria    ? 
_struct_conf_type.reference   ? 
# 
loop_
_struct_sheet.id 
_struct_sheet.type 
_struct_sheet.number_strands 
_struct_sheet.details 
AA ? 6 ? 
AB ? 3 ? 
AC ? 2 ? 
# 
loop_
_struct_sheet_order.sheet_id 
_struct_sheet_order.range_id_1 
_struct_sheet_order.range_id_2 
_struct_sheet_order.offset 
_struct_sheet_order.sense 
AA 1 2 ? anti-parallel 
AA 2 3 ? anti-parallel 
AA 3 4 ? anti-parallel 
AA 4 5 ? anti-parallel 
AA 5 6 ? anti-parallel 
AB 1 2 ? anti-parallel 
AB 2 3 ? anti-parallel 
AC 1 2 ? anti-parallel 
# 
loop_
_struct_sheet_range.sheet_id 
_struct_sheet_range.id 
_struct_sheet_range.beg_label_comp_id 
_struct_sheet_range.beg_label_asym_id 
_struct_sheet_range.beg_label_seq_id 
_struct_sheet_range.pdbx_beg_PDB_ins_code 
_struct_sheet_range.end_label_comp_id 
_struct_sheet_range.end_label_asym_id 
_struct_sheet_range.end_label_seq_id 
_struct_sheet_range.pdbx_end_PDB_ins_code 
_struct_sheet_range.beg_auth_comp_id 
_struct_sheet_range.beg_auth_asym_id 
_struct_sheet_range.beg_auth_seq_id 
_struct_sheet_range.end_auth_comp_id 
_struct_sheet_range.end_auth_asym_id 
_struct_sheet_range.end_auth_seq_id 
AA 1 ARG A 127 ? LYS A 128 ? ARG A 161 LYS A 162 
AA 2 SER A 133 ? PRO A 139 ? SER A 167 PRO A 173 
AA 3 GLY A 81  ? ASN A 87  ? GLY A 115 ASN A 121 
AA 4 MET A 38  ? GLN A 45  ? MET A 38  GLN A 45  
AA 5 TYR A 51  ? PHE A 58  ? TYR A 51  PHE A 58  
AA 6 CYS A 176 ? PHE A 182 ? CYS A 210 PHE A 216 
AB 1 TYR A 61  ? LEU A 66  ? TYR A 61  LEU A 66  
AB 2 THR A 145 ? THR A 151 ? THR A 179 THR A 185 
AB 3 ARG A 96  ? THR A 100 ? ARG A 130 THR A 134 
AC 1 TYR A 199 ? ILE A 200 ? TYR A 233 ILE A 234 
AC 2 ILE A 206 ? ALA A 208 ? ILE A 240 ALA A 242 
# 
loop_
_pdbx_struct_sheet_hbond.sheet_id 
_pdbx_struct_sheet_hbond.range_id_1 
_pdbx_struct_sheet_hbond.range_id_2 
_pdbx_struct_sheet_hbond.range_1_label_atom_id 
_pdbx_struct_sheet_hbond.range_1_label_comp_id 
_pdbx_struct_sheet_hbond.range_1_label_asym_id 
_pdbx_struct_sheet_hbond.range_1_label_seq_id 
_pdbx_struct_sheet_hbond.range_1_PDB_ins_code 
_pdbx_struct_sheet_hbond.range_1_auth_atom_id 
_pdbx_struct_sheet_hbond.range_1_auth_comp_id 
_pdbx_struct_sheet_hbond.range_1_auth_asym_id 
_pdbx_struct_sheet_hbond.range_1_auth_seq_id 
_pdbx_struct_sheet_hbond.range_2_label_atom_id 
_pdbx_struct_sheet_hbond.range_2_label_comp_id 
_pdbx_struct_sheet_hbond.range_2_label_asym_id 
_pdbx_struct_sheet_hbond.range_2_label_seq_id 
_pdbx_struct_sheet_hbond.range_2_PDB_ins_code 
_pdbx_struct_sheet_hbond.range_2_auth_atom_id 
_pdbx_struct_sheet_hbond.range_2_auth_comp_id 
_pdbx_struct_sheet_hbond.range_2_auth_asym_id 
_pdbx_struct_sheet_hbond.range_2_auth_seq_id 
AA 1 2 N ARG A 127 ? N ARG A 161 O ALA A 135 ? O ALA A 169 
AA 2 3 N VAL A 138 ? N VAL A 172 O VAL A 82  ? O VAL A 116 
AA 3 4 N ASN A 87  ? N ASN A 121 O ARG A 39  ? O ARG A 39  
AA 4 5 N ALA A 44  ? N ALA A 44  O LYS A 52  ? O LYS A 52  
AA 5 6 N VAL A 57  ? N VAL A 57  O CYS A 176 ? O CYS A 210 
AB 1 2 N LEU A 66  ? N LEU A 66  O VAL A 146 ? O VAL A 180 
AB 2 3 N LEU A 149 ? N LEU A 183 O ARG A 96  ? O ARG A 130 
AC 1 2 O TYR A 199 ? O TYR A 233 N VAL A 207 ? N VAL A 241 
# 
loop_
_pdbx_validate_close_contact.id 
_pdbx_validate_close_contact.PDB_model_num 
_pdbx_validate_close_contact.auth_atom_id_1 
_pdbx_validate_close_contact.auth_asym_id_1 
_pdbx_validate_close_contact.auth_comp_id_1 
_pdbx_validate_close_contact.auth_seq_id_1 
_pdbx_validate_close_contact.PDB_ins_code_1 
_pdbx_validate_close_contact.label_alt_id_1 
_pdbx_validate_close_contact.auth_atom_id_2 
_pdbx_validate_close_contact.auth_asym_id_2 
_pdbx_validate_close_contact.auth_comp_id_2 
_pdbx_validate_close_contact.auth_seq_id_2 
_pdbx_validate_close_contact.PDB_ins_code_2 
_pdbx_validate_close_contact.label_alt_id_2 
_pdbx_validate_close_contact.dist 
1  1 O   A HOH 2004 ? ? O   A HOH 2005 ? ? 1.84 
2  1 O   A HOH 2028 ? ? O   A HOH 2048 ? ? 1.90 
3  1 ND1 A HIS 137  ? ? O   A HOH 2069 ? ? 1.95 
4  1 NH1 A ARG 13   ? ? O   A HOH 2001 ? ? 1.96 
5  1 O   A HOH 2032 ? ? O   A HOH 2060 ? ? 1.99 
6  1 O   A HOH 2100 ? ? O   A HOH 2101 ? ? 2.05 
7  1 O   A HOH 2018 ? ? O   A HOH 2044 ? ? 2.08 
8  1 O   A HOH 2097 ? ? O   A HOH 2098 ? ? 2.11 
9  1 O   A HOH 2028 ? ? O   A HOH 2111 ? ? 2.11 
10 1 NH1 A ARG 17   ? ? OE2 A GLU 21   ? ? 2.13 
11 1 OD1 A ASN 123  ? ? NH1 A ARG 187  ? ? 2.19 
# 
loop_
_pdbx_validate_symm_contact.id 
_pdbx_validate_symm_contact.PDB_model_num 
_pdbx_validate_symm_contact.auth_atom_id_1 
_pdbx_validate_symm_contact.auth_asym_id_1 
_pdbx_validate_symm_contact.auth_comp_id_1 
_pdbx_validate_symm_contact.auth_seq_id_1 
_pdbx_validate_symm_contact.PDB_ins_code_1 
_pdbx_validate_symm_contact.label_alt_id_1 
_pdbx_validate_symm_contact.site_symmetry_1 
_pdbx_validate_symm_contact.auth_atom_id_2 
_pdbx_validate_symm_contact.auth_asym_id_2 
_pdbx_validate_symm_contact.auth_comp_id_2 
_pdbx_validate_symm_contact.auth_seq_id_2 
_pdbx_validate_symm_contact.PDB_ins_code_2 
_pdbx_validate_symm_contact.label_alt_id_2 
_pdbx_validate_symm_contact.site_symmetry_2 
_pdbx_validate_symm_contact.dist 
1 1 O A HOH 2046 ? ? 1_555 O A HOH 2108 ? ? 9_555 1.52 
2 1 O A HOH 2039 ? ? 1_555 O A HOH 2107 ? ? 9_555 1.70 
3 1 O A HOH 2037 ? ? 1_555 O A HOH 2105 ? ? 9_555 1.83 
# 
loop_
_pdbx_validate_torsion.id 
_pdbx_validate_torsion.PDB_model_num 
_pdbx_validate_torsion.auth_comp_id 
_pdbx_validate_torsion.auth_asym_id 
_pdbx_validate_torsion.auth_seq_id 
_pdbx_validate_torsion.PDB_ins_code 
_pdbx_validate_torsion.label_alt_id 
_pdbx_validate_torsion.phi 
_pdbx_validate_torsion.psi 
1 1 ASP A 60  ? ? -126.18 -51.03  
2 1 CYS A 156 ? ? -166.01 -168.94 
3 1 HIS A 177 ? ? 75.56   -5.93   
# 
_pdbx_distant_solvent_atoms.id                                1 
_pdbx_distant_solvent_atoms.PDB_model_num                     1 
_pdbx_distant_solvent_atoms.auth_atom_id                      O 
_pdbx_distant_solvent_atoms.label_alt_id                      ? 
_pdbx_distant_solvent_atoms.auth_asym_id                      A 
_pdbx_distant_solvent_atoms.auth_comp_id                      HOH 
_pdbx_distant_solvent_atoms.auth_seq_id                       2013 
_pdbx_distant_solvent_atoms.PDB_ins_code                      ? 
_pdbx_distant_solvent_atoms.neighbor_macromolecule_distance   6.50 
_pdbx_distant_solvent_atoms.neighbor_ligand_distance          . 
# 
loop_
_pdbx_unobs_or_zero_occ_residues.id 
_pdbx_unobs_or_zero_occ_residues.PDB_model_num 
_pdbx_unobs_or_zero_occ_residues.polymer_flag 
_pdbx_unobs_or_zero_occ_residues.occupancy_flag 
_pdbx_unobs_or_zero_occ_residues.auth_asym_id 
_pdbx_unobs_or_zero_occ_residues.auth_comp_id 
_pdbx_unobs_or_zero_occ_residues.auth_seq_id 
_pdbx_unobs_or_zero_occ_residues.PDB_ins_code 
_pdbx_unobs_or_zero_occ_residues.label_asym_id 
_pdbx_unobs_or_zero_occ_residues.label_comp_id 
_pdbx_unobs_or_zero_occ_residues.label_seq_id 
1  1 Y 1 A MET 1   ? A MET 1   
2  1 Y 1 A SER 2   ? A SER 2   
3  1 Y 1 A THR 3   ? A THR 3   
4  1 Y 1 A SER 4   ? A SER 4   
5  1 Y 1 A THR 5   ? A THR 5   
6  1 Y 1 A TYR 6   ? A TYR 6   
7  1 Y 1 A ALA 7   ? A ALA 7   
8  1 Y 1 A LEU 8   ? A LEU 8   
9  1 Y 1 A ARG 9   ? A ARG 9   
10 1 Y 1 A ALA 10  ? A ALA 10  
11 1 Y 1 A GLY 11  ? A GLY 11  
12 1 Y 1 A LYS 12  ? A LYS 12  
13 1 Y 1 A ASP 189 ? A ASP 155 
14 1 Y 1 A GLY 190 ? A GLY 156 
15 1 Y 1 A ALA 191 ? A ALA 157 
16 1 Y 1 A LEU 192 ? A LEU 158 
17 1 Y 1 A ALA 254 ? A ALA 220 
# 
loop_
_chem_comp_atom.comp_id 
_chem_comp_atom.atom_id 
_chem_comp_atom.type_symbol 
_chem_comp_atom.pdbx_aromatic_flag 
_chem_comp_atom.pdbx_stereo_config 
_chem_comp_atom.pdbx_ordinal 
ALA N    N N N 1   
ALA CA   C N S 2   
ALA C    C N N 3   
ALA O    O N N 4   
ALA CB   C N N 5   
ALA OXT  O N N 6   
ALA H    H N N 7   
ALA H2   H N N 8   
ALA HA   H N N 9   
ALA HB1  H N N 10  
ALA HB2  H N N 11  
ALA HB3  H N N 12  
ALA HXT  H N N 13  
ARG N    N N N 14  
ARG CA   C N S 15  
ARG C    C N N 16  
ARG O    O N N 17  
ARG CB   C N N 18  
ARG CG   C N N 19  
ARG CD   C N N 20  
ARG NE   N N N 21  
ARG CZ   C N N 22  
ARG NH1  N N N 23  
ARG NH2  N N N 24  
ARG OXT  O N N 25  
ARG H    H N N 26  
ARG H2   H N N 27  
ARG HA   H N N 28  
ARG HB2  H N N 29  
ARG HB3  H N N 30  
ARG HG2  H N N 31  
ARG HG3  H N N 32  
ARG HD2  H N N 33  
ARG HD3  H N N 34  
ARG HE   H N N 35  
ARG HH11 H N N 36  
ARG HH12 H N N 37  
ARG HH21 H N N 38  
ARG HH22 H N N 39  
ARG HXT  H N N 40  
ASN N    N N N 41  
ASN CA   C N S 42  
ASN C    C N N 43  
ASN O    O N N 44  
ASN CB   C N N 45  
ASN CG   C N N 46  
ASN OD1  O N N 47  
ASN ND2  N N N 48  
ASN OXT  O N N 49  
ASN H    H N N 50  
ASN H2   H N N 51  
ASN HA   H N N 52  
ASN HB2  H N N 53  
ASN HB3  H N N 54  
ASN HD21 H N N 55  
ASN HD22 H N N 56  
ASN HXT  H N N 57  
ASP N    N N N 58  
ASP CA   C N S 59  
ASP C    C N N 60  
ASP O    O N N 61  
ASP CB   C N N 62  
ASP CG   C N N 63  
ASP OD1  O N N 64  
ASP OD2  O N N 65  
ASP OXT  O N N 66  
ASP H    H N N 67  
ASP H2   H N N 68  
ASP HA   H N N 69  
ASP HB2  H N N 70  
ASP HB3  H N N 71  
ASP HD2  H N N 72  
ASP HXT  H N N 73  
CYS N    N N N 74  
CYS CA   C N R 75  
CYS C    C N N 76  
CYS O    O N N 77  
CYS CB   C N N 78  
CYS SG   S N N 79  
CYS OXT  O N N 80  
CYS H    H N N 81  
CYS H2   H N N 82  
CYS HA   H N N 83  
CYS HB2  H N N 84  
CYS HB3  H N N 85  
CYS HG   H N N 86  
CYS HXT  H N N 87  
GLN N    N N N 88  
GLN CA   C N S 89  
GLN C    C N N 90  
GLN O    O N N 91  
GLN CB   C N N 92  
GLN CG   C N N 93  
GLN CD   C N N 94  
GLN OE1  O N N 95  
GLN NE2  N N N 96  
GLN OXT  O N N 97  
GLN H    H N N 98  
GLN H2   H N N 99  
GLN HA   H N N 100 
GLN HB2  H N N 101 
GLN HB3  H N N 102 
GLN HG2  H N N 103 
GLN HG3  H N N 104 
GLN HE21 H N N 105 
GLN HE22 H N N 106 
GLN HXT  H N N 107 
GLU N    N N N 108 
GLU CA   C N S 109 
GLU C    C N N 110 
GLU O    O N N 111 
GLU CB   C N N 112 
GLU CG   C N N 113 
GLU CD   C N N 114 
GLU OE1  O N N 115 
GLU OE2  O N N 116 
GLU OXT  O N N 117 
GLU H    H N N 118 
GLU H2   H N N 119 
GLU HA   H N N 120 
GLU HB2  H N N 121 
GLU HB3  H N N 122 
GLU HG2  H N N 123 
GLU HG3  H N N 124 
GLU HE2  H N N 125 
GLU HXT  H N N 126 
GLY N    N N N 127 
GLY CA   C N N 128 
GLY C    C N N 129 
GLY O    O N N 130 
GLY OXT  O N N 131 
GLY H    H N N 132 
GLY H2   H N N 133 
GLY HA2  H N N 134 
GLY HA3  H N N 135 
GLY HXT  H N N 136 
HIS N    N N N 137 
HIS CA   C N S 138 
HIS C    C N N 139 
HIS O    O N N 140 
HIS CB   C N N 141 
HIS CG   C Y N 142 
HIS ND1  N Y N 143 
HIS CD2  C Y N 144 
HIS CE1  C Y N 145 
HIS NE2  N Y N 146 
HIS OXT  O N N 147 
HIS H    H N N 148 
HIS H2   H N N 149 
HIS HA   H N N 150 
HIS HB2  H N N 151 
HIS HB3  H N N 152 
HIS HD1  H N N 153 
HIS HD2  H N N 154 
HIS HE1  H N N 155 
HIS HE2  H N N 156 
HIS HXT  H N N 157 
HOH O    O N N 158 
HOH H1   H N N 159 
HOH H2   H N N 160 
ILE N    N N N 161 
ILE CA   C N S 162 
ILE C    C N N 163 
ILE O    O N N 164 
ILE CB   C N S 165 
ILE CG1  C N N 166 
ILE CG2  C N N 167 
ILE CD1  C N N 168 
ILE OXT  O N N 169 
ILE H    H N N 170 
ILE H2   H N N 171 
ILE HA   H N N 172 
ILE HB   H N N 173 
ILE HG12 H N N 174 
ILE HG13 H N N 175 
ILE HG21 H N N 176 
ILE HG22 H N N 177 
ILE HG23 H N N 178 
ILE HD11 H N N 179 
ILE HD12 H N N 180 
ILE HD13 H N N 181 
ILE HXT  H N N 182 
LEU N    N N N 183 
LEU CA   C N S 184 
LEU C    C N N 185 
LEU O    O N N 186 
LEU CB   C N N 187 
LEU CG   C N N 188 
LEU CD1  C N N 189 
LEU CD2  C N N 190 
LEU OXT  O N N 191 
LEU H    H N N 192 
LEU H2   H N N 193 
LEU HA   H N N 194 
LEU HB2  H N N 195 
LEU HB3  H N N 196 
LEU HG   H N N 197 
LEU HD11 H N N 198 
LEU HD12 H N N 199 
LEU HD13 H N N 200 
LEU HD21 H N N 201 
LEU HD22 H N N 202 
LEU HD23 H N N 203 
LEU HXT  H N N 204 
LYS N    N N N 205 
LYS CA   C N S 206 
LYS C    C N N 207 
LYS O    O N N 208 
LYS CB   C N N 209 
LYS CG   C N N 210 
LYS CD   C N N 211 
LYS CE   C N N 212 
LYS NZ   N N N 213 
LYS OXT  O N N 214 
LYS H    H N N 215 
LYS H2   H N N 216 
LYS HA   H N N 217 
LYS HB2  H N N 218 
LYS HB3  H N N 219 
LYS HG2  H N N 220 
LYS HG3  H N N 221 
LYS HD2  H N N 222 
LYS HD3  H N N 223 
LYS HE2  H N N 224 
LYS HE3  H N N 225 
LYS HZ1  H N N 226 
LYS HZ2  H N N 227 
LYS HZ3  H N N 228 
LYS HXT  H N N 229 
MET N    N N N 230 
MET CA   C N S 231 
MET C    C N N 232 
MET O    O N N 233 
MET CB   C N N 234 
MET CG   C N N 235 
MET SD   S N N 236 
MET CE   C N N 237 
MET OXT  O N N 238 
MET H    H N N 239 
MET H2   H N N 240 
MET HA   H N N 241 
MET HB2  H N N 242 
MET HB3  H N N 243 
MET HG2  H N N 244 
MET HG3  H N N 245 
MET HE1  H N N 246 
MET HE2  H N N 247 
MET HE3  H N N 248 
MET HXT  H N N 249 
PHE N    N N N 250 
PHE CA   C N S 251 
PHE C    C N N 252 
PHE O    O N N 253 
PHE CB   C N N 254 
PHE CG   C Y N 255 
PHE CD1  C Y N 256 
PHE CD2  C Y N 257 
PHE CE1  C Y N 258 
PHE CE2  C Y N 259 
PHE CZ   C Y N 260 
PHE OXT  O N N 261 
PHE H    H N N 262 
PHE H2   H N N 263 
PHE HA   H N N 264 
PHE HB2  H N N 265 
PHE HB3  H N N 266 
PHE HD1  H N N 267 
PHE HD2  H N N 268 
PHE HE1  H N N 269 
PHE HE2  H N N 270 
PHE HZ   H N N 271 
PHE HXT  H N N 272 
PRO N    N N N 273 
PRO CA   C N S 274 
PRO C    C N N 275 
PRO O    O N N 276 
PRO CB   C N N 277 
PRO CG   C N N 278 
PRO CD   C N N 279 
PRO OXT  O N N 280 
PRO H    H N N 281 
PRO HA   H N N 282 
PRO HB2  H N N 283 
PRO HB3  H N N 284 
PRO HG2  H N N 285 
PRO HG3  H N N 286 
PRO HD2  H N N 287 
PRO HD3  H N N 288 
PRO HXT  H N N 289 
SER N    N N N 290 
SER CA   C N S 291 
SER C    C N N 292 
SER O    O N N 293 
SER CB   C N N 294 
SER OG   O N N 295 
SER OXT  O N N 296 
SER H    H N N 297 
SER H2   H N N 298 
SER HA   H N N 299 
SER HB2  H N N 300 
SER HB3  H N N 301 
SER HG   H N N 302 
SER HXT  H N N 303 
THR N    N N N 304 
THR CA   C N S 305 
THR C    C N N 306 
THR O    O N N 307 
THR CB   C N R 308 
THR OG1  O N N 309 
THR CG2  C N N 310 
THR OXT  O N N 311 
THR H    H N N 312 
THR H2   H N N 313 
THR HA   H N N 314 
THR HB   H N N 315 
THR HG1  H N N 316 
THR HG21 H N N 317 
THR HG22 H N N 318 
THR HG23 H N N 319 
THR HXT  H N N 320 
TRP N    N N N 321 
TRP CA   C N S 322 
TRP C    C N N 323 
TRP O    O N N 324 
TRP CB   C N N 325 
TRP CG   C Y N 326 
TRP CD1  C Y N 327 
TRP CD2  C Y N 328 
TRP NE1  N Y N 329 
TRP CE2  C Y N 330 
TRP CE3  C Y N 331 
TRP CZ2  C Y N 332 
TRP CZ3  C Y N 333 
TRP CH2  C Y N 334 
TRP OXT  O N N 335 
TRP H    H N N 336 
TRP H2   H N N 337 
TRP HA   H N N 338 
TRP HB2  H N N 339 
TRP HB3  H N N 340 
TRP HD1  H N N 341 
TRP HE1  H N N 342 
TRP HE3  H N N 343 
TRP HZ2  H N N 344 
TRP HZ3  H N N 345 
TRP HH2  H N N 346 
TRP HXT  H N N 347 
TYR N    N N N 348 
TYR CA   C N S 349 
TYR C    C N N 350 
TYR O    O N N 351 
TYR CB   C N N 352 
TYR CG   C Y N 353 
TYR CD1  C Y N 354 
TYR CD2  C Y N 355 
TYR CE1  C Y N 356 
TYR CE2  C Y N 357 
TYR CZ   C Y N 358 
TYR OH   O N N 359 
TYR OXT  O N N 360 
TYR H    H N N 361 
TYR H2   H N N 362 
TYR HA   H N N 363 
TYR HB2  H N N 364 
TYR HB3  H N N 365 
TYR HD1  H N N 366 
TYR HD2  H N N 367 
TYR HE1  H N N 368 
TYR HE2  H N N 369 
TYR HH   H N N 370 
TYR HXT  H N N 371 
VAL N    N N N 372 
VAL CA   C N S 373 
VAL C    C N N 374 
VAL O    O N N 375 
VAL CB   C N N 376 
VAL CG1  C N N 377 
VAL CG2  C N N 378 
VAL OXT  O N N 379 
VAL H    H N N 380 
VAL H2   H N N 381 
VAL HA   H N N 382 
VAL HB   H N N 383 
VAL HG11 H N N 384 
VAL HG12 H N N 385 
VAL HG13 H N N 386 
VAL HG21 H N N 387 
VAL HG22 H N N 388 
VAL HG23 H N N 389 
VAL HXT  H N N 390 
# 
loop_
_chem_comp_bond.comp_id 
_chem_comp_bond.atom_id_1 
_chem_comp_bond.atom_id_2 
_chem_comp_bond.value_order 
_chem_comp_bond.pdbx_aromatic_flag 
_chem_comp_bond.pdbx_stereo_config 
_chem_comp_bond.pdbx_ordinal 
ALA N   CA   sing N N 1   
ALA N   H    sing N N 2   
ALA N   H2   sing N N 3   
ALA CA  C    sing N N 4   
ALA CA  CB   sing N N 5   
ALA CA  HA   sing N N 6   
ALA C   O    doub N N 7   
ALA C   OXT  sing N N 8   
ALA CB  HB1  sing N N 9   
ALA CB  HB2  sing N N 10  
ALA CB  HB3  sing N N 11  
ALA OXT HXT  sing N N 12  
ARG N   CA   sing N N 13  
ARG N   H    sing N N 14  
ARG N   H2   sing N N 15  
ARG CA  C    sing N N 16  
ARG CA  CB   sing N N 17  
ARG CA  HA   sing N N 18  
ARG C   O    doub N N 19  
ARG C   OXT  sing N N 20  
ARG CB  CG   sing N N 21  
ARG CB  HB2  sing N N 22  
ARG CB  HB3  sing N N 23  
ARG CG  CD   sing N N 24  
ARG CG  HG2  sing N N 25  
ARG CG  HG3  sing N N 26  
ARG CD  NE   sing N N 27  
ARG CD  HD2  sing N N 28  
ARG CD  HD3  sing N N 29  
ARG NE  CZ   sing N N 30  
ARG NE  HE   sing N N 31  
ARG CZ  NH1  sing N N 32  
ARG CZ  NH2  doub N N 33  
ARG NH1 HH11 sing N N 34  
ARG NH1 HH12 sing N N 35  
ARG NH2 HH21 sing N N 36  
ARG NH2 HH22 sing N N 37  
ARG OXT HXT  sing N N 38  
ASN N   CA   sing N N 39  
ASN N   H    sing N N 40  
ASN N   H2   sing N N 41  
ASN CA  C    sing N N 42  
ASN CA  CB   sing N N 43  
ASN CA  HA   sing N N 44  
ASN C   O    doub N N 45  
ASN C   OXT  sing N N 46  
ASN CB  CG   sing N N 47  
ASN CB  HB2  sing N N 48  
ASN CB  HB3  sing N N 49  
ASN CG  OD1  doub N N 50  
ASN CG  ND2  sing N N 51  
ASN ND2 HD21 sing N N 52  
ASN ND2 HD22 sing N N 53  
ASN OXT HXT  sing N N 54  
ASP N   CA   sing N N 55  
ASP N   H    sing N N 56  
ASP N   H2   sing N N 57  
ASP CA  C    sing N N 58  
ASP CA  CB   sing N N 59  
ASP CA  HA   sing N N 60  
ASP C   O    doub N N 61  
ASP C   OXT  sing N N 62  
ASP CB  CG   sing N N 63  
ASP CB  HB2  sing N N 64  
ASP CB  HB3  sing N N 65  
ASP CG  OD1  doub N N 66  
ASP CG  OD2  sing N N 67  
ASP OD2 HD2  sing N N 68  
ASP OXT HXT  sing N N 69  
CYS N   CA   sing N N 70  
CYS N   H    sing N N 71  
CYS N   H2   sing N N 72  
CYS CA  C    sing N N 73  
CYS CA  CB   sing N N 74  
CYS CA  HA   sing N N 75  
CYS C   O    doub N N 76  
CYS C   OXT  sing N N 77  
CYS CB  SG   sing N N 78  
CYS CB  HB2  sing N N 79  
CYS CB  HB3  sing N N 80  
CYS SG  HG   sing N N 81  
CYS OXT HXT  sing N N 82  
GLN N   CA   sing N N 83  
GLN N   H    sing N N 84  
GLN N   H2   sing N N 85  
GLN CA  C    sing N N 86  
GLN CA  CB   sing N N 87  
GLN CA  HA   sing N N 88  
GLN C   O    doub N N 89  
GLN C   OXT  sing N N 90  
GLN CB  CG   sing N N 91  
GLN CB  HB2  sing N N 92  
GLN CB  HB3  sing N N 93  
GLN CG  CD   sing N N 94  
GLN CG  HG2  sing N N 95  
GLN CG  HG3  sing N N 96  
GLN CD  OE1  doub N N 97  
GLN CD  NE2  sing N N 98  
GLN NE2 HE21 sing N N 99  
GLN NE2 HE22 sing N N 100 
GLN OXT HXT  sing N N 101 
GLU N   CA   sing N N 102 
GLU N   H    sing N N 103 
GLU N   H2   sing N N 104 
GLU CA  C    sing N N 105 
GLU CA  CB   sing N N 106 
GLU CA  HA   sing N N 107 
GLU C   O    doub N N 108 
GLU C   OXT  sing N N 109 
GLU CB  CG   sing N N 110 
GLU CB  HB2  sing N N 111 
GLU CB  HB3  sing N N 112 
GLU CG  CD   sing N N 113 
GLU CG  HG2  sing N N 114 
GLU CG  HG3  sing N N 115 
GLU CD  OE1  doub N N 116 
GLU CD  OE2  sing N N 117 
GLU OE2 HE2  sing N N 118 
GLU OXT HXT  sing N N 119 
GLY N   CA   sing N N 120 
GLY N   H    sing N N 121 
GLY N   H2   sing N N 122 
GLY CA  C    sing N N 123 
GLY CA  HA2  sing N N 124 
GLY CA  HA3  sing N N 125 
GLY C   O    doub N N 126 
GLY C   OXT  sing N N 127 
GLY OXT HXT  sing N N 128 
HIS N   CA   sing N N 129 
HIS N   H    sing N N 130 
HIS N   H2   sing N N 131 
HIS CA  C    sing N N 132 
HIS CA  CB   sing N N 133 
HIS CA  HA   sing N N 134 
HIS C   O    doub N N 135 
HIS C   OXT  sing N N 136 
HIS CB  CG   sing N N 137 
HIS CB  HB2  sing N N 138 
HIS CB  HB3  sing N N 139 
HIS CG  ND1  sing Y N 140 
HIS CG  CD2  doub Y N 141 
HIS ND1 CE1  doub Y N 142 
HIS ND1 HD1  sing N N 143 
HIS CD2 NE2  sing Y N 144 
HIS CD2 HD2  sing N N 145 
HIS CE1 NE2  sing Y N 146 
HIS CE1 HE1  sing N N 147 
HIS NE2 HE2  sing N N 148 
HIS OXT HXT  sing N N 149 
HOH O   H1   sing N N 150 
HOH O   H2   sing N N 151 
ILE N   CA   sing N N 152 
ILE N   H    sing N N 153 
ILE N   H2   sing N N 154 
ILE CA  C    sing N N 155 
ILE CA  CB   sing N N 156 
ILE CA  HA   sing N N 157 
ILE C   O    doub N N 158 
ILE C   OXT  sing N N 159 
ILE CB  CG1  sing N N 160 
ILE CB  CG2  sing N N 161 
ILE CB  HB   sing N N 162 
ILE CG1 CD1  sing N N 163 
ILE CG1 HG12 sing N N 164 
ILE CG1 HG13 sing N N 165 
ILE CG2 HG21 sing N N 166 
ILE CG2 HG22 sing N N 167 
ILE CG2 HG23 sing N N 168 
ILE CD1 HD11 sing N N 169 
ILE CD1 HD12 sing N N 170 
ILE CD1 HD13 sing N N 171 
ILE OXT HXT  sing N N 172 
LEU N   CA   sing N N 173 
LEU N   H    sing N N 174 
LEU N   H2   sing N N 175 
LEU CA  C    sing N N 176 
LEU CA  CB   sing N N 177 
LEU CA  HA   sing N N 178 
LEU C   O    doub N N 179 
LEU C   OXT  sing N N 180 
LEU CB  CG   sing N N 181 
LEU CB  HB2  sing N N 182 
LEU CB  HB3  sing N N 183 
LEU CG  CD1  sing N N 184 
LEU CG  CD2  sing N N 185 
LEU CG  HG   sing N N 186 
LEU CD1 HD11 sing N N 187 
LEU CD1 HD12 sing N N 188 
LEU CD1 HD13 sing N N 189 
LEU CD2 HD21 sing N N 190 
LEU CD2 HD22 sing N N 191 
LEU CD2 HD23 sing N N 192 
LEU OXT HXT  sing N N 193 
LYS N   CA   sing N N 194 
LYS N   H    sing N N 195 
LYS N   H2   sing N N 196 
LYS CA  C    sing N N 197 
LYS CA  CB   sing N N 198 
LYS CA  HA   sing N N 199 
LYS C   O    doub N N 200 
LYS C   OXT  sing N N 201 
LYS CB  CG   sing N N 202 
LYS CB  HB2  sing N N 203 
LYS CB  HB3  sing N N 204 
LYS CG  CD   sing N N 205 
LYS CG  HG2  sing N N 206 
LYS CG  HG3  sing N N 207 
LYS CD  CE   sing N N 208 
LYS CD  HD2  sing N N 209 
LYS CD  HD3  sing N N 210 
LYS CE  NZ   sing N N 211 
LYS CE  HE2  sing N N 212 
LYS CE  HE3  sing N N 213 
LYS NZ  HZ1  sing N N 214 
LYS NZ  HZ2  sing N N 215 
LYS NZ  HZ3  sing N N 216 
LYS OXT HXT  sing N N 217 
MET N   CA   sing N N 218 
MET N   H    sing N N 219 
MET N   H2   sing N N 220 
MET CA  C    sing N N 221 
MET CA  CB   sing N N 222 
MET CA  HA   sing N N 223 
MET C   O    doub N N 224 
MET C   OXT  sing N N 225 
MET CB  CG   sing N N 226 
MET CB  HB2  sing N N 227 
MET CB  HB3  sing N N 228 
MET CG  SD   sing N N 229 
MET CG  HG2  sing N N 230 
MET CG  HG3  sing N N 231 
MET SD  CE   sing N N 232 
MET CE  HE1  sing N N 233 
MET CE  HE2  sing N N 234 
MET CE  HE3  sing N N 235 
MET OXT HXT  sing N N 236 
PHE N   CA   sing N N 237 
PHE N   H    sing N N 238 
PHE N   H2   sing N N 239 
PHE CA  C    sing N N 240 
PHE CA  CB   sing N N 241 
PHE CA  HA   sing N N 242 
PHE C   O    doub N N 243 
PHE C   OXT  sing N N 244 
PHE CB  CG   sing N N 245 
PHE CB  HB2  sing N N 246 
PHE CB  HB3  sing N N 247 
PHE CG  CD1  doub Y N 248 
PHE CG  CD2  sing Y N 249 
PHE CD1 CE1  sing Y N 250 
PHE CD1 HD1  sing N N 251 
PHE CD2 CE2  doub Y N 252 
PHE CD2 HD2  sing N N 253 
PHE CE1 CZ   doub Y N 254 
PHE CE1 HE1  sing N N 255 
PHE CE2 CZ   sing Y N 256 
PHE CE2 HE2  sing N N 257 
PHE CZ  HZ   sing N N 258 
PHE OXT HXT  sing N N 259 
PRO N   CA   sing N N 260 
PRO N   CD   sing N N 261 
PRO N   H    sing N N 262 
PRO CA  C    sing N N 263 
PRO CA  CB   sing N N 264 
PRO CA  HA   sing N N 265 
PRO C   O    doub N N 266 
PRO C   OXT  sing N N 267 
PRO CB  CG   sing N N 268 
PRO CB  HB2  sing N N 269 
PRO CB  HB3  sing N N 270 
PRO CG  CD   sing N N 271 
PRO CG  HG2  sing N N 272 
PRO CG  HG3  sing N N 273 
PRO CD  HD2  sing N N 274 
PRO CD  HD3  sing N N 275 
PRO OXT HXT  sing N N 276 
SER N   CA   sing N N 277 
SER N   H    sing N N 278 
SER N   H2   sing N N 279 
SER CA  C    sing N N 280 
SER CA  CB   sing N N 281 
SER CA  HA   sing N N 282 
SER C   O    doub N N 283 
SER C   OXT  sing N N 284 
SER CB  OG   sing N N 285 
SER CB  HB2  sing N N 286 
SER CB  HB3  sing N N 287 
SER OG  HG   sing N N 288 
SER OXT HXT  sing N N 289 
THR N   CA   sing N N 290 
THR N   H    sing N N 291 
THR N   H2   sing N N 292 
THR CA  C    sing N N 293 
THR CA  CB   sing N N 294 
THR CA  HA   sing N N 295 
THR C   O    doub N N 296 
THR C   OXT  sing N N 297 
THR CB  OG1  sing N N 298 
THR CB  CG2  sing N N 299 
THR CB  HB   sing N N 300 
THR OG1 HG1  sing N N 301 
THR CG2 HG21 sing N N 302 
THR CG2 HG22 sing N N 303 
THR CG2 HG23 sing N N 304 
THR OXT HXT  sing N N 305 
TRP N   CA   sing N N 306 
TRP N   H    sing N N 307 
TRP N   H2   sing N N 308 
TRP CA  C    sing N N 309 
TRP CA  CB   sing N N 310 
TRP CA  HA   sing N N 311 
TRP C   O    doub N N 312 
TRP C   OXT  sing N N 313 
TRP CB  CG   sing N N 314 
TRP CB  HB2  sing N N 315 
TRP CB  HB3  sing N N 316 
TRP CG  CD1  doub Y N 317 
TRP CG  CD2  sing Y N 318 
TRP CD1 NE1  sing Y N 319 
TRP CD1 HD1  sing N N 320 
TRP CD2 CE2  doub Y N 321 
TRP CD2 CE3  sing Y N 322 
TRP NE1 CE2  sing Y N 323 
TRP NE1 HE1  sing N N 324 
TRP CE2 CZ2  sing Y N 325 
TRP CE3 CZ3  doub Y N 326 
TRP CE3 HE3  sing N N 327 
TRP CZ2 CH2  doub Y N 328 
TRP CZ2 HZ2  sing N N 329 
TRP CZ3 CH2  sing Y N 330 
TRP CZ3 HZ3  sing N N 331 
TRP CH2 HH2  sing N N 332 
TRP OXT HXT  sing N N 333 
TYR N   CA   sing N N 334 
TYR N   H    sing N N 335 
TYR N   H2   sing N N 336 
TYR CA  C    sing N N 337 
TYR CA  CB   sing N N 338 
TYR CA  HA   sing N N 339 
TYR C   O    doub N N 340 
TYR C   OXT  sing N N 341 
TYR CB  CG   sing N N 342 
TYR CB  HB2  sing N N 343 
TYR CB  HB3  sing N N 344 
TYR CG  CD1  doub Y N 345 
TYR CG  CD2  sing Y N 346 
TYR CD1 CE1  sing Y N 347 
TYR CD1 HD1  sing N N 348 
TYR CD2 CE2  doub Y N 349 
TYR CD2 HD2  sing N N 350 
TYR CE1 CZ   doub Y N 351 
TYR CE1 HE1  sing N N 352 
TYR CE2 CZ   sing Y N 353 
TYR CE2 HE2  sing N N 354 
TYR CZ  OH   sing N N 355 
TYR OH  HH   sing N N 356 
TYR OXT HXT  sing N N 357 
VAL N   CA   sing N N 358 
VAL N   H    sing N N 359 
VAL N   H2   sing N N 360 
VAL CA  C    sing N N 361 
VAL CA  CB   sing N N 362 
VAL CA  HA   sing N N 363 
VAL C   O    doub N N 364 
VAL C   OXT  sing N N 365 
VAL CB  CG1  sing N N 366 
VAL CB  CG2  sing N N 367 
VAL CB  HB   sing N N 368 
VAL CG1 HG11 sing N N 369 
VAL CG1 HG12 sing N N 370 
VAL CG1 HG13 sing N N 371 
VAL CG2 HG21 sing N N 372 
VAL CG2 HG22 sing N N 373 
VAL CG2 HG23 sing N N 374 
VAL OXT HXT  sing N N 375 
# 
_pdbx_initial_refinement_model.accession_code   ? 
_pdbx_initial_refinement_model.id               1 
_pdbx_initial_refinement_model.entity_id_list   ? 
_pdbx_initial_refinement_model.type             other 
_pdbx_initial_refinement_model.source_name      ? 
_pdbx_initial_refinement_model.details          'CPV4 POLYHEDRA TYPE 2 STRUCTURE' 
# 
_atom_sites.entry_id                    5A9C 
_atom_sites.fract_transf_matrix[1][1]   -0.00034201 
_atom_sites.fract_transf_matrix[1][2]   -0.00847421 
_atom_sites.fract_transf_matrix[1][3]   0.00446575 
_atom_sites.fract_transf_matrix[2][1]   -0.00812223 
_atom_sites.fract_transf_matrix[2][2]   -0.00211229 
_atom_sites.fract_transf_matrix[2][3]   -0.00463032 
_atom_sites.fract_transf_matrix[3][1]   0.00507786 
_atom_sites.fract_transf_matrix[3][2]   -0.00394945 
_atom_sites.fract_transf_matrix[3][3]   -0.00710559 
_atom_sites.fract_transf_vector[1]      0.342353 
_atom_sites.fract_transf_vector[2]      0.229239 
_atom_sites.fract_transf_vector[3]      0.092768 
# 
loop_
_atom_type.symbol 
C 
N 
O 
S 
# 
loop_
_atom_site.group_PDB 
_atom_site.id 
_atom_site.type_symbol 
_atom_site.label_atom_id 
_atom_site.label_alt_id 
_atom_site.label_comp_id 
_atom_site.label_asym_id 
_atom_site.label_entity_id 
_atom_site.label_seq_id 
_atom_site.pdbx_PDB_ins_code 
_atom_site.Cartn_x 
_atom_site.Cartn_y 
_atom_site.Cartn_z 
_atom_site.occupancy 
_atom_site.B_iso_or_equiv 
_atom_site.pdbx_formal_charge 
_atom_site.auth_seq_id 
_atom_site.auth_comp_id 
_atom_site.auth_asym_id 
_atom_site.auth_atom_id 
_atom_site.pdbx_PDB_model_num 
ATOM   1    N N   . ARG A 1 13  ? -39.128 -9.299  1.719   1.00 51.38 ? 13   ARG A N   1 
ATOM   2    C CA  . ARG A 1 13  ? -39.885 -8.313  2.483   1.00 73.15 ? 13   ARG A CA  1 
ATOM   3    C C   . ARG A 1 13  ? -39.106 -7.014  2.685   1.00 59.89 ? 13   ARG A C   1 
ATOM   4    O O   . ARG A 1 13  ? -39.524 -5.952  2.221   1.00 50.45 ? 13   ARG A O   1 
ATOM   5    C CB  . ARG A 1 13  ? -40.316 -8.891  3.834   1.00 63.63 ? 13   ARG A CB  1 
ATOM   6    C CG  . ARG A 1 13  ? -41.803 -9.184  3.921   1.00 78.30 ? 13   ARG A CG  1 
ATOM   7    C CD  . ARG A 1 13  ? -42.610 -7.897  3.866   1.00 68.99 ? 13   ARG A CD  1 
ATOM   8    N NE  . ARG A 1 13  ? -44.007 -8.134  3.516   1.00 73.51 ? 13   ARG A NE  1 
ATOM   9    C CZ  . ARG A 1 13  ? -44.493 -8.043  2.281   1.00 70.28 ? 13   ARG A CZ  1 
ATOM   10   N NH1 . ARG A 1 13  ? -43.694 -7.719  1.273   1.00 54.02 ? 13   ARG A NH1 1 
ATOM   11   N NH2 . ARG A 1 13  ? -45.778 -8.276  2.052   1.00 73.58 ? 13   ARG A NH2 1 
ATOM   12   N N   . ASP A 1 14  ? -37.972 -7.102  3.374   1.00 47.58 ? 14   ASP A N   1 
ATOM   13   C CA  . ASP A 1 14  ? -37.154 -5.924  3.640   1.00 31.77 ? 14   ASP A CA  1 
ATOM   14   C C   . ASP A 1 14  ? -36.145 -5.689  2.519   1.00 30.02 ? 14   ASP A C   1 
ATOM   15   O O   . ASP A 1 14  ? -34.940 -5.861  2.711   1.00 26.75 ? 14   ASP A O   1 
ATOM   16   C CB  . ASP A 1 14  ? -36.428 -6.069  4.980   1.00 21.30 ? 14   ASP A CB  1 
ATOM   17   C CG  . ASP A 1 14  ? -35.903 -4.745  5.502   1.00 28.12 ? 14   ASP A CG  1 
ATOM   18   O OD1 . ASP A 1 14  ? -35.925 -3.753  4.743   1.00 24.78 ? 14   ASP A OD1 1 
ATOM   19   O OD2 . ASP A 1 14  ? -35.482 -4.693  6.678   1.00 36.37 ? 14   ASP A OD2 1 
ATOM   20   N N   . VAL A 1 15  ? -36.641 -5.291  1.352   1.00 26.20 ? 15   VAL A N   1 
ATOM   21   C CA  . VAL A 1 15  ? -35.783 -5.102  0.187   1.00 19.02 ? 15   VAL A CA  1 
ATOM   22   C C   . VAL A 1 15  ? -34.877 -3.881  0.337   1.00 22.94 ? 15   VAL A C   1 
ATOM   23   O O   . VAL A 1 15  ? -33.818 -3.810  -0.284  1.00 20.92 ? 15   VAL A O   1 
ATOM   24   C CB  . VAL A 1 15  ? -36.596 -5.012  -1.121  1.00 29.26 ? 15   VAL A CB  1 
ATOM   25   C CG1 . VAL A 1 15  ? -35.678 -4.736  -2.304  1.00 24.37 ? 15   VAL A CG1 1 
ATOM   26   C CG2 . VAL A 1 15  ? -37.373 -6.297  -1.342  1.00 28.10 ? 15   VAL A CG2 1 
ATOM   27   N N   . ARG A 1 16  ? -35.290 -2.922  1.160   1.00 22.10 ? 16   ARG A N   1 
ATOM   28   C CA  . ARG A 1 16  ? -34.424 -1.791  1.474   1.00 18.64 ? 16   ARG A CA  1 
ATOM   29   C C   . ARG A 1 16  ? -33.137 -2.302  2.111   1.00 24.20 ? 16   ARG A C   1 
ATOM   30   O O   . ARG A 1 16  ? -32.039 -1.863  1.765   1.00 21.57 ? 16   ARG A O   1 
ATOM   31   C CB  . ARG A 1 16  ? -35.129 -0.799  2.406   1.00 16.75 ? 16   ARG A CB  1 
ATOM   32   C CG  . ARG A 1 16  ? -34.233 0.346   2.880   1.00 21.58 ? 16   ARG A CG  1 
ATOM   33   C CD  . ARG A 1 16  ? -35.041 1.440   3.560   1.00 17.99 ? 16   ARG A CD  1 
ATOM   34   N NE  . ARG A 1 16  ? -35.767 0.927   4.719   1.00 18.70 ? 16   ARG A NE  1 
ATOM   35   C CZ  . ARG A 1 16  ? -36.837 1.509   5.246   1.00 21.02 ? 16   ARG A CZ  1 
ATOM   36   N NH1 . ARG A 1 16  ? -37.317 2.629   4.716   1.00 17.23 ? 16   ARG A NH1 1 
ATOM   37   N NH2 . ARG A 1 16  ? -37.432 0.968   6.296   1.00 25.31 ? 16   ARG A NH2 1 
ATOM   38   N N   . ARG A 1 17  ? -33.282 -3.247  3.033   1.00 16.60 ? 17   ARG A N   1 
ATOM   39   C CA  . ARG A 1 17  ? -32.137 -3.851  3.696   1.00 16.63 ? 17   ARG A CA  1 
ATOM   40   C C   . ARG A 1 17  ? -31.333 -4.697  2.715   1.00 26.61 ? 17   ARG A C   1 
ATOM   41   O O   . ARG A 1 17  ? -30.111 -4.600  2.657   1.00 21.11 ? 17   ARG A O   1 
ATOM   42   C CB  . ARG A 1 17  ? -32.591 -4.715  4.870   1.00 20.37 ? 17   ARG A CB  1 
ATOM   43   C CG  . ARG A 1 17  ? -31.447 -5.205  5.749   1.00 23.77 ? 17   ARG A CG  1 
ATOM   44   C CD  . ARG A 1 17  ? -31.914 -6.281  6.718   1.00 35.94 ? 17   ARG A CD  1 
ATOM   45   N NE  . ARG A 1 17  ? -31.151 -6.266  7.963   1.00 52.17 ? 17   ARG A NE  1 
ATOM   46   C CZ  . ARG A 1 17  ? -29.942 -6.800  8.112   1.00 58.71 ? 17   ARG A CZ  1 
ATOM   47   N NH1 . ARG A 1 17  ? -29.342 -7.388  7.088   1.00 65.03 ? 17   ARG A NH1 1 
ATOM   48   N NH2 . ARG A 1 17  ? -29.330 -6.738  9.286   1.00 72.02 ? 17   ARG A NH2 1 
ATOM   49   N N   . GLU A 1 18  ? -32.027 -5.527  1.943   1.00 19.96 ? 18   GLU A N   1 
ATOM   50   C CA  . GLU A 1 18  ? -31.368 -6.392  0.969   1.00 25.84 ? 18   GLU A CA  1 
ATOM   51   C C   . GLU A 1 18  ? -30.535 -5.584  -0.018  1.00 32.13 ? 18   GLU A C   1 
ATOM   52   O O   . GLU A 1 18  ? -29.417 -5.967  -0.359  1.00 23.06 ? 18   GLU A O   1 
ATOM   53   C CB  . GLU A 1 18  ? -32.395 -7.232  0.206   1.00 33.05 ? 18   GLU A CB  1 
ATOM   54   C CG  . GLU A 1 18  ? -33.172 -8.210  1.067   1.00 37.35 ? 18   GLU A CG  1 
ATOM   55   C CD  . GLU A 1 18  ? -34.101 -9.092  0.251   1.00 49.79 ? 18   GLU A CD  1 
ATOM   56   O OE1 . GLU A 1 18  ? -33.921 -9.168  -0.984  1.00 38.59 ? 18   GLU A OE1 1 
ATOM   57   O OE2 . GLU A 1 18  ? -35.010 -9.708  0.844   1.00 40.51 ? 18   GLU A OE2 1 
ATOM   58   N N   . GLN A 1 19  ? -31.091 -4.469  -0.479  1.00 23.01 ? 19   GLN A N   1 
ATOM   59   C CA  . GLN A 1 19  ? -30.397 -3.619  -1.435  1.00 24.49 ? 19   GLN A CA  1 
ATOM   60   C C   . GLN A 1 19  ? -29.147 -3.009  -0.808  1.00 23.88 ? 19   GLN A C   1 
ATOM   61   O O   . GLN A 1 19  ? -28.094 -2.938  -1.445  1.00 28.64 ? 19   GLN A O   1 
ATOM   62   C CB  . GLN A 1 19  ? -31.322 -2.519  -1.951  1.00 21.18 ? 19   GLN A CB  1 
ATOM   63   C CG  . GLN A 1 19  ? -30.724 -1.694  -3.079  1.00 34.49 ? 19   GLN A CG  1 
ATOM   64   C CD  . GLN A 1 19  ? -31.702 -0.684  -3.641  1.00 45.41 ? 19   GLN A CD  1 
ATOM   65   O OE1 . GLN A 1 19  ? -32.638 -0.267  -2.962  1.00 50.12 ? 19   GLN A OE1 1 
ATOM   66   N NE2 . GLN A 1 19  ? -31.493 -0.292  -4.892  1.00 49.84 ? 19   GLN A NE2 1 
ATOM   67   N N   . GLN A 1 20  ? -29.266 -2.571  0.442   1.00 19.95 ? 20   GLN A N   1 
ATOM   68   C CA  . GLN A 1 20  ? -28.121 -2.028  1.162   1.00 16.61 ? 20   GLN A CA  1 
ATOM   69   C C   . GLN A 1 20  ? -27.061 -3.111  1.364   1.00 16.08 ? 20   GLN A C   1 
ATOM   70   O O   . GLN A 1 20  ? -25.865 -2.829  1.350   1.00 19.62 ? 20   GLN A O   1 
ATOM   71   C CB  . GLN A 1 20  ? -28.554 -1.454  2.514   1.00 20.40 ? 20   GLN A CB  1 
ATOM   72   C CG  . GLN A 1 20  ? -27.534 -0.511  3.132   1.00 18.31 ? 20   GLN A CG  1 
ATOM   73   C CD  . GLN A 1 20  ? -27.368 0.766   2.333   1.00 19.93 ? 20   GLN A CD  1 
ATOM   74   O OE1 . GLN A 1 20  ? -28.337 1.484   2.080   1.00 20.29 ? 20   GLN A OE1 1 
ATOM   75   N NE2 . GLN A 1 20  ? -26.137 1.054   1.925   1.00 17.95 ? 20   GLN A NE2 1 
ATOM   76   N N   . GLU A 1 21  ? -27.511 -4.348  1.560   1.00 19.51 ? 21   GLU A N   1 
ATOM   77   C CA  . GLU A 1 21  ? -26.604 -5.487  1.681   1.00 20.27 ? 21   GLU A CA  1 
ATOM   78   C C   . GLU A 1 21  ? -25.874 -5.745  0.366   1.00 21.57 ? 21   GLU A C   1 
ATOM   79   O O   . GLU A 1 21  ? -24.671 -6.007  0.350   1.00 18.31 ? 21   GLU A O   1 
ATOM   80   C CB  . GLU A 1 21  ? -27.365 -6.741  2.113   1.00 18.30 ? 21   GLU A CB  1 
ATOM   81   C CG  . GLU A 1 21  ? -27.761 -6.755  3.582   1.00 25.71 ? 21   GLU A CG  1 
ATOM   82   C CD  . GLU A 1 21  ? -28.714 -7.888  3.917   1.00 39.20 ? 21   GLU A CD  1 
ATOM   83   O OE1 . GLU A 1 21  ? -29.191 -8.566  2.982   1.00 34.93 ? 21   GLU A OE1 1 
ATOM   84   O OE2 . GLU A 1 21  ? -28.985 -8.100  5.116   1.00 35.87 ? 21   GLU A OE2 1 
ATOM   85   N N   . ILE A 1 22  ? -26.606 -5.671  -0.738  1.00 15.76 ? 22   ILE A N   1 
ATOM   86   C CA  . ILE A 1 22  ? -26.003 -5.853  -2.054  1.00 18.67 ? 22   ILE A CA  1 
ATOM   87   C C   . ILE A 1 22  ? -25.017 -4.733  -2.369  1.00 17.95 ? 22   ILE A C   1 
ATOM   88   O O   . ILE A 1 22  ? -23.976 -4.970  -2.985  1.00 24.30 ? 22   ILE A O   1 
ATOM   89   C CB  . ILE A 1 22  ? -27.069 -5.936  -3.158  1.00 32.54 ? 22   ILE A CB  1 
ATOM   90   C CG1 . ILE A 1 22  ? -27.843 -7.246  -3.030  1.00 39.41 ? 22   ILE A CG1 1 
ATOM   91   C CG2 . ILE A 1 22  ? -26.421 -5.846  -4.529  1.00 36.04 ? 22   ILE A CG2 1 
ATOM   92   C CD1 . ILE A 1 22  ? -26.978 -8.481  -3.170  1.00 47.74 ? 22   ILE A CD1 1 
ATOM   93   N N   . ILE A 1 23  ? -25.349 -3.517  -1.944  1.00 21.24 ? 23   ILE A N   1 
ATOM   94   C CA  . ILE A 1 23  ? -24.463 -2.373  -2.134  1.00 27.71 ? 23   ILE A CA  1 
ATOM   95   C C   . ILE A 1 23  ? -23.169 -2.563  -1.349  1.00 22.26 ? 23   ILE A C   1 
ATOM   96   O O   . ILE A 1 23  ? -22.080 -2.286  -1.855  1.00 22.82 ? 23   ILE A O   1 
ATOM   97   C CB  . ILE A 1 23  ? -25.148 -1.056  -1.722  1.00 18.61 ? 23   ILE A CB  1 
ATOM   98   C CG1 . ILE A 1 23  ? -26.177 -0.643  -2.780  1.00 22.34 ? 23   ILE A CG1 1 
ATOM   99   C CG2 . ILE A 1 23  ? -24.121 0.054   -1.531  1.00 16.73 ? 23   ILE A CG2 1 
ATOM   100  C CD1 . ILE A 1 23  ? -27.103 0.452   -2.330  1.00 26.98 ? 23   ILE A CD1 1 
ATOM   101  N N   . THR A 1 24  ? -23.295 -3.042  -0.113  1.00 19.84 ? 24   THR A N   1 
ATOM   102  C CA  . THR A 1 24  ? -22.129 -3.333  0.713   1.00 20.21 ? 24   THR A CA  1 
ATOM   103  C C   . THR A 1 24  ? -21.273 -4.404  0.041   1.00 20.16 ? 24   THR A C   1 
ATOM   104  O O   . THR A 1 24  ? -20.060 -4.256  -0.073  1.00 18.41 ? 24   THR A O   1 
ATOM   105  C CB  . THR A 1 24  ? -22.532 -3.799  2.133   1.00 12.36 ? 24   THR A CB  1 
ATOM   106  O OG1 . THR A 1 24  ? -23.437 -2.851  2.716   1.00 18.31 ? 24   THR A OG1 1 
ATOM   107  C CG2 . THR A 1 24  ? -21.303 -3.922  3.023   1.00 19.21 ? 24   THR A CG2 1 
ATOM   108  N N   . ARG A 1 25  ? -21.919 -5.476  -0.409  1.00 19.23 ? 25   ARG A N   1 
ATOM   109  C CA  . ARG A 1 25  ? -21.231 -6.559  -1.106  1.00 25.05 ? 25   ARG A CA  1 
ATOM   110  C C   . ARG A 1 25  ? -20.560 -6.054  -2.375  1.00 21.70 ? 25   ARG A C   1 
ATOM   111  O O   . ARG A 1 25  ? -19.424 -6.414  -2.672  1.00 14.82 ? 25   ARG A O   1 
ATOM   112  C CB  . ARG A 1 25  ? -22.212 -7.676  -1.470  1.00 22.81 ? 25   ARG A CB  1 
ATOM   113  C CG  . ARG A 1 25  ? -22.771 -8.435  -0.283  1.00 34.48 ? 25   ARG A CG  1 
ATOM   114  C CD  . ARG A 1 25  ? -23.870 -9.385  -0.729  1.00 47.71 ? 25   ARG A CD  1 
ATOM   115  N NE  . ARG A 1 25  ? -24.232 -10.331 0.321   1.00 65.15 ? 25   ARG A NE  1 
ATOM   116  C CZ  . ARG A 1 25  ? -23.588 -11.470 0.545   1.00 94.03 ? 25   ARG A CZ  1 
ATOM   117  N NH1 . ARG A 1 25  ? -22.544 -11.800 -0.206  1.00 74.37 ? 25   ARG A NH1 1 
ATOM   118  N NH2 . ARG A 1 25  ? -23.982 -12.279 1.519   1.00 89.28 ? 25   ARG A NH2 1 
ATOM   119  N N   . GLN A 1 26  ? -21.278 -5.222  -3.122  1.00 18.68 ? 26   GLN A N   1 
ATOM   120  C CA  . GLN A 1 26  ? -20.771 -4.683  -4.375  1.00 18.73 ? 26   GLN A CA  1 
ATOM   121  C C   . GLN A 1 26  ? -19.490 -3.890  -4.142  1.00 21.54 ? 26   GLN A C   1 
ATOM   122  O O   . GLN A 1 26  ? -18.507 -4.045  -4.865  1.00 17.38 ? 26   GLN A O   1 
ATOM   123  C CB  . GLN A 1 26  ? -21.835 -3.799  -5.028  1.00 17.40 ? 26   GLN A CB  1 
ATOM   124  C CG  . GLN A 1 26  ? -21.638 -3.565  -6.509  1.00 26.26 ? 26   GLN A CG  1 
ATOM   125  C CD  . GLN A 1 26  ? -22.822 -2.857  -7.133  1.00 26.28 ? 26   GLN A CD  1 
ATOM   126  O OE1 . GLN A 1 26  ? -23.298 -1.850  -6.611  1.00 24.50 ? 26   GLN A OE1 1 
ATOM   127  N NE2 . GLN A 1 26  ? -23.315 -3.391  -8.246  1.00 24.00 ? 26   GLN A NE2 1 
ATOM   128  N N   . ILE A 1 27  ? -19.503 -3.039  -3.125  1.00 15.93 ? 27   ILE A N   1 
ATOM   129  C CA  . ILE A 1 27  ? -18.318 -2.269  -2.767  1.00 15.30 ? 27   ILE A CA  1 
ATOM   130  C C   . ILE A 1 27  ? -17.134 -3.177  -2.424  1.00 15.63 ? 27   ILE A C   1 
ATOM   131  O O   . ILE A 1 27  ? -15.997 -2.900  -2.803  1.00 21.59 ? 27   ILE A O   1 
ATOM   132  C CB  . ILE A 1 27  ? -18.611 -1.322  -1.589  1.00 21.23 ? 27   ILE A CB  1 
ATOM   133  C CG1 . ILE A 1 27  ? -19.567 -0.213  -2.037  1.00 14.30 ? 27   ILE A CG1 1 
ATOM   134  C CG2 . ILE A 1 27  ? -17.317 -0.737  -1.039  1.00 24.62 ? 27   ILE A CG2 1 
ATOM   135  C CD1 . ILE A 1 27  ? -20.110 0.642   -0.903  1.00 16.01 ? 27   ILE A CD1 1 
ATOM   136  N N   . ASN A 1 28  ? -17.410 -4.265  -1.712  1.00 17.91 ? 28   ASN A N   1 
ATOM   137  C CA  . ASN A 1 28  ? -16.364 -5.196  -1.297  1.00 24.63 ? 28   ASN A CA  1 
ATOM   138  C C   . ASN A 1 28  ? -15.881 -6.094  -2.430  1.00 21.46 ? 28   ASN A C   1 
ATOM   139  O O   . ASN A 1 28  ? -14.798 -6.668  -2.355  1.00 20.75 ? 28   ASN A O   1 
ATOM   140  C CB  . ASN A 1 28  ? -16.846 -6.062  -0.128  1.00 17.29 ? 28   ASN A CB  1 
ATOM   141  C CG  . ASN A 1 28  ? -16.778 -5.340  1.202   1.00 24.30 ? 28   ASN A CG  1 
ATOM   142  O OD1 . ASN A 1 28  ? -15.774 -4.708  1.527   1.00 27.05 ? 28   ASN A OD1 1 
ATOM   143  N ND2 . ASN A 1 28  ? -17.849 -5.428  1.978   1.00 18.31 ? 28   ASN A ND2 1 
ATOM   144  N N   . THR A 1 29  ? -16.693 -6.211  -3.477  1.00 16.85 ? 29   THR A N   1 
ATOM   145  C CA  . THR A 1 29  ? -16.414 -7.136  -4.570  1.00 14.88 ? 29   THR A CA  1 
ATOM   146  C C   . THR A 1 29  ? -15.889 -6.435  -5.823  1.00 20.98 ? 29   THR A C   1 
ATOM   147  O O   . THR A 1 29  ? -15.147 -7.025  -6.606  1.00 18.23 ? 29   THR A O   1 
ATOM   148  C CB  . THR A 1 29  ? -17.678 -7.946  -4.940  1.00 21.26 ? 29   THR A CB  1 
ATOM   149  O OG1 . THR A 1 29  ? -18.152 -8.641  -3.781  1.00 24.81 ? 29   THR A OG1 1 
ATOM   150  C CG2 . THR A 1 29  ? -17.370 -8.957  -6.038  1.00 30.55 ? 29   THR A CG2 1 
ATOM   151  N N   . ALA A 1 30  ? -16.277 -5.178  -6.011  1.00 21.50 ? 30   ALA A N   1 
ATOM   152  C CA  . ALA A 1 30  ? -15.859 -4.421  -7.190  1.00 17.30 ? 30   ALA A CA  1 
ATOM   153  C C   . ALA A 1 30  ? -14.342 -4.430  -7.424  1.00 15.42 ? 30   ALA A C   1 
ATOM   154  O O   . ALA A 1 30  ? -13.890 -4.485  -8.566  1.00 19.58 ? 30   ALA A O   1 
ATOM   155  C CB  . ALA A 1 30  ? -16.390 -2.988  -7.127  1.00 16.28 ? 30   ALA A CB  1 
ATOM   156  N N   . PRO A 1 31  ? -13.546 -4.368  -6.344  1.00 16.62 ? 31   PRO A N   1 
ATOM   157  C CA  . PRO A 1 31  ? -12.091 -4.370  -6.541  1.00 15.77 ? 31   PRO A CA  1 
ATOM   158  C C   . PRO A 1 31  ? -11.543 -5.661  -7.160  1.00 18.16 ? 31   PRO A C   1 
ATOM   159  O O   . PRO A 1 31  ? -10.378 -5.683  -7.556  1.00 24.07 ? 31   PRO A O   1 
ATOM   160  C CB  . PRO A 1 31  ? -11.549 -4.196  -5.118  1.00 14.86 ? 31   PRO A CB  1 
ATOM   161  C CG  . PRO A 1 31  ? -12.641 -3.482  -4.392  1.00 22.88 ? 31   PRO A CG  1 
ATOM   162  C CD  . PRO A 1 31  ? -13.908 -4.057  -4.950  1.00 13.26 ? 31   PRO A CD  1 
ATOM   163  N N   . TYR A 1 32  ? -12.356 -6.708  -7.244  1.00 17.17 ? 32   TYR A N   1 
ATOM   164  C CA  . TYR A 1 32  ? -11.883 -7.984  -7.778  1.00 16.63 ? 32   TYR A CA  1 
ATOM   165  C C   . TYR A 1 32  ? -12.145 -8.139  -9.273  1.00 21.88 ? 32   TYR A C   1 
ATOM   166  O O   . TYR A 1 32  ? -11.721 -9.119  -9.880  1.00 20.61 ? 32   TYR A O   1 
ATOM   167  C CB  . TYR A 1 32  ? -12.478 -9.162  -6.999  1.00 19.36 ? 32   TYR A CB  1 
ATOM   168  C CG  . TYR A 1 32  ? -12.020 -9.216  -5.560  1.00 34.09 ? 32   TYR A CG  1 
ATOM   169  C CD1 . TYR A 1 32  ? -10.823 -9.828  -5.215  1.00 30.38 ? 32   TYR A CD1 1 
ATOM   170  C CD2 . TYR A 1 32  ? -12.783 -8.650  -4.548  1.00 26.73 ? 32   TYR A CD2 1 
ATOM   171  C CE1 . TYR A 1 32  ? -10.401 -9.877  -3.901  1.00 34.78 ? 32   TYR A CE1 1 
ATOM   172  C CE2 . TYR A 1 32  ? -12.371 -8.694  -3.233  1.00 24.26 ? 32   TYR A CE2 1 
ATOM   173  C CZ  . TYR A 1 32  ? -11.179 -9.308  -2.914  1.00 31.80 ? 32   TYR A CZ  1 
ATOM   174  O OH  . TYR A 1 32  ? -10.764 -9.354  -1.606  1.00 31.89 ? 32   TYR A OH  1 
ATOM   175  N N   . VAL A 1 33  ? -12.840 -7.171  -9.864  1.00 22.62 ? 33   VAL A N   1 
ATOM   176  C CA  . VAL A 1 33  ? -13.026 -7.145  -11.311 1.00 20.96 ? 33   VAL A CA  1 
ATOM   177  C C   . VAL A 1 33  ? -11.685 -6.867  -11.994 1.00 18.27 ? 33   VAL A C   1 
ATOM   178  O O   . VAL A 1 33  ? -10.842 -6.154  -11.451 1.00 21.52 ? 33   VAL A O   1 
ATOM   179  C CB  . VAL A 1 33  ? -14.086 -6.101  -11.726 1.00 27.34 ? 33   VAL A CB  1 
ATOM   180  C CG1 . VAL A 1 33  ? -14.202 -6.015  -13.241 1.00 18.59 ? 33   VAL A CG1 1 
ATOM   181  C CG2 . VAL A 1 33  ? -15.433 -6.456  -11.113 1.00 21.46 ? 33   VAL A CG2 1 
ATOM   182  N N   . GLN A 1 34  ? -11.490 -7.434  -13.179 1.00 21.03 ? 34   GLN A N   1 
ATOM   183  C CA  . GLN A 1 34  ? -10.174 -7.448  -13.826 1.00 30.60 ? 34   GLN A CA  1 
ATOM   184  C C   . GLN A 1 34  ? -9.534  -6.080  -14.096 1.00 32.92 ? 34   GLN A C   1 
ATOM   185  O O   . GLN A 1 34  ? -8.310  -5.960  -14.091 1.00 32.76 ? 34   GLN A O   1 
ATOM   186  C CB  . GLN A 1 34  ? -10.215 -8.286  -15.107 1.00 33.47 ? 34   GLN A CB  1 
ATOM   187  C CG  . GLN A 1 34  ? -10.350 -9.778  -14.845 1.00 35.65 ? 34   GLN A CG  1 
ATOM   188  C CD  . GLN A 1 34  ? -10.567 -10.574 -16.113 1.00 50.13 ? 34   GLN A CD  1 
ATOM   189  O OE1 . GLN A 1 34  ? -10.463 -10.044 -17.219 1.00 28.49 ? 34   GLN A OE1 1 
ATOM   190  N NE2 . GLN A 1 34  ? -10.875 -11.857 -15.960 1.00 40.91 ? 34   GLN A NE2 1 
ATOM   191  N N   . ASP A 1 35  ? -10.347 -5.058  -14.335 1.00 23.77 ? 35   ASP A N   1 
ATOM   192  C CA  . ASP A 1 35  ? -9.801  -3.725  -14.571 1.00 24.23 ? 35   ASP A CA  1 
ATOM   193  C C   . ASP A 1 35  ? -10.023 -2.810  -13.374 1.00 27.02 ? 35   ASP A C   1 
ATOM   194  O O   . ASP A 1 35  ? -10.007 -1.583  -13.504 1.00 21.17 ? 35   ASP A O   1 
ATOM   195  C CB  . ASP A 1 35  ? -10.395 -3.103  -15.838 1.00 31.94 ? 35   ASP A CB  1 
ATOM   196  C CG  . ASP A 1 35  ? -11.842 -2.692  -15.664 1.00 28.62 ? 35   ASP A CG  1 
ATOM   197  O OD1 . ASP A 1 35  ? -12.579 -3.392  -14.937 1.00 36.75 ? 35   ASP A OD1 1 
ATOM   198  O OD2 . ASP A 1 35  ? -12.239 -1.664  -16.255 1.00 26.19 ? 35   ASP A OD2 1 
ATOM   199  N N   . ALA A 1 36  ? -10.227 -3.412  -12.208 1.00 19.12 ? 36   ALA A N   1 
ATOM   200  C CA  . ALA A 1 36  ? -10.417 -2.647  -10.986 1.00 18.57 ? 36   ALA A CA  1 
ATOM   201  C C   . ALA A 1 36  ? -9.131  -1.932  -10.599 1.00 23.82 ? 36   ALA A C   1 
ATOM   202  O O   . ALA A 1 36  ? -8.037  -2.320  -11.014 1.00 20.30 ? 36   ALA A O   1 
ATOM   203  C CB  . ALA A 1 36  ? -10.882 -3.556  -9.851  1.00 22.39 ? 36   ALA A CB  1 
ATOM   204  N N   . MET A 1 37  ? -9.271  -0.878  -9.805  1.00 18.38 ? 37   MET A N   1 
ATOM   205  C CA  . MET A 1 37  ? -8.116  -0.163  -9.294  1.00 17.69 ? 37   MET A CA  1 
ATOM   206  C C   . MET A 1 37  ? -7.607  -0.802  -8.010  1.00 17.96 ? 37   MET A C   1 
ATOM   207  O O   . MET A 1 37  ? -8.382  -1.332  -7.212  1.00 22.39 ? 37   MET A O   1 
ATOM   208  C CB  . MET A 1 37  ? -8.458  1.310   -9.054  1.00 19.96 ? 37   MET A CB  1 
ATOM   209  C CG  . MET A 1 37  ? -8.820  2.071   -10.317 1.00 18.54 ? 37   MET A CG  1 
ATOM   210  S SD  . MET A 1 37  ? -7.461  2.154   -11.501 1.00 21.94 ? 37   MET A SD  1 
ATOM   211  C CE  . MET A 1 37  ? -6.332  3.227   -10.622 1.00 25.01 ? 37   MET A CE  1 
ATOM   212  N N   . MET A 1 38  ? -6.292  -0.764  -7.832  1.00 23.87 ? 38   MET A N   1 
ATOM   213  C CA  . MET A 1 38  ? -5.673  -1.125  -6.566  1.00 16.87 ? 38   MET A CA  1 
ATOM   214  C C   . MET A 1 38  ? -5.095  0.141   -5.953  1.00 18.20 ? 38   MET A C   1 
ATOM   215  O O   . MET A 1 38  ? -4.939  1.155   -6.636  1.00 17.30 ? 38   MET A O   1 
ATOM   216  C CB  . MET A 1 38  ? -4.578  -2.174  -6.773  1.00 18.06 ? 38   MET A CB  1 
ATOM   217  C CG  . MET A 1 38  ? -5.104  -3.570  -7.072  1.00 16.87 ? 38   MET A CG  1 
ATOM   218  S SD  . MET A 1 38  ? -3.814  -4.687  -7.655  1.00 21.80 ? 38   MET A SD  1 
ATOM   219  C CE  . MET A 1 38  ? -3.503  -3.991  -9.275  1.00 26.13 ? 38   MET A CE  1 
ATOM   220  N N   . ARG A 1 39  ? -4.791  0.097   -4.663  1.00 17.73 ? 39   ARG A N   1 
ATOM   221  C CA  . ARG A 1 39  ? -4.264  1.277   -3.999  1.00 16.76 ? 39   ARG A CA  1 
ATOM   222  C C   . ARG A 1 39  ? -3.188  0.907   -2.999  1.00 13.94 ? 39   ARG A C   1 
ATOM   223  O O   . ARG A 1 39  ? -3.433  0.161   -2.050  1.00 16.43 ? 39   ARG A O   1 
ATOM   224  C CB  . ARG A 1 39  ? -5.384  2.058   -3.309  1.00 18.77 ? 39   ARG A CB  1 
ATOM   225  C CG  . ARG A 1 39  ? -4.977  3.460   -2.879  1.00 17.73 ? 39   ARG A CG  1 
ATOM   226  C CD  . ARG A 1 39  ? -6.193  4.277   -2.493  1.00 19.55 ? 39   ARG A CD  1 
ATOM   227  N NE  . ARG A 1 39  ? -5.873  5.689   -2.313  1.00 18.56 ? 39   ARG A NE  1 
ATOM   228  C CZ  . ARG A 1 39  ? -6.786  6.650   -2.232  1.00 22.69 ? 39   ARG A CZ  1 
ATOM   229  N NH1 . ARG A 1 39  ? -8.077  6.351   -2.323  1.00 22.03 ? 39   ARG A NH1 1 
ATOM   230  N NH2 . ARG A 1 39  ? -6.413  7.912   -2.070  1.00 22.99 ? 39   ARG A NH2 1 
ATOM   231  N N   . VAL A 1 40  ? -1.990  1.429   -3.227  1.00 15.81 ? 40   VAL A N   1 
ATOM   232  C CA  . VAL A 1 40  ? -0.880  1.217   -2.312  1.00 17.08 ? 40   VAL A CA  1 
ATOM   233  C C   . VAL A 1 40  ? -0.415  2.566   -1.802  1.00 17.92 ? 40   VAL A C   1 
ATOM   234  O O   . VAL A 1 40  ? -0.224  3.501   -2.580  1.00 18.46 ? 40   VAL A O   1 
ATOM   235  C CB  . VAL A 1 40  ? 0.288   0.484   -2.997  1.00 12.13 ? 40   VAL A CB  1 
ATOM   236  C CG1 . VAL A 1 40  ? 1.506   0.450   -2.083  1.00 18.58 ? 40   VAL A CG1 1 
ATOM   237  C CG2 . VAL A 1 40  ? -0.126  -0.925  -3.371  1.00 13.43 ? 40   VAL A CG2 1 
ATOM   238  N N   . VAL A 1 41  ? -0.260  2.674   -0.489  1.00 15.79 ? 41   VAL A N   1 
ATOM   239  C CA  . VAL A 1 41  ? 0.189   3.917   0.109   1.00 15.52 ? 41   VAL A CA  1 
ATOM   240  C C   . VAL A 1 41  ? 1.380   3.676   1.020   1.00 11.99 ? 41   VAL A C   1 
ATOM   241  O O   . VAL A 1 41  ? 1.371   2.764   1.850   1.00 16.39 ? 41   VAL A O   1 
ATOM   242  C CB  . VAL A 1 41  ? -0.930  4.597   0.914   1.00 18.17 ? 41   VAL A CB  1 
ATOM   243  C CG1 . VAL A 1 41  ? -0.458  5.951   1.430   1.00 15.27 ? 41   VAL A CG1 1 
ATOM   244  C CG2 . VAL A 1 41  ? -2.186  4.751   0.055   1.00 13.69 ? 41   VAL A CG2 1 
ATOM   245  N N   . VAL A 1 42  ? 2.408   4.500   0.851   1.00 14.70 ? 42   VAL A N   1 
ATOM   246  C CA  . VAL A 1 42  ? 3.567   4.471   1.725   1.00 15.60 ? 42   VAL A CA  1 
ATOM   247  C C   . VAL A 1 42  ? 3.516   5.696   2.632   1.00 17.06 ? 42   VAL A C   1 
ATOM   248  O O   . VAL A 1 42  ? 3.669   6.829   2.170   1.00 19.22 ? 42   VAL A O   1 
ATOM   249  C CB  . VAL A 1 42  ? 4.881   4.475   0.920   1.00 15.21 ? 42   VAL A CB  1 
ATOM   250  C CG1 . VAL A 1 42  ? 6.082   4.409   1.859   1.00 20.84 ? 42   VAL A CG1 1 
ATOM   251  C CG2 . VAL A 1 42  ? 4.903   3.315   -0.068  1.00 15.92 ? 42   VAL A CG2 1 
ATOM   252  N N   . PHE A 1 43  ? 3.279   5.467   3.919   1.00 17.31 ? 43   PHE A N   1 
ATOM   253  C CA  . PHE A 1 43  ? 3.199   6.550   4.894   1.00 15.27 ? 43   PHE A CA  1 
ATOM   254  C C   . PHE A 1 43  ? 4.540   6.706   5.590   1.00 20.32 ? 43   PHE A C   1 
ATOM   255  O O   . PHE A 1 43  ? 4.954   5.817   6.328   1.00 18.33 ? 43   PHE A O   1 
ATOM   256  C CB  . PHE A 1 43  ? 2.153   6.236   5.968   1.00 18.46 ? 43   PHE A CB  1 
ATOM   257  C CG  . PHE A 1 43  ? 0.742   6.179   5.465   1.00 19.55 ? 43   PHE A CG  1 
ATOM   258  C CD1 . PHE A 1 43  ? 0.001   7.339   5.310   1.00 20.71 ? 43   PHE A CD1 1 
ATOM   259  C CD2 . PHE A 1 43  ? 0.139   4.961   5.189   1.00 18.37 ? 43   PHE A CD2 1 
ATOM   260  C CE1 . PHE A 1 43  ? -1.306  7.288   4.868   1.00 16.58 ? 43   PHE A CE1 1 
ATOM   261  C CE2 . PHE A 1 43  ? -1.167  4.903   4.747   1.00 17.06 ? 43   PHE A CE2 1 
ATOM   262  C CZ  . PHE A 1 43  ? -1.893  6.069   4.590   1.00 18.00 ? 43   PHE A CZ  1 
ATOM   263  N N   . ALA A 1 44  ? 5.211   7.832   5.370   1.00 19.62 ? 44   ALA A N   1 
ATOM   264  C CA  . ALA A 1 44  ? 6.481   8.105   6.040   1.00 24.00 ? 44   ALA A CA  1 
ATOM   265  C C   . ALA A 1 44  ? 6.253   8.855   7.350   1.00 19.37 ? 44   ALA A C   1 
ATOM   266  O O   . ALA A 1 44  ? 5.558   9.870   7.375   1.00 18.26 ? 44   ALA A O   1 
ATOM   267  C CB  . ALA A 1 44  ? 7.412   8.895   5.126   1.00 20.92 ? 44   ALA A CB  1 
ATOM   268  N N   . GLN A 1 45  ? 6.836   8.348   8.432   1.00 20.10 ? 45   GLN A N   1 
ATOM   269  C CA  . GLN A 1 45  ? 6.708   8.971   9.747   1.00 24.27 ? 45   GLN A CA  1 
ATOM   270  C C   . GLN A 1 45  ? 7.991   9.698   10.140  1.00 21.70 ? 45   GLN A C   1 
ATOM   271  O O   . GLN A 1 45  ? 9.078   9.123   10.086  1.00 22.59 ? 45   GLN A O   1 
ATOM   272  C CB  . GLN A 1 45  ? 6.381   7.919   10.809  1.00 19.46 ? 45   GLN A CB  1 
ATOM   273  C CG  . GLN A 1 45  ? 6.428   8.450   12.233  1.00 19.55 ? 45   GLN A CG  1 
ATOM   274  C CD  . GLN A 1 45  ? 6.464   7.349   13.274  1.00 21.49 ? 45   GLN A CD  1 
ATOM   275  O OE1 . GLN A 1 45  ? 6.861   6.220   12.987  1.00 26.80 ? 45   GLN A OE1 1 
ATOM   276  N NE2 . GLN A 1 45  ? 6.047   7.673   14.491  1.00 32.85 ? 45   GLN A NE2 1 
ATOM   277  N N   . TYR A 1 46  ? 7.860   10.955  10.549  1.00 21.75 ? 46   TYR A N   1 
ATOM   278  C CA  . TYR A 1 46  ? 9.016   11.757  10.934  1.00 23.09 ? 46   TYR A CA  1 
ATOM   279  C C   . TYR A 1 46  ? 9.002   12.061  12.427  1.00 28.83 ? 46   TYR A C   1 
ATOM   280  O O   . TYR A 1 46  ? 7.940   12.081  13.049  1.00 25.61 ? 46   TYR A O   1 
ATOM   281  C CB  . TYR A 1 46  ? 9.067   13.053  10.118  1.00 21.25 ? 46   TYR A CB  1 
ATOM   282  C CG  . TYR A 1 46  ? 9.090   12.810  8.627   1.00 19.57 ? 46   TYR A CG  1 
ATOM   283  C CD1 . TYR A 1 46  ? 10.282  12.555  7.964   1.00 22.29 ? 46   TYR A CD1 1 
ATOM   284  C CD2 . TYR A 1 46  ? 7.918   12.819  7.887   1.00 21.11 ? 46   TYR A CD2 1 
ATOM   285  C CE1 . TYR A 1 46  ? 10.307  12.325  6.606   1.00 21.38 ? 46   TYR A CE1 1 
ATOM   286  C CE2 . TYR A 1 46  ? 7.932   12.590  6.528   1.00 24.69 ? 46   TYR A CE2 1 
ATOM   287  C CZ  . TYR A 1 46  ? 9.129   12.341  5.892   1.00 23.54 ? 46   TYR A CZ  1 
ATOM   288  O OH  . TYR A 1 46  ? 9.148   12.110  4.535   1.00 20.86 ? 46   TYR A OH  1 
ATOM   289  N N   . PRO A 1 47  ? 10.191  12.289  13.005  1.00 30.75 ? 47   PRO A N   1 
ATOM   290  C CA  . PRO A 1 47  ? 10.353  12.611  14.428  1.00 33.90 ? 47   PRO A CA  1 
ATOM   291  C C   . PRO A 1 47  ? 9.504   13.810  14.840  1.00 25.88 ? 47   PRO A C   1 
ATOM   292  O O   . PRO A 1 47  ? 9.093   13.911  15.995  1.00 29.21 ? 47   PRO A O   1 
ATOM   293  C CB  . PRO A 1 47  ? 11.840  12.965  14.533  1.00 34.35 ? 47   PRO A CB  1 
ATOM   294  C CG  . PRO A 1 47  ? 12.482  12.203  13.426  1.00 31.17 ? 47   PRO A CG  1 
ATOM   295  C CD  . PRO A 1 47  ? 11.485  12.202  12.305  1.00 29.81 ? 47   PRO A CD  1 
ATOM   296  N N   . SER A 1 48  ? 9.253   14.706  13.892  1.00 25.79 ? 48   SER A N   1 
ATOM   297  C CA  . SER A 1 48  ? 8.459   15.901  14.146  1.00 35.91 ? 48   SER A CA  1 
ATOM   298  C C   . SER A 1 48  ? 7.021   15.555  14.523  1.00 35.91 ? 48   SER A C   1 
ATOM   299  O O   . SER A 1 48  ? 6.312   16.370  15.112  1.00 35.13 ? 48   SER A O   1 
ATOM   300  C CB  . SER A 1 48  ? 8.456   16.798  12.909  1.00 27.85 ? 48   SER A CB  1 
ATOM   301  O OG  . SER A 1 48  ? 7.913   16.108  11.793  1.00 28.96 ? 48   SER A OG  1 
ATOM   302  N N   . GLY A 1 49  ? 6.596   14.346  14.179  1.00 27.22 ? 49   GLY A N   1 
ATOM   303  C CA  . GLY A 1 49  ? 5.217   13.940  14.374  1.00 26.26 ? 49   GLY A CA  1 
ATOM   304  C C   . GLY A 1 49  ? 4.431   14.077  13.084  1.00 22.69 ? 49   GLY A C   1 
ATOM   305  O O   . GLY A 1 49  ? 3.291   13.619  12.982  1.00 27.39 ? 49   GLY A O   1 
ATOM   306  N N   . ARG A 1 50  ? 5.050   14.714  12.095  1.00 22.99 ? 50   ARG A N   1 
ATOM   307  C CA  . ARG A 1 50  ? 4.444   14.872  10.779  1.00 19.17 ? 50   ARG A CA  1 
ATOM   308  C C   . ARG A 1 50  ? 4.612   13.594  9.965   1.00 18.87 ? 50   ARG A C   1 
ATOM   309  O O   . ARG A 1 50  ? 5.466   12.764  10.267  1.00 20.63 ? 50   ARG A O   1 
ATOM   310  C CB  . ARG A 1 50  ? 5.086   16.043  10.033  1.00 27.55 ? 50   ARG A CB  1 
ATOM   311  C CG  . ARG A 1 50  ? 5.057   17.355  10.795  1.00 29.92 ? 50   ARG A CG  1 
ATOM   312  C CD  . ARG A 1 50  ? 5.600   18.494  9.948   1.00 32.47 ? 50   ARG A CD  1 
ATOM   313  N NE  . ARG A 1 50  ? 4.693   19.637  9.959   1.00 61.75 ? 50   ARG A NE  1 
ATOM   314  C CZ  . ARG A 1 50  ? 3.760   19.858  9.039   1.00 62.07 ? 50   ARG A CZ  1 
ATOM   315  N NH1 . ARG A 1 50  ? 3.612   19.018  8.023   1.00 53.61 ? 50   ARG A NH1 1 
ATOM   316  N NH2 . ARG A 1 50  ? 2.976   20.924  9.134   1.00 54.02 ? 50   ARG A NH2 1 
ATOM   317  N N   . TYR A 1 51  ? 3.782   13.449  8.936   1.00 21.67 ? 51   TYR A N   1 
ATOM   318  C CA  . TYR A 1 51  ? 3.844   12.310  8.027   1.00 22.90 ? 51   TYR A CA  1 
ATOM   319  C C   . TYR A 1 51  ? 3.826   12.797  6.587   1.00 21.40 ? 51   TYR A C   1 
ATOM   320  O O   . TYR A 1 51  ? 3.312   13.876  6.291   1.00 19.72 ? 51   TYR A O   1 
ATOM   321  C CB  . TYR A 1 51  ? 2.643   11.382  8.232   1.00 21.14 ? 51   TYR A CB  1 
ATOM   322  C CG  . TYR A 1 51  ? 2.698   10.498  9.462   1.00 18.33 ? 51   TYR A CG  1 
ATOM   323  C CD1 . TYR A 1 51  ? 2.494   11.024  10.732  1.00 16.80 ? 51   TYR A CD1 1 
ATOM   324  C CD2 . TYR A 1 51  ? 2.930   9.131   9.347   1.00 21.59 ? 51   TYR A CD2 1 
ATOM   325  C CE1 . TYR A 1 51  ? 2.533   10.216  11.856  1.00 24.04 ? 51   TYR A CE1 1 
ATOM   326  C CE2 . TYR A 1 51  ? 2.967   8.313   10.467  1.00 17.84 ? 51   TYR A CE2 1 
ATOM   327  C CZ  . TYR A 1 51  ? 2.771   8.861   11.717  1.00 21.87 ? 51   TYR A CZ  1 
ATOM   328  O OH  . TYR A 1 51  ? 2.811   8.053   12.832  1.00 20.91 ? 51   TYR A OH  1 
ATOM   329  N N   . LYS A 1 52  ? 4.389   11.996  5.690   1.00 22.52 ? 52   LYS A N   1 
ATOM   330  C CA  . LYS A 1 52  ? 4.232   12.234  4.262   1.00 22.57 ? 52   LYS A CA  1 
ATOM   331  C C   . LYS A 1 52  ? 3.790   10.946  3.587   1.00 27.30 ? 52   LYS A C   1 
ATOM   332  O O   . LYS A 1 52  ? 4.365   9.884   3.820   1.00 25.43 ? 52   LYS A O   1 
ATOM   333  C CB  . LYS A 1 52  ? 5.523   12.756  3.631   1.00 22.53 ? 52   LYS A CB  1 
ATOM   334  C CG  . LYS A 1 52  ? 5.359   13.127  2.163   1.00 22.54 ? 52   LYS A CG  1 
ATOM   335  C CD  . LYS A 1 52  ? 6.397   14.139  1.699   1.00 34.99 ? 52   LYS A CD  1 
ATOM   336  C CE  . LYS A 1 52  ? 7.797   13.553  1.672   1.00 35.51 ? 52   LYS A CE  1 
ATOM   337  N NZ  . LYS A 1 52  ? 8.801   14.563  1.214   1.00 30.76 ? 52   LYS A NZ  1 
ATOM   338  N N   . ALA A 1 53  ? 2.759   11.043  2.757   1.00 21.58 ? 53   ALA A N   1 
ATOM   339  C CA  . ALA A 1 53  ? 2.196   9.862   2.121   1.00 18.05 ? 53   ALA A CA  1 
ATOM   340  C C   . ALA A 1 53  ? 2.470   9.840   0.623   1.00 26.90 ? 53   ALA A C   1 
ATOM   341  O O   . ALA A 1 53  ? 2.293   10.843  -0.068  1.00 21.34 ? 53   ALA A O   1 
ATOM   342  C CB  . ALA A 1 53  ? 0.695   9.783   2.387   1.00 17.63 ? 53   ALA A CB  1 
ATOM   343  N N   . PHE A 1 54  ? 2.926   8.690   0.138   1.00 18.62 ? 54   PHE A N   1 
ATOM   344  C CA  . PHE A 1 54  ? 3.038   8.443   -1.292  1.00 17.46 ? 54   PHE A CA  1 
ATOM   345  C C   . PHE A 1 54  ? 1.918   7.491   -1.692  1.00 23.94 ? 54   PHE A C   1 
ATOM   346  O O   . PHE A 1 54  ? 1.979   6.290   -1.423  1.00 16.55 ? 54   PHE A O   1 
ATOM   347  C CB  . PHE A 1 54  ? 4.411   7.865   -1.636  1.00 16.20 ? 54   PHE A CB  1 
ATOM   348  C CG  . PHE A 1 54  ? 5.551   8.748   -1.218  1.00 14.27 ? 54   PHE A CG  1 
ATOM   349  C CD1 . PHE A 1 54  ? 6.052   8.691   0.072   1.00 17.06 ? 54   PHE A CD1 1 
ATOM   350  C CD2 . PHE A 1 54  ? 6.101   9.661   -2.103  1.00 20.66 ? 54   PHE A CD2 1 
ATOM   351  C CE1 . PHE A 1 54  ? 7.090   9.512   0.466   1.00 16.94 ? 54   PHE A CE1 1 
ATOM   352  C CE2 . PHE A 1 54  ? 7.139   10.484  -1.715  1.00 17.18 ? 54   PHE A CE2 1 
ATOM   353  C CZ  . PHE A 1 54  ? 7.634   10.410  -0.430  1.00 20.34 ? 54   PHE A CZ  1 
ATOM   354  N N   . ASP A 1 55  ? 0.894   8.049   -2.329  1.00 16.98 ? 55   ASP A N   1 
ATOM   355  C CA  . ASP A 1 55  ? -0.363  7.354   -2.581  1.00 18.72 ? 55   ASP A CA  1 
ATOM   356  C C   . ASP A 1 55  ? -0.493  6.966   -4.051  1.00 19.11 ? 55   ASP A C   1 
ATOM   357  O O   . ASP A 1 55  ? -0.602  7.831   -4.920  1.00 22.07 ? 55   ASP A O   1 
ATOM   358  C CB  . ASP A 1 55  ? -1.516  8.274   -2.182  1.00 17.27 ? 55   ASP A CB  1 
ATOM   359  C CG  . ASP A 1 55  ? -2.856  7.571   -2.164  1.00 16.82 ? 55   ASP A CG  1 
ATOM   360  O OD1 . ASP A 1 55  ? -2.971  6.466   -2.728  1.00 20.50 ? 55   ASP A OD1 1 
ATOM   361  O OD2 . ASP A 1 55  ? -3.798  8.145   -1.584  1.00 25.60 ? 55   ASP A OD2 1 
ATOM   362  N N   . TYR A 1 56  ? -0.484  5.663   -4.323  1.00 17.77 ? 56   TYR A N   1 
ATOM   363  C CA  . TYR A 1 56  ? -0.528  5.163   -5.693  1.00 16.71 ? 56   TYR A CA  1 
ATOM   364  C C   . TYR A 1 56  ? -1.829  4.421   -5.977  1.00 15.45 ? 56   TYR A C   1 
ATOM   365  O O   . TYR A 1 56  ? -2.203  3.510   -5.244  1.00 19.02 ? 56   TYR A O   1 
ATOM   366  C CB  . TYR A 1 56  ? 0.646   4.216   -5.967  1.00 14.42 ? 56   TYR A CB  1 
ATOM   367  C CG  . TYR A 1 56  ? 2.010   4.793   -5.658  1.00 15.96 ? 56   TYR A CG  1 
ATOM   368  C CD1 . TYR A 1 56  ? 2.564   4.668   -4.393  1.00 13.95 ? 56   TYR A CD1 1 
ATOM   369  C CD2 . TYR A 1 56  ? 2.743   5.457   -6.634  1.00 15.05 ? 56   TYR A CD2 1 
ATOM   370  C CE1 . TYR A 1 56  ? 3.809   5.187   -4.102  1.00 17.11 ? 56   TYR A CE1 1 
ATOM   371  C CE2 . TYR A 1 56  ? 3.991   5.986   -6.356  1.00 20.94 ? 56   TYR A CE2 1 
ATOM   372  C CZ  . TYR A 1 56  ? 4.519   5.847   -5.085  1.00 19.40 ? 56   TYR A CZ  1 
ATOM   373  O OH  . TYR A 1 56  ? 5.758   6.367   -4.798  1.00 20.30 ? 56   TYR A OH  1 
ATOM   374  N N   . VAL A 1 57  ? -2.515  4.816   -7.043  1.00 20.70 ? 57   VAL A N   1 
ATOM   375  C CA  . VAL A 1 57  ? -3.621  4.021   -7.562  1.00 14.96 ? 57   VAL A CA  1 
ATOM   376  C C   . VAL A 1 57  ? -3.258  3.508   -8.952  1.00 17.35 ? 57   VAL A C   1 
ATOM   377  O O   . VAL A 1 57  ? -2.677  4.235   -9.757  1.00 16.63 ? 57   VAL A O   1 
ATOM   378  C CB  . VAL A 1 57  ? -4.956  4.792   -7.576  1.00 15.59 ? 57   VAL A CB  1 
ATOM   379  C CG1 . VAL A 1 57  ? -5.331  5.211   -6.162  1.00 16.83 ? 57   VAL A CG1 1 
ATOM   380  C CG2 . VAL A 1 57  ? -4.879  6.008   -8.486  1.00 12.46 ? 57   VAL A CG2 1 
ATOM   381  N N   . PHE A 1 58  ? -3.599  2.250   -9.215  1.00 15.73 ? 58   PHE A N   1 
ATOM   382  C CA  . PHE A 1 58  ? -3.137  1.547   -10.409 1.00 17.68 ? 58   PHE A CA  1 
ATOM   383  C C   . PHE A 1 58  ? -3.974  0.291   -10.618 1.00 16.84 ? 58   PHE A C   1 
ATOM   384  O O   . PHE A 1 58  ? -4.395  -0.339  -9.650  1.00 16.81 ? 58   PHE A O   1 
ATOM   385  C CB  . PHE A 1 58  ? -1.672  1.147   -10.233 1.00 17.20 ? 58   PHE A CB  1 
ATOM   386  C CG  . PHE A 1 58  ? -1.439  0.227   -9.064  1.00 20.03 ? 58   PHE A CG  1 
ATOM   387  C CD1 . PHE A 1 58  ? -1.398  0.727   -7.771  1.00 20.09 ? 58   PHE A CD1 1 
ATOM   388  C CD2 . PHE A 1 58  ? -1.279  -1.133  -9.255  1.00 17.51 ? 58   PHE A CD2 1 
ATOM   389  C CE1 . PHE A 1 58  ? -1.194  -0.114  -6.692  1.00 16.14 ? 58   PHE A CE1 1 
ATOM   390  C CE2 . PHE A 1 58  ? -1.071  -1.980  -8.181  1.00 17.75 ? 58   PHE A CE2 1 
ATOM   391  C CZ  . PHE A 1 58  ? -1.028  -1.467  -6.896  1.00 17.46 ? 58   PHE A CZ  1 
ATOM   392  N N   . PRO A 1 59  ? -4.209  -0.083  -11.883 1.00 15.83 ? 59   PRO A N   1 
ATOM   393  C CA  . PRO A 1 59  ? -5.091  -1.212  -12.203 1.00 19.58 ? 59   PRO A CA  1 
ATOM   394  C C   . PRO A 1 59  ? -4.431  -2.593  -12.288 1.00 31.97 ? 59   PRO A C   1 
ATOM   395  O O   . PRO A 1 59  ? -5.131  -3.588  -12.097 1.00 31.50 ? 59   PRO A O   1 
ATOM   396  C CB  . PRO A 1 59  ? -5.648  -0.828  -13.574 1.00 23.87 ? 59   PRO A CB  1 
ATOM   397  C CG  . PRO A 1 59  ? -4.545  -0.048  -14.200 1.00 20.07 ? 59   PRO A CG  1 
ATOM   398  C CD  . PRO A 1 59  ? -3.889  0.724   -13.073 1.00 17.23 ? 59   PRO A CD  1 
ATOM   399  N N   . ASP A 1 60  ? -3.133  -2.666  -12.569 1.00 18.40 ? 60   ASP A N   1 
ATOM   400  C CA  . ASP A 1 60  ? -2.515  -3.964  -12.849 1.00 23.22 ? 60   ASP A CA  1 
ATOM   401  C C   . ASP A 1 60  ? -1.292  -4.295  -11.996 1.00 18.37 ? 60   ASP A C   1 
ATOM   402  O O   . ASP A 1 60  ? -1.210  -5.379  -11.412 1.00 23.71 ? 60   ASP A O   1 
ATOM   403  C CB  . ASP A 1 60  ? -2.162  -4.072  -14.334 1.00 23.51 ? 60   ASP A CB  1 
ATOM   404  C CG  . ASP A 1 60  ? -3.391  -4.078  -15.220 1.00 24.19 ? 60   ASP A CG  1 
ATOM   405  O OD1 . ASP A 1 60  ? -4.255  -4.960  -15.028 1.00 29.21 ? 60   ASP A OD1 1 
ATOM   406  O OD2 . ASP A 1 60  ? -3.490  -3.203  -16.103 1.00 31.91 ? 60   ASP A OD2 1 
ATOM   407  N N   . TYR A 1 61  ? -0.336  -3.376  -11.938 1.00 20.35 ? 61   TYR A N   1 
ATOM   408  C CA  . TYR A 1 61  ? 0.871   -3.602  -11.154 1.00 19.37 ? 61   TYR A CA  1 
ATOM   409  C C   . TYR A 1 61  ? 1.535   -2.291  -10.765 1.00 20.13 ? 61   TYR A C   1 
ATOM   410  O O   . TYR A 1 61  ? 1.371   -1.266  -11.430 1.00 18.46 ? 61   TYR A O   1 
ATOM   411  C CB  . TYR A 1 61  ? 1.864   -4.489  -11.916 1.00 21.23 ? 61   TYR A CB  1 
ATOM   412  C CG  . TYR A 1 61  ? 2.344   -3.881  -13.212 1.00 27.58 ? 61   TYR A CG  1 
ATOM   413  C CD1 . TYR A 1 61  ? 3.466   -3.061  -13.245 1.00 29.89 ? 61   TYR A CD1 1 
ATOM   414  C CD2 . TYR A 1 61  ? 1.668   -4.116  -14.401 1.00 25.92 ? 61   TYR A CD2 1 
ATOM   415  C CE1 . TYR A 1 61  ? 3.901   -2.495  -14.430 1.00 29.89 ? 61   TYR A CE1 1 
ATOM   416  C CE2 . TYR A 1 61  ? 2.096   -3.555  -15.590 1.00 31.68 ? 61   TYR A CE2 1 
ATOM   417  C CZ  . TYR A 1 61  ? 3.212   -2.744  -15.598 1.00 37.21 ? 61   TYR A CZ  1 
ATOM   418  O OH  . TYR A 1 61  ? 3.640   -2.185  -16.782 1.00 42.50 ? 61   TYR A OH  1 
ATOM   419  N N   . LEU A 1 62  ? 2.287   -2.336  -9.675  1.00 18.13 ? 62   LEU A N   1 
ATOM   420  C CA  . LEU A 1 62  ? 2.988   -1.164  -9.187  1.00 15.75 ? 62   LEU A CA  1 
ATOM   421  C C   . LEU A 1 62  ? 4.411   -1.530  -8.794  1.00 22.31 ? 62   LEU A C   1 
ATOM   422  O O   . LEU A 1 62  ? 4.626   -2.444  -7.997  1.00 18.58 ? 62   LEU A O   1 
ATOM   423  C CB  . LEU A 1 62  ? 2.253   -0.574  -7.982  1.00 17.50 ? 62   LEU A CB  1 
ATOM   424  C CG  . LEU A 1 62  ? 2.959   0.565   -7.243  1.00 20.54 ? 62   LEU A CG  1 
ATOM   425  C CD1 . LEU A 1 62  ? 3.001   1.826   -8.096  1.00 22.76 ? 62   LEU A CD1 1 
ATOM   426  C CD2 . LEU A 1 62  ? 2.273   0.839   -5.914  1.00 18.54 ? 62   LEU A CD2 1 
ATOM   427  N N   . LYS A 1 63  ? 5.374   -0.821  -9.372  1.00 20.41 ? 63   LYS A N   1 
ATOM   428  C CA  . LYS A 1 63  ? 6.772   -0.926  -8.978  1.00 25.19 ? 63   LYS A CA  1 
ATOM   429  C C   . LYS A 1 63  ? 7.228   0.422   -8.438  1.00 25.50 ? 63   LYS A C   1 
ATOM   430  O O   . LYS A 1 63  ? 7.207   1.422   -9.156  1.00 35.61 ? 63   LYS A O   1 
ATOM   431  C CB  . LYS A 1 63  ? 7.641   -1.333  -10.172 1.00 27.33 ? 63   LYS A CB  1 
ATOM   432  C CG  . LYS A 1 63  ? 7.294   -2.686  -10.764 1.00 41.16 ? 63   LYS A CG  1 
ATOM   433  C CD  . LYS A 1 63  ? 8.101   -2.955  -12.025 1.00 36.91 ? 63   LYS A CD  1 
ATOM   434  C CE  . LYS A 1 63  ? 7.885   -1.857  -13.054 1.00 40.19 ? 63   LYS A CE  1 
ATOM   435  N NZ  . LYS A 1 63  ? 8.650   -2.102  -14.304 1.00 42.22 ? 63   LYS A NZ  1 
ATOM   436  N N   . VAL A 1 64  ? 7.629   0.455   -7.173  1.00 20.60 ? 64   VAL A N   1 
ATOM   437  C CA  . VAL A 1 64  ? 8.008   1.712   -6.542  1.00 23.19 ? 64   VAL A CA  1 
ATOM   438  C C   . VAL A 1 64  ? 9.449   1.709   -6.058  1.00 20.89 ? 64   VAL A C   1 
ATOM   439  O O   . VAL A 1 64  ? 9.911   0.739   -5.465  1.00 18.43 ? 64   VAL A O   1 
ATOM   440  C CB  . VAL A 1 64  ? 7.105   2.032   -5.331  1.00 21.61 ? 64   VAL A CB  1 
ATOM   441  C CG1 . VAL A 1 64  ? 7.593   3.289   -4.621  1.00 27.39 ? 64   VAL A CG1 1 
ATOM   442  C CG2 . VAL A 1 64  ? 5.668   2.192   -5.773  1.00 36.01 ? 64   VAL A CG2 1 
ATOM   443  N N   . PHE A 1 65  ? 10.155  2.801   -6.330  1.00 17.51 ? 65   PHE A N   1 
ATOM   444  C CA  . PHE A 1 65  ? 11.430  3.073   -5.681  1.00 19.30 ? 65   PHE A CA  1 
ATOM   445  C C   . PHE A 1 65  ? 11.429  4.506   -5.186  1.00 25.88 ? 65   PHE A C   1 
ATOM   446  O O   . PHE A 1 65  ? 11.426  5.449   -5.977  1.00 21.89 ? 65   PHE A O   1 
ATOM   447  C CB  . PHE A 1 65  ? 12.618  2.846   -6.619  1.00 16.69 ? 65   PHE A CB  1 
ATOM   448  C CG  . PHE A 1 65  ? 13.938  3.309   -6.042  1.00 15.07 ? 65   PHE A CG  1 
ATOM   449  C CD1 . PHE A 1 65  ? 14.576  2.573   -5.058  1.00 15.55 ? 65   PHE A CD1 1 
ATOM   450  C CD2 . PHE A 1 65  ? 14.530  4.485   -6.476  1.00 23.38 ? 65   PHE A CD2 1 
ATOM   451  C CE1 . PHE A 1 65  ? 15.782  2.995   -4.521  1.00 16.49 ? 65   PHE A CE1 1 
ATOM   452  C CE2 . PHE A 1 65  ? 15.740  4.912   -5.945  1.00 17.23 ? 65   PHE A CE2 1 
ATOM   453  C CZ  . PHE A 1 65  ? 16.365  4.165   -4.967  1.00 18.77 ? 65   PHE A CZ  1 
ATOM   454  N N   . LEU A 1 66  ? 11.409  4.663   -3.869  1.00 20.76 ? 66   LEU A N   1 
ATOM   455  C CA  . LEU A 1 66  ? 11.483  5.982   -3.268  1.00 24.07 ? 66   LEU A CA  1 
ATOM   456  C C   . LEU A 1 66  ? 12.930  6.273   -2.897  1.00 24.06 ? 66   LEU A C   1 
ATOM   457  O O   . LEU A 1 66  ? 13.511  5.585   -2.056  1.00 18.99 ? 66   LEU A O   1 
ATOM   458  C CB  . LEU A 1 66  ? 10.578  6.054   -2.036  1.00 14.98 ? 66   LEU A CB  1 
ATOM   459  C CG  . LEU A 1 66  ? 9.087   5.862   -2.345  1.00 21.95 ? 66   LEU A CG  1 
ATOM   460  C CD1 . LEU A 1 66  ? 8.272   5.660   -1.072  1.00 21.87 ? 66   LEU A CD1 1 
ATOM   461  C CD2 . LEU A 1 66  ? 8.547   7.033   -3.163  1.00 22.27 ? 66   LEU A CD2 1 
ATOM   462  N N   . ASN A 1 67  ? 13.520  7.275   -3.540  1.00 21.09 ? 67   ASN A N   1 
ATOM   463  C CA  . ASN A 1 67  ? 14.907  7.626   -3.263  1.00 21.89 ? 67   ASN A CA  1 
ATOM   464  C C   . ASN A 1 67  ? 15.022  8.419   -1.968  1.00 22.95 ? 67   ASN A C   1 
ATOM   465  O O   . ASN A 1 67  ? 14.017  8.884   -1.423  1.00 17.82 ? 67   ASN A O   1 
ATOM   466  C CB  . ASN A 1 67  ? 15.531  8.398   -4.432  1.00 23.18 ? 67   ASN A CB  1 
ATOM   467  C CG  . ASN A 1 67  ? 14.853  9.728   -4.678  1.00 23.83 ? 67   ASN A CG  1 
ATOM   468  O OD1 . ASN A 1 67  ? 14.851  10.601  -3.814  1.00 29.34 ? 67   ASN A OD1 1 
ATOM   469  N ND2 . ASN A 1 67  ? 14.280  9.892   -5.865  1.00 31.69 ? 67   ASN A ND2 1 
ATOM   470  N N   . TRP A 1 68  ? 16.247  8.573   -1.477  1.00 19.71 ? 68   TRP A N   1 
ATOM   471  C CA  . TRP A 1 68  ? 16.465  9.158   -0.159  1.00 19.39 ? 68   TRP A CA  1 
ATOM   472  C C   . TRP A 1 68  ? 16.040  10.625  -0.074  1.00 25.82 ? 68   TRP A C   1 
ATOM   473  O O   . TRP A 1 68  ? 15.640  11.100  0.989   1.00 26.66 ? 68   TRP A O   1 
ATOM   474  C CB  . TRP A 1 68  ? 17.925  8.988   0.280   1.00 33.79 ? 68   TRP A CB  1 
ATOM   475  C CG  . TRP A 1 68  ? 18.898  9.821   -0.490  1.00 33.97 ? 68   TRP A CG  1 
ATOM   476  C CD1 . TRP A 1 68  ? 19.533  9.480   -1.649  1.00 57.06 ? 68   TRP A CD1 1 
ATOM   477  C CD2 . TRP A 1 68  ? 19.353  11.136  -0.154  1.00 43.36 ? 68   TRP A CD2 1 
ATOM   478  N NE1 . TRP A 1 68  ? 20.355  10.504  -2.057  1.00 50.45 ? 68   TRP A NE1 1 
ATOM   479  C CE2 . TRP A 1 68  ? 20.262  11.532  -1.156  1.00 49.22 ? 68   TRP A CE2 1 
ATOM   480  C CE3 . TRP A 1 68  ? 19.081  12.017  0.896   1.00 35.53 ? 68   TRP A CE3 1 
ATOM   481  C CZ2 . TRP A 1 68  ? 20.899  12.772  -1.139  1.00 59.34 ? 68   TRP A CZ2 1 
ATOM   482  C CZ3 . TRP A 1 68  ? 19.714  13.248  0.913   1.00 52.36 ? 68   TRP A CZ3 1 
ATOM   483  C CH2 . TRP A 1 68  ? 20.612  13.614  -0.099  1.00 45.33 ? 68   TRP A CH2 1 
ATOM   484  N N   . ARG A 1 69  ? 16.117  11.340  -1.191  1.00 24.34 ? 69   ARG A N   1 
ATOM   485  C CA  . ARG A 1 69  ? 15.740  12.749  -1.194  1.00 25.24 ? 69   ARG A CA  1 
ATOM   486  C C   . ARG A 1 69  ? 14.220  12.915  -1.206  1.00 28.01 ? 69   ARG A C   1 
ATOM   487  O O   . ARG A 1 69  ? 13.686  13.849  -0.608  1.00 30.39 ? 69   ARG A O   1 
ATOM   488  C CB  . ARG A 1 69  ? 16.405  13.500  -2.357  1.00 27.27 ? 69   ARG A CB  1 
ATOM   489  C CG  . ARG A 1 69  ? 15.910  13.114  -3.742  1.00 52.30 ? 69   ARG A CG  1 
ATOM   490  C CD  . ARG A 1 69  ? 16.913  13.507  -4.823  1.00 79.91 ? 69   ARG A CD  1 
ATOM   491  N NE  . ARG A 1 69  ? 18.049  12.590  -4.885  1.00 82.83 ? 69   ARG A NE  1 
ATOM   492  C CZ  . ARG A 1 69  ? 18.295  11.763  -5.899  1.00 47.23 ? 69   ARG A CZ  1 
ATOM   493  N NH1 . ARG A 1 69  ? 17.492  11.744  -6.953  1.00 49.14 ? 69   ARG A NH1 1 
ATOM   494  N NH2 . ARG A 1 69  ? 19.355  10.967  -5.865  1.00 32.30 ? 69   ARG A NH2 1 
ATOM   495  N N   . GLU A 1 70  ? 13.528  11.998  -1.876  1.00 26.21 ? 70   GLU A N   1 
ATOM   496  C CA  . GLU A 1 70  ? 12.068  11.988  -1.868  1.00 26.44 ? 70   GLU A CA  1 
ATOM   497  C C   . GLU A 1 70  ? 11.530  11.714  -0.467  1.00 25.92 ? 70   GLU A C   1 
ATOM   498  O O   . GLU A 1 70  ? 10.471  12.215  -0.087  1.00 26.87 ? 70   GLU A O   1 
ATOM   499  C CB  . GLU A 1 70  ? 11.529  10.929  -2.833  1.00 21.49 ? 70   GLU A CB  1 
ATOM   500  C CG  . GLU A 1 70  ? 11.713  11.250  -4.304  1.00 42.67 ? 70   GLU A CG  1 
ATOM   501  C CD  . GLU A 1 70  ? 11.151  10.165  -5.205  1.00 49.32 ? 70   GLU A CD  1 
ATOM   502  O OE1 . GLU A 1 70  ? 11.608  9.008   -5.100  1.00 38.05 ? 70   GLU A OE1 1 
ATOM   503  O OE2 . GLU A 1 70  ? 10.249  10.469  -6.016  1.00 42.34 ? 70   GLU A OE2 1 
ATOM   504  N N   . LEU A 1 71  ? 12.267  10.912  0.296   1.00 23.39 ? 71   LEU A N   1 
ATOM   505  C CA  . LEU A 1 71  ? 11.826  10.485  1.620   1.00 21.22 ? 71   LEU A CA  1 
ATOM   506  C C   . LEU A 1 71  ? 12.034  11.558  2.685   1.00 26.73 ? 71   LEU A C   1 
ATOM   507  O O   . LEU A 1 71  ? 11.495  11.458  3.786   1.00 23.69 ? 71   LEU A O   1 
ATOM   508  C CB  . LEU A 1 71  ? 12.543  9.196   2.031   1.00 20.04 ? 71   LEU A CB  1 
ATOM   509  C CG  . LEU A 1 71  ? 12.104  7.899   1.346   1.00 24.49 ? 71   LEU A CG  1 
ATOM   510  C CD1 . LEU A 1 71  ? 13.050  6.764   1.698   1.00 22.58 ? 71   LEU A CD1 1 
ATOM   511  C CD2 . LEU A 1 71  ? 10.678  7.541   1.740   1.00 23.72 ? 71   LEU A CD2 1 
ATOM   512  N N   . LEU A 1 72  ? 12.815  12.581  2.359   1.00 25.83 ? 72   LEU A N   1 
ATOM   513  C CA  . LEU A 1 72  ? 13.096  13.648  3.314   1.00 20.29 ? 72   LEU A CA  1 
ATOM   514  C C   . LEU A 1 72  ? 11.870  14.502  3.608   1.00 24.55 ? 72   LEU A C   1 
ATOM   515  O O   . LEU A 1 72  ? 11.031  14.730  2.736   1.00 29.90 ? 72   LEU A O   1 
ATOM   516  C CB  . LEU A 1 72  ? 14.230  14.545  2.814   1.00 20.49 ? 72   LEU A CB  1 
ATOM   517  C CG  . LEU A 1 72  ? 15.653  13.985  2.840   1.00 32.14 ? 72   LEU A CG  1 
ATOM   518  C CD1 . LEU A 1 72  ? 16.602  14.941  2.137   1.00 28.18 ? 72   LEU A CD1 1 
ATOM   519  C CD2 . LEU A 1 72  ? 16.111  13.728  4.266   1.00 32.67 ? 72   LEU A CD2 1 
ATOM   520  N N   . GLU A 1 73  ? 11.785  14.976  4.845   1.00 32.51 ? 73   GLU A N   1 
ATOM   521  C CA  . GLU A 1 73  ? 10.766  15.937  5.246   1.00 31.50 ? 73   GLU A CA  1 
ATOM   522  C C   . GLU A 1 73  ? 11.170  17.329  4.762   1.00 38.15 ? 73   GLU A C   1 
ATOM   523  O O   . GLU A 1 73  ? 12.332  17.565  4.437   1.00 36.47 ? 73   GLU A O   1 
ATOM   524  C CB  . GLU A 1 73  ? 10.623  15.927  6.770   1.00 30.94 ? 73   GLU A CB  1 
ATOM   525  C CG  . GLU A 1 73  ? 9.602   16.899  7.326   1.00 37.76 ? 73   GLU A CG  1 
ATOM   526  C CD  . GLU A 1 73  ? 9.444   16.775  8.828   1.00 29.48 ? 73   GLU A CD  1 
ATOM   527  O OE1 . GLU A 1 73  ? 10.467  16.836  9.544   1.00 42.87 ? 73   GLU A OE1 1 
ATOM   528  O OE2 . GLU A 1 73  ? 8.299   16.615  9.296   1.00 35.19 ? 73   GLU A OE2 1 
ATOM   529  N N   . GLY A 1 74  ? 10.210  18.247  4.710   1.00 46.55 ? 74   GLY A N   1 
ATOM   530  C CA  . GLY A 1 74  ? 10.493  19.611  4.300   1.00 41.82 ? 74   GLY A CA  1 
ATOM   531  C C   . GLY A 1 74  ? 11.650  20.214  5.075   1.00 46.68 ? 74   GLY A C   1 
ATOM   532  O O   . GLY A 1 74  ? 12.494  20.911  4.510   1.00 52.96 ? 74   GLY A O   1 
ATOM   533  N N   . SER A 1 75  ? 11.690  19.941  6.375   1.00 61.89 ? 75   SER A N   1 
ATOM   534  C CA  . SER A 1 75  ? 12.761  20.436  7.231   1.00 44.49 ? 75   SER A CA  1 
ATOM   535  C C   . SER A 1 75  ? 14.099  19.842  6.811   1.00 38.79 ? 75   SER A C   1 
ATOM   536  O O   . SER A 1 75  ? 15.155  20.422  7.062   1.00 45.89 ? 75   SER A O   1 
ATOM   537  C CB  . SER A 1 75  ? 12.482  20.090  8.694   1.00 41.75 ? 75   SER A CB  1 
ATOM   538  O OG  . SER A 1 75  ? 12.652  18.703  8.932   1.00 50.42 ? 75   SER A OG  1 
ATOM   539  N N   . GLY A 1 76  ? 14.046  18.680  6.167   1.00 59.32 ? 110  GLY A N   1 
ATOM   540  C CA  . GLY A 1 76  ? 15.245  17.997  5.724   1.00 31.75 ? 110  GLY A CA  1 
ATOM   541  C C   . GLY A 1 76  ? 15.541  16.764  6.553   1.00 42.85 ? 110  GLY A C   1 
ATOM   542  O O   . GLY A 1 76  ? 16.608  16.164  6.435   1.00 40.85 ? 110  GLY A O   1 
ATOM   543  N N   . ARG A 1 77  ? 14.593  16.384  7.404   1.00 50.38 ? 111  ARG A N   1 
ATOM   544  C CA  . ARG A 1 77  ? 14.772  15.216  8.259   1.00 47.14 ? 111  ARG A CA  1 
ATOM   545  C C   . ARG A 1 77  ? 14.386  13.926  7.547   1.00 24.82 ? 111  ARG A C   1 
ATOM   546  O O   . ARG A 1 77  ? 13.483  13.908  6.710   1.00 28.46 ? 111  ARG A O   1 
ATOM   547  C CB  . ARG A 1 77  ? 13.959  15.348  9.548   1.00 43.75 ? 111  ARG A CB  1 
ATOM   548  C CG  . ARG A 1 77  ? 14.525  16.326  10.560  1.00 62.34 ? 111  ARG A CG  1 
ATOM   549  C CD  . ARG A 1 77  ? 13.951  16.047  11.937  1.00 76.86 ? 111  ARG A CD  1 
ATOM   550  N NE  . ARG A 1 77  ? 14.249  17.108  12.892  1.00 77.74 ? 111  ARG A NE  1 
ATOM   551  C CZ  . ARG A 1 77  ? 13.446  17.448  13.895  1.00 76.48 ? 111  ARG A CZ  1 
ATOM   552  N NH1 . ARG A 1 77  ? 12.297  16.810  14.066  1.00 39.01 ? 111  ARG A NH1 1 
ATOM   553  N NH2 . ARG A 1 77  ? 13.788  18.426  14.722  1.00 98.26 ? 111  ARG A NH2 1 
ATOM   554  N N   . TYR A 1 78  ? 15.078  12.847  7.899   1.00 30.92 ? 112  TYR A N   1 
ATOM   555  C CA  . TYR A 1 78  ? 14.777  11.530  7.364   1.00 31.95 ? 112  TYR A CA  1 
ATOM   556  C C   . TYR A 1 78  ? 13.729  10.835  8.236   1.00 15.81 ? 112  TYR A C   1 
ATOM   557  O O   . TYR A 1 78  ? 13.688  11.044  9.447   1.00 22.99 ? 112  TYR A O   1 
ATOM   558  C CB  . TYR A 1 78  ? 16.054  10.686  7.281   1.00 31.14 ? 112  TYR A CB  1 
ATOM   559  C CG  . TYR A 1 78  ? 15.879  9.402   6.506   1.00 43.57 ? 112  TYR A CG  1 
ATOM   560  C CD1 . TYR A 1 78  ? 16.048  9.371   5.126   1.00 48.87 ? 112  TYR A CD1 1 
ATOM   561  C CD2 . TYR A 1 78  ? 15.532  8.223   7.150   1.00 35.28 ? 112  TYR A CD2 1 
ATOM   562  C CE1 . TYR A 1 78  ? 15.879  8.197   4.411   1.00 31.62 ? 112  TYR A CE1 1 
ATOM   563  C CE2 . TYR A 1 78  ? 15.358  7.049   6.446   1.00 28.16 ? 112  TYR A CE2 1 
ATOM   564  C CZ  . TYR A 1 78  ? 15.536  7.041   5.077   1.00 35.37 ? 112  TYR A CZ  1 
ATOM   565  O OH  . TYR A 1 78  ? 15.366  5.870   4.378   1.00 52.61 ? 112  TYR A OH  1 
ATOM   566  N N   . PRO A 1 79  ? 12.871  10.008  7.618   1.00 23.43 ? 113  PRO A N   1 
ATOM   567  C CA  . PRO A 1 79  ? 11.799  9.309   8.343   1.00 18.89 ? 113  PRO A CA  1 
ATOM   568  C C   . PRO A 1 79  ? 12.288  8.208   9.289   1.00 21.16 ? 113  PRO A C   1 
ATOM   569  O O   . PRO A 1 79  ? 13.304  7.561   9.034   1.00 21.25 ? 113  PRO A O   1 
ATOM   570  C CB  . PRO A 1 79  ? 10.958  8.697   7.215   1.00 20.62 ? 113  PRO A CB  1 
ATOM   571  C CG  . PRO A 1 79  ? 11.896  8.578   6.064   1.00 27.35 ? 113  PRO A CG  1 
ATOM   572  C CD  . PRO A 1 79  ? 12.803  9.766   6.167   1.00 24.68 ? 113  PRO A CD  1 
ATOM   573  N N   . MET A 1 80  ? 11.557  8.014   10.382  1.00 15.85 ? 114  MET A N   1 
ATOM   574  C CA  . MET A 1 80  ? 11.821  6.934   11.330  1.00 23.08 ? 114  MET A CA  1 
ATOM   575  C C   . MET A 1 80  ? 11.478  5.583   10.716  1.00 16.58 ? 114  MET A C   1 
ATOM   576  O O   . MET A 1 80  ? 12.035  4.549   11.092  1.00 20.92 ? 114  MET A O   1 
ATOM   577  C CB  . MET A 1 80  ? 10.975  7.127   12.590  1.00 23.88 ? 114  MET A CB  1 
ATOM   578  C CG  . MET A 1 80  ? 11.255  8.414   13.347  1.00 33.76 ? 114  MET A CG  1 
ATOM   579  S SD  . MET A 1 80  ? 9.857   8.914   14.371  1.00 38.02 ? 114  MET A SD  1 
ATOM   580  C CE  . MET A 1 80  ? 9.555   7.414   15.301  1.00 41.51 ? 114  MET A CE  1 
ATOM   581  N N   . GLY A 1 81  ? 10.545  5.596   9.773   1.00 16.81 ? 115  GLY A N   1 
ATOM   582  C CA  . GLY A 1 81  ? 10.047  4.372   9.185   1.00 21.96 ? 115  GLY A CA  1 
ATOM   583  C C   . GLY A 1 81  ? 8.866   4.666   8.291   1.00 21.02 ? 115  GLY A C   1 
ATOM   584  O O   . GLY A 1 81  ? 8.457   5.822   8.158   1.00 16.82 ? 115  GLY A O   1 
ATOM   585  N N   . VAL A 1 82  ? 8.322   3.622   7.675   1.00 17.72 ? 116  VAL A N   1 
ATOM   586  C CA  . VAL A 1 82  ? 7.143   3.760   6.829   1.00 12.26 ? 116  VAL A CA  1 
ATOM   587  C C   . VAL A 1 82  ? 6.087   2.720   7.159   1.00 18.27 ? 116  VAL A C   1 
ATOM   588  O O   . VAL A 1 82  ? 6.398   1.610   7.587   1.00 18.70 ? 116  VAL A O   1 
ATOM   589  C CB  . VAL A 1 82  ? 7.484   3.642   5.321   1.00 16.76 ? 116  VAL A CB  1 
ATOM   590  C CG1 . VAL A 1 82  ? 8.298   4.843   4.860   1.00 17.25 ? 116  VAL A CG1 1 
ATOM   591  C CG2 . VAL A 1 82  ? 8.220   2.334   5.029   1.00 14.43 ? 116  VAL A CG2 1 
ATOM   592  N N   . ILE A 1 83  ? 4.829   3.097   6.968   1.00 18.68 ? 117  ILE A N   1 
ATOM   593  C CA  . ILE A 1 83  ? 3.740   2.138   6.984   1.00 18.60 ? 117  ILE A CA  1 
ATOM   594  C C   . ILE A 1 83  ? 3.350   1.930   5.534   1.00 17.90 ? 117  ILE A C   1 
ATOM   595  O O   . ILE A 1 83  ? 2.958   2.879   4.851   1.00 20.75 ? 117  ILE A O   1 
ATOM   596  C CB  . ILE A 1 83  ? 2.517   2.646   7.775   1.00 15.05 ? 117  ILE A CB  1 
ATOM   597  C CG1 . ILE A 1 83  ? 2.871   2.875   9.248   1.00 15.35 ? 117  ILE A CG1 1 
ATOM   598  C CG2 . ILE A 1 83  ? 1.358   1.662   7.656   1.00 13.07 ? 117  ILE A CG2 1 
ATOM   599  C CD1 . ILE A 1 83  ? 3.634   4.157   9.512   1.00 26.13 ? 117  ILE A CD1 1 
ATOM   600  N N   . VAL A 1 84  ? 3.492   0.703   5.050   1.00 15.71 ? 118  VAL A N   1 
ATOM   601  C CA  . VAL A 1 84  ? 3.123   0.399   3.678   1.00 19.54 ? 118  VAL A CA  1 
ATOM   602  C C   . VAL A 1 84  ? 1.756   -0.270  3.666   1.00 15.49 ? 118  VAL A C   1 
ATOM   603  O O   . VAL A 1 84  ? 1.570   -1.340  4.250   1.00 16.25 ? 118  VAL A O   1 
ATOM   604  C CB  . VAL A 1 84  ? 4.169   -0.492  2.977   1.00 17.47 ? 118  VAL A CB  1 
ATOM   605  C CG1 . VAL A 1 84  ? 3.781   -0.707  1.520   1.00 13.98 ? 118  VAL A CG1 1 
ATOM   606  C CG2 . VAL A 1 84  ? 5.545   0.145   3.059   1.00 17.60 ? 118  VAL A CG2 1 
ATOM   607  N N   . SER A 1 85  ? 0.801   0.383   3.014   1.00 17.56 ? 119  SER A N   1 
ATOM   608  C CA  . SER A 1 85  ? -0.580  -0.075  2.980   1.00 18.21 ? 119  SER A CA  1 
ATOM   609  C C   . SER A 1 85  ? -0.919  -0.657  1.611   1.00 13.42 ? 119  SER A C   1 
ATOM   610  O O   . SER A 1 85  ? -0.856  0.045   0.605   1.00 18.43 ? 119  SER A O   1 
ATOM   611  C CB  . SER A 1 85  ? -1.516  1.092   3.300   1.00 18.72 ? 119  SER A CB  1 
ATOM   612  O OG  . SER A 1 85  ? -2.878  0.711   3.203   1.00 16.68 ? 119  SER A OG  1 
ATOM   613  N N   . PHE A 1 86  ? -1.271  -1.942  1.580   1.00 13.26 ? 120  PHE A N   1 
ATOM   614  C CA  . PHE A 1 86  ? -1.637  -2.629  0.339   1.00 16.53 ? 120  PHE A CA  1 
ATOM   615  C C   . PHE A 1 86  ? -3.150  -2.823  0.284   1.00 15.63 ? 120  PHE A C   1 
ATOM   616  O O   . PHE A 1 86  ? -3.733  -3.388  1.206   1.00 15.91 ? 120  PHE A O   1 
ATOM   617  C CB  . PHE A 1 86  ? -0.987  -4.016  0.280   1.00 13.58 ? 120  PHE A CB  1 
ATOM   618  C CG  . PHE A 1 86  ? 0.512   -4.002  0.158   1.00 15.28 ? 120  PHE A CG  1 
ATOM   619  C CD1 . PHE A 1 86  ? 1.315   -3.941  1.285   1.00 16.88 ? 120  PHE A CD1 1 
ATOM   620  C CD2 . PHE A 1 86  ? 1.119   -4.102  -1.085  1.00 17.83 ? 120  PHE A CD2 1 
ATOM   621  C CE1 . PHE A 1 86  ? 2.698   -3.948  1.174   1.00 17.74 ? 120  PHE A CE1 1 
ATOM   622  C CE2 . PHE A 1 86  ? 2.498   -4.113  -1.206  1.00 14.88 ? 120  PHE A CE2 1 
ATOM   623  C CZ  . PHE A 1 86  ? 3.291   -4.037  -0.074  1.00 15.44 ? 120  PHE A CZ  1 
ATOM   624  N N   . ASN A 1 87  ? -3.789  -2.383  -0.795  1.00 15.64 ? 121  ASN A N   1 
ATOM   625  C CA  . ASN A 1 87  ? -5.242  -2.499  -0.884  1.00 21.88 ? 121  ASN A CA  1 
ATOM   626  C C   . ASN A 1 87  ? -5.744  -2.898  -2.268  1.00 16.06 ? 121  ASN A C   1 
ATOM   627  O O   . ASN A 1 87  ? -5.310  -2.347  -3.282  1.00 15.08 ? 121  ASN A O   1 
ATOM   628  C CB  . ASN A 1 87  ? -5.915  -1.196  -0.435  1.00 16.89 ? 121  ASN A CB  1 
ATOM   629  C CG  . ASN A 1 87  ? -5.373  -0.683  0.890   1.00 14.13 ? 121  ASN A CG  1 
ATOM   630  O OD1 . ASN A 1 87  ? -5.921  -0.970  1.955   1.00 17.28 ? 121  ASN A OD1 1 
ATOM   631  N ND2 . ASN A 1 87  ? -4.285  0.072   0.827   1.00 11.88 ? 121  ASN A ND2 1 
ATOM   632  N N   . GLY A 1 88  ? -6.662  -3.860  -2.294  1.00 22.82 ? 122  GLY A N   1 
ATOM   633  C CA  . GLY A 1 88  ? -7.272  -4.314  -3.531  1.00 12.49 ? 122  GLY A CA  1 
ATOM   634  C C   . GLY A 1 88  ? -7.059  -5.791  -3.798  1.00 14.31 ? 122  GLY A C   1 
ATOM   635  O O   . GLY A 1 88  ? -6.662  -6.552  -2.911  1.00 18.20 ? 122  GLY A O   1 
ATOM   636  N N   . ASN A 1 89  ? -7.324  -6.193  -5.036  1.00 17.14 ? 123  ASN A N   1 
ATOM   637  C CA  . ASN A 1 89  ? -7.163  -7.576  -5.460  1.00 15.48 ? 123  ASN A CA  1 
ATOM   638  C C   . ASN A 1 89  ? -5.697  -7.908  -5.718  1.00 17.61 ? 123  ASN A C   1 
ATOM   639  O O   . ASN A 1 89  ? -5.313  -8.297  -6.823  1.00 20.99 ? 123  ASN A O   1 
ATOM   640  C CB  . ASN A 1 89  ? -7.996  -7.833  -6.718  1.00 25.48 ? 123  ASN A CB  1 
ATOM   641  C CG  . ASN A 1 89  ? -7.980  -9.285  -7.143  1.00 25.57 ? 123  ASN A CG  1 
ATOM   642  O OD1 . ASN A 1 89  ? -7.778  -10.182 -6.328  1.00 21.09 ? 123  ASN A OD1 1 
ATOM   643  N ND2 . ASN A 1 89  ? -8.200  -9.526  -8.431  1.00 29.58 ? 123  ASN A ND2 1 
ATOM   644  N N   . ILE A 1 90  ? -4.879  -7.745  -4.686  1.00 15.92 ? 124  ILE A N   1 
ATOM   645  C CA  . ILE A 1 90  ? -3.445  -7.955  -4.807  1.00 17.57 ? 124  ILE A CA  1 
ATOM   646  C C   . ILE A 1 90  ? -3.058  -9.410  -4.564  1.00 20.26 ? 124  ILE A C   1 
ATOM   647  O O   . ILE A 1 90  ? -3.612  -10.073 -3.689  1.00 25.32 ? 124  ILE A O   1 
ATOM   648  C CB  . ILE A 1 90  ? -2.673  -7.034  -3.842  1.00 17.98 ? 124  ILE A CB  1 
ATOM   649  C CG1 . ILE A 1 90  ? -2.929  -5.568  -4.209  1.00 18.42 ? 124  ILE A CG1 1 
ATOM   650  C CG2 . ILE A 1 90  ? -1.182  -7.352  -3.867  1.00 16.19 ? 124  ILE A CG2 1 
ATOM   651  C CD1 . ILE A 1 90  ? -2.246  -4.570  -3.299  1.00 22.46 ? 124  ILE A CD1 1 
ATOM   652  N N   . ASP A 1 91  ? -2.114  -9.897  -5.362  1.00 23.48 ? 125  ASP A N   1 
ATOM   653  C CA  . ASP A 1 91  ? -1.536  -11.222 -5.174  1.00 20.65 ? 125  ASP A CA  1 
ATOM   654  C C   . ASP A 1 91  ? -0.639  -11.196 -3.939  1.00 20.61 ? 125  ASP A C   1 
ATOM   655  O O   . ASP A 1 91  ? 0.496   -10.723 -3.995  1.00 20.48 ? 125  ASP A O   1 
ATOM   656  C CB  . ASP A 1 91  ? -0.736  -11.615 -6.419  1.00 17.42 ? 125  ASP A CB  1 
ATOM   657  C CG  . ASP A 1 91  ? -0.025  -12.947 -6.268  1.00 29.27 ? 125  ASP A CG  1 
ATOM   658  O OD1 . ASP A 1 91  ? -0.313  -13.682 -5.301  1.00 28.54 ? 125  ASP A OD1 1 
ATOM   659  O OD2 . ASP A 1 91  ? 0.822   -13.261 -7.132  1.00 41.48 ? 125  ASP A OD2 1 
ATOM   660  N N   . TRP A 1 92  ? -1.159  -11.697 -2.822  1.00 18.67 ? 126  TRP A N   1 
ATOM   661  C CA  . TRP A 1 92  ? -0.460  -11.616 -1.542  1.00 20.84 ? 126  TRP A CA  1 
ATOM   662  C C   . TRP A 1 92  ? 0.751   -12.540 -1.455  1.00 24.50 ? 126  TRP A C   1 
ATOM   663  O O   . TRP A 1 92  ? 1.555   -12.428 -0.528  1.00 28.88 ? 126  TRP A O   1 
ATOM   664  C CB  . TRP A 1 92  ? -1.413  -11.900 -0.382  1.00 22.31 ? 126  TRP A CB  1 
ATOM   665  C CG  . TRP A 1 92  ? -2.579  -10.962 -0.320  1.00 33.16 ? 126  TRP A CG  1 
ATOM   666  C CD1 . TRP A 1 92  ? -3.901  -11.297 -0.326  1.00 30.82 ? 126  TRP A CD1 1 
ATOM   667  C CD2 . TRP A 1 92  ? -2.528  -9.531  -0.256  1.00 26.39 ? 126  TRP A CD2 1 
ATOM   668  N NE1 . TRP A 1 92  ? -4.677  -10.165 -0.261  1.00 32.87 ? 126  TRP A NE1 1 
ATOM   669  C CE2 . TRP A 1 92  ? -3.858  -9.067  -0.218  1.00 32.70 ? 126  TRP A CE2 1 
ATOM   670  C CE3 . TRP A 1 92  ? -1.487  -8.597  -0.220  1.00 18.66 ? 126  TRP A CE3 1 
ATOM   671  C CZ2 . TRP A 1 92  ? -4.176  -7.711  -0.150  1.00 22.84 ? 126  TRP A CZ2 1 
ATOM   672  C CZ3 . TRP A 1 92  ? -1.805  -7.252  -0.152  1.00 19.49 ? 126  TRP A CZ3 1 
ATOM   673  C CH2 . TRP A 1 92  ? -3.137  -6.822  -0.117  1.00 25.73 ? 126  TRP A CH2 1 
ATOM   674  N N   . THR A 1 93  ? 0.876   -13.451 -2.413  1.00 24.90 ? 127  THR A N   1 
ATOM   675  C CA  . THR A 1 93  ? 2.016   -14.360 -2.435  1.00 24.53 ? 127  THR A CA  1 
ATOM   676  C C   . THR A 1 93  ? 3.233   -13.708 -3.088  1.00 37.26 ? 127  THR A C   1 
ATOM   677  O O   . THR A 1 93  ? 4.349   -14.211 -2.976  1.00 34.33 ? 127  THR A O   1 
ATOM   678  C CB  . THR A 1 93  ? 1.687   -15.676 -3.160  1.00 25.91 ? 127  THR A CB  1 
ATOM   679  O OG1 . THR A 1 93  ? 1.485   -15.424 -4.556  1.00 32.64 ? 127  THR A OG1 1 
ATOM   680  C CG2 . THR A 1 93  ? 0.434   -16.307 -2.570  1.00 34.86 ? 127  THR A CG2 1 
ATOM   681  N N   . ARG A 1 94  ? 3.013   -12.586 -3.767  1.00 18.07 ? 128  ARG A N   1 
ATOM   682  C CA  . ARG A 1 94  ? 4.104   -11.876 -4.432  1.00 19.20 ? 128  ARG A CA  1 
ATOM   683  C C   . ARG A 1 94  ? 4.283   -10.439 -3.942  1.00 16.94 ? 128  ARG A C   1 
ATOM   684  O O   . ARG A 1 94  ? 5.275   -9.789  -4.267  1.00 23.13 ? 128  ARG A O   1 
ATOM   685  C CB  . ARG A 1 94  ? 3.924   -11.904 -5.954  1.00 22.73 ? 128  ARG A CB  1 
ATOM   686  C CG  . ARG A 1 94  ? 4.142   -13.278 -6.572  1.00 25.73 ? 128  ARG A CG  1 
ATOM   687  C CD  . ARG A 1 94  ? 4.015   -13.234 -8.087  1.00 49.91 ? 128  ARG A CD  1 
ATOM   688  N NE  . ARG A 1 94  ? 4.232   -14.546 -8.692  1.00 45.66 ? 128  ARG A NE  1 
ATOM   689  C CZ  . ARG A 1 94  ? 3.271   -15.441 -8.896  1.00 65.22 ? 128  ARG A CZ  1 
ATOM   690  N NH1 . ARG A 1 94  ? 2.023   -15.169 -8.539  1.00 36.74 ? 128  ARG A NH1 1 
ATOM   691  N NH2 . ARG A 1 94  ? 3.556   -16.610 -9.456  1.00 55.70 ? 128  ARG A NH2 1 
ATOM   692  N N   . ALA A 1 95  ? 3.327   -9.942  -3.165  1.00 20.78 ? 129  ALA A N   1 
ATOM   693  C CA  . ALA A 1 95  ? 3.436   -8.598  -2.608  1.00 13.30 ? 129  ALA A CA  1 
ATOM   694  C C   . ALA A 1 95  ? 4.660   -8.517  -1.701  1.00 23.99 ? 129  ALA A C   1 
ATOM   695  O O   . ALA A 1 95  ? 4.902   -9.418  -0.893  1.00 19.58 ? 129  ALA A O   1 
ATOM   696  C CB  . ALA A 1 95  ? 2.174   -8.232  -1.840  1.00 17.85 ? 129  ALA A CB  1 
ATOM   697  N N   . ARG A 1 96  ? 5.432   -7.442  -1.825  1.00 18.70 ? 130  ARG A N   1 
ATOM   698  C CA  . ARG A 1 96  ? 6.680   -7.349  -1.072  1.00 15.76 ? 130  ARG A CA  1 
ATOM   699  C C   . ARG A 1 96  ? 7.206   -5.927  -0.900  1.00 16.69 ? 130  ARG A C   1 
ATOM   700  O O   . ARG A 1 96  ? 6.836   -5.010  -1.636  1.00 19.57 ? 130  ARG A O   1 
ATOM   701  C CB  . ARG A 1 96  ? 7.757   -8.201  -1.746  1.00 15.39 ? 130  ARG A CB  1 
ATOM   702  C CG  . ARG A 1 96  ? 8.205   -7.651  -3.085  1.00 21.98 ? 130  ARG A CG  1 
ATOM   703  C CD  . ARG A 1 96  ? 9.024   -8.665  -3.860  1.00 20.52 ? 130  ARG A CD  1 
ATOM   704  N NE  . ARG A 1 96  ? 8.207   -9.767  -4.351  1.00 20.08 ? 130  ARG A NE  1 
ATOM   705  C CZ  . ARG A 1 96  ? 8.653   -10.719 -5.163  1.00 21.04 ? 130  ARG A CZ  1 
ATOM   706  N NH1 . ARG A 1 96  ? 9.913   -10.702 -5.577  1.00 22.86 ? 130  ARG A NH1 1 
ATOM   707  N NH2 . ARG A 1 96  ? 7.840   -11.687 -5.566  1.00 22.03 ? 130  ARG A NH2 1 
ATOM   708  N N   . VAL A 1 97  ? 8.083   -5.770  0.085   1.00 13.54 ? 131  VAL A N   1 
ATOM   709  C CA  . VAL A 1 97  ? 8.726   -4.504  0.387   1.00 22.08 ? 131  VAL A CA  1 
ATOM   710  C C   . VAL A 1 97  ? 10.150  -4.810  0.824   1.00 17.86 ? 131  VAL A C   1 
ATOM   711  O O   . VAL A 1 97  ? 10.417  -5.868  1.393   1.00 17.95 ? 131  VAL A O   1 
ATOM   712  C CB  . VAL A 1 97  ? 8.013   -3.770  1.557   1.00 22.41 ? 131  VAL A CB  1 
ATOM   713  C CG1 . VAL A 1 97  ? 8.715   -2.454  1.882   1.00 15.04 ? 131  VAL A CG1 1 
ATOM   714  C CG2 . VAL A 1 97  ? 6.550   -3.524  1.233   1.00 15.54 ? 131  VAL A CG2 1 
ATOM   715  N N   . GLU A 1 98  ? 11.070  -3.901  0.546   1.00 15.04 ? 132  GLU A N   1 
ATOM   716  C CA  . GLU A 1 98  ? 12.383  -3.988  1.166   1.00 15.91 ? 132  GLU A CA  1 
ATOM   717  C C   . GLU A 1 98  ? 13.013  -2.612  1.297   1.00 18.47 ? 132  GLU A C   1 
ATOM   718  O O   . GLU A 1 98  ? 12.749  -1.715  0.497   1.00 18.23 ? 132  GLU A O   1 
ATOM   719  C CB  . GLU A 1 98  ? 13.302  -4.968  0.421   1.00 22.29 ? 132  GLU A CB  1 
ATOM   720  C CG  . GLU A 1 98  ? 13.933  -4.436  -0.849  1.00 20.23 ? 132  GLU A CG  1 
ATOM   721  C CD  . GLU A 1 98  ? 14.820  -5.470  -1.524  1.00 15.74 ? 132  GLU A CD  1 
ATOM   722  O OE1 . GLU A 1 98  ? 14.853  -6.623  -1.050  1.00 21.06 ? 132  GLU A OE1 1 
ATOM   723  O OE2 . GLU A 1 98  ? 15.484  -5.130  -2.525  1.00 20.11 ? 132  GLU A OE2 1 
ATOM   724  N N   . ALA A 1 99  ? 13.813  -2.444  2.343   1.00 18.69 ? 133  ALA A N   1 
ATOM   725  C CA  . ALA A 1 99  ? 14.571  -1.219  2.544   1.00 18.70 ? 133  ALA A CA  1 
ATOM   726  C C   . ALA A 1 99  ? 15.977  -1.431  2.001   1.00 18.24 ? 133  ALA A C   1 
ATOM   727  O O   . ALA A 1 99  ? 16.752  -2.213  2.548   1.00 23.65 ? 133  ALA A O   1 
ATOM   728  C CB  . ALA A 1 99  ? 14.619  -0.857  4.013   1.00 19.02 ? 133  ALA A CB  1 
ATOM   729  N N   . THR A 1 100 ? 16.288  -0.745  0.911   1.00 21.57 ? 134  THR A N   1 
ATOM   730  C CA  . THR A 1 100 ? 17.591  -0.867  0.273   1.00 19.58 ? 134  THR A CA  1 
ATOM   731  C C   . THR A 1 100 ? 18.491  0.272   0.742   1.00 19.37 ? 134  THR A C   1 
ATOM   732  O O   . THR A 1 100 ? 18.073  1.108   1.549   1.00 21.67 ? 134  THR A O   1 
ATOM   733  C CB  . THR A 1 100 ? 17.452  -0.854  -1.263  1.00 22.23 ? 134  THR A CB  1 
ATOM   734  O OG1 . THR A 1 100 ? 16.412  0.056   -1.639  1.00 22.94 ? 134  THR A OG1 1 
ATOM   735  C CG2 . THR A 1 100 ? 17.086  -2.246  -1.776  1.00 20.22 ? 134  THR A CG2 1 
ATOM   736  N N   . ASN A 1 101 ? 19.727  0.303   0.258   1.00 20.00 ? 135  ASN A N   1 
ATOM   737  C CA  . ASN A 1 101 ? 20.640  1.379   0.635   1.00 21.46 ? 135  ASN A CA  1 
ATOM   738  C C   . ASN A 1 101 ? 20.405  2.623   -0.214  1.00 23.56 ? 135  ASN A C   1 
ATOM   739  O O   . ASN A 1 101 ? 19.466  2.668   -1.008  1.00 19.79 ? 135  ASN A O   1 
ATOM   740  C CB  . ASN A 1 101 ? 22.107  0.924   0.595   1.00 21.66 ? 135  ASN A CB  1 
ATOM   741  C CG  . ASN A 1 101 ? 22.640  0.747   -0.820  1.00 19.23 ? 135  ASN A CG  1 
ATOM   742  O OD1 . ASN A 1 101 ? 21.963  1.050   -1.807  1.00 21.28 ? 135  ASN A OD1 1 
ATOM   743  N ND2 . ASN A 1 101 ? 23.873  0.269   -0.922  1.00 23.34 ? 135  ASN A ND2 1 
ATOM   744  N N   . MET A 1 102 ? 21.250  3.634   -0.042  1.00 19.26 ? 136  MET A N   1 
ATOM   745  C CA  . MET A 1 102 ? 21.035  4.910   -0.713  1.00 16.51 ? 136  MET A CA  1 
ATOM   746  C C   . MET A 1 102 ? 20.983  4.768   -2.234  1.00 21.64 ? 136  MET A C   1 
ATOM   747  O O   . MET A 1 102 ? 20.418  5.617   -2.925  1.00 28.21 ? 136  MET A O   1 
ATOM   748  C CB  . MET A 1 102 ? 22.109  5.924   -0.311  1.00 29.94 ? 136  MET A CB  1 
ATOM   749  C CG  . MET A 1 102 ? 23.484  5.634   -0.877  1.00 40.14 ? 136  MET A CG  1 
ATOM   750  S SD  . MET A 1 102 ? 24.707  6.869   -0.390  1.00 80.91 ? 136  MET A SD  1 
ATOM   751  C CE  . MET A 1 102 ? 24.716  6.652   1.387   1.00 71.49 ? 136  MET A CE  1 
ATOM   752  N N   . HIS A 1 103 ? 21.566  3.688   -2.750  1.00 21.88 ? 137  HIS A N   1 
ATOM   753  C CA  . HIS A 1 103 ? 21.641  3.472   -4.192  1.00 21.17 ? 137  HIS A CA  1 
ATOM   754  C C   . HIS A 1 103 ? 20.525  2.567   -4.705  1.00 23.92 ? 137  HIS A C   1 
ATOM   755  O O   . HIS A 1 103 ? 20.415  2.328   -5.909  1.00 23.49 ? 137  HIS A O   1 
ATOM   756  C CB  . HIS A 1 103 ? 23.002  2.884   -4.573  1.00 17.85 ? 137  HIS A CB  1 
ATOM   757  C CG  . HIS A 1 103 ? 24.163  3.717   -4.127  1.00 25.43 ? 137  HIS A CG  1 
ATOM   758  N ND1 . HIS A 1 103 ? 24.661  4.762   -4.874  1.00 32.25 ? 137  HIS A ND1 1 
ATOM   759  C CD2 . HIS A 1 103 ? 24.920  3.663   -3.004  1.00 35.22 ? 137  HIS A CD2 1 
ATOM   760  C CE1 . HIS A 1 103 ? 25.675  5.317   -4.232  1.00 28.19 ? 137  HIS A CE1 1 
ATOM   761  N NE2 . HIS A 1 103 ? 25.851  4.668   -3.095  1.00 34.41 ? 137  HIS A NE2 1 
ATOM   762  N N   . GLY A 1 104 ? 19.698  2.068   -3.793  1.00 19.76 ? 138  GLY A N   1 
ATOM   763  C CA  . GLY A 1 104 ? 18.628  1.158   -4.157  1.00 16.35 ? 138  GLY A CA  1 
ATOM   764  C C   . GLY A 1 104 ? 19.103  -0.282  -4.229  1.00 19.87 ? 138  GLY A C   1 
ATOM   765  O O   . GLY A 1 104 ? 18.458  -1.135  -4.842  1.00 20.70 ? 138  GLY A O   1 
ATOM   766  N N   . LEU A 1 105 ? 20.235  -0.556  -3.590  1.00 18.79 ? 139  LEU A N   1 
ATOM   767  C CA  . LEU A 1 105 ? 20.842  -1.883  -3.638  1.00 18.67 ? 139  LEU A CA  1 
ATOM   768  C C   . LEU A 1 105 ? 20.562  -2.683  -2.370  1.00 17.66 ? 139  LEU A C   1 
ATOM   769  O O   . LEU A 1 105 ? 20.558  -2.129  -1.273  1.00 17.48 ? 139  LEU A O   1 
ATOM   770  C CB  . LEU A 1 105 ? 22.353  -1.760  -3.851  1.00 15.28 ? 139  LEU A CB  1 
ATOM   771  C CG  . LEU A 1 105 ? 22.823  -1.250  -5.214  1.00 19.61 ? 139  LEU A CG  1 
ATOM   772  C CD1 . LEU A 1 105 ? 24.313  -0.947  -5.189  1.00 16.03 ? 139  LEU A CD1 1 
ATOM   773  C CD2 . LEU A 1 105 ? 22.492  -2.264  -6.301  1.00 16.10 ? 139  LEU A CD2 1 
ATOM   774  N N   . ASN A 1 106 ? 20.334  -3.986  -2.522  1.00 16.23 ? 140  ASN A N   1 
ATOM   775  C CA  . ASN A 1 106 ? 20.158  -4.869  -1.372  1.00 19.61 ? 140  ASN A CA  1 
ATOM   776  C C   . ASN A 1 106 ? 21.441  -5.626  -1.026  1.00 21.47 ? 140  ASN A C   1 
ATOM   777  O O   . ASN A 1 106 ? 21.452  -6.504  -0.162  1.00 24.34 ? 140  ASN A O   1 
ATOM   778  C CB  . ASN A 1 106 ? 18.968  -5.822  -1.560  1.00 14.33 ? 140  ASN A CB  1 
ATOM   779  C CG  . ASN A 1 106 ? 18.993  -6.542  -2.894  1.00 16.80 ? 140  ASN A CG  1 
ATOM   780  O OD1 . ASN A 1 106 ? 20.041  -6.989  -3.357  1.00 18.04 ? 140  ASN A OD1 1 
ATOM   781  N ND2 . ASN A 1 106 ? 17.827  -6.659  -3.520  1.00 17.35 ? 140  ASN A ND2 1 
ATOM   782  N N   . ASN A 1 107 ? 22.515  -5.276  -1.725  1.00 19.41 ? 141  ASN A N   1 
ATOM   783  C CA  . ASN A 1 107 ? 23.868  -5.660  -1.342  1.00 24.03 ? 141  ASN A CA  1 
ATOM   784  C C   . ASN A 1 107 ? 24.774  -4.476  -1.645  1.00 24.17 ? 141  ASN A C   1 
ATOM   785  O O   . ASN A 1 107 ? 24.693  -3.893  -2.725  1.00 21.54 ? 141  ASN A O   1 
ATOM   786  C CB  . ASN A 1 107 ? 24.340  -6.896  -2.112  1.00 18.70 ? 141  ASN A CB  1 
ATOM   787  C CG  . ASN A 1 107 ? 25.568  -7.539  -1.488  1.00 24.34 ? 141  ASN A CG  1 
ATOM   788  O OD1 . ASN A 1 107 ? 26.653  -6.954  -1.472  1.00 21.63 ? 141  ASN A OD1 1 
ATOM   789  N ND2 . ASN A 1 107 ? 25.402  -8.753  -0.971  1.00 28.55 ? 141  ASN A ND2 1 
ATOM   790  N N   . THR A 1 108 ? 25.623  -4.111  -0.691  1.00 24.45 ? 142  THR A N   1 
ATOM   791  C CA  . THR A 1 108 ? 26.493  -2.950  -0.855  1.00 18.70 ? 142  THR A CA  1 
ATOM   792  C C   . THR A 1 108 ? 27.274  -3.038  -2.163  1.00 20.44 ? 142  THR A C   1 
ATOM   793  O O   . THR A 1 108 ? 27.482  -2.033  -2.849  1.00 23.44 ? 142  THR A O   1 
ATOM   794  C CB  . THR A 1 108 ? 27.469  -2.802  0.329   1.00 28.96 ? 142  THR A CB  1 
ATOM   795  O OG1 . THR A 1 108 ? 26.723  -2.653  1.545   1.00 26.67 ? 142  THR A OG1 1 
ATOM   796  C CG2 . THR A 1 108 ? 28.368  -1.584  0.136   1.00 23.83 ? 142  THR A CG2 1 
ATOM   797  N N   . ASP A 1 109 ? 27.701  -4.249  -2.504  1.00 21.86 ? 143  ASP A N   1 
ATOM   798  C CA  . ASP A 1 109 ? 28.401  -4.497  -3.755  1.00 22.05 ? 143  ASP A CA  1 
ATOM   799  C C   . ASP A 1 109 ? 27.377  -4.882  -4.820  1.00 22.72 ? 143  ASP A C   1 
ATOM   800  O O   . ASP A 1 109 ? 26.772  -5.951  -4.747  1.00 15.58 ? 143  ASP A O   1 
ATOM   801  C CB  . ASP A 1 109 ? 29.423  -5.617  -3.560  1.00 16.58 ? 143  ASP A CB  1 
ATOM   802  C CG  . ASP A 1 109 ? 30.418  -5.710  -4.695  1.00 22.29 ? 143  ASP A CG  1 
ATOM   803  O OD1 . ASP A 1 109 ? 30.037  -5.439  -5.854  1.00 20.17 ? 143  ASP A OD1 1 
ATOM   804  O OD2 . ASP A 1 109 ? 31.586  -6.058  -4.422  1.00 21.92 ? 143  ASP A OD2 1 
ATOM   805  N N   . TRP A 1 110 ? 27.178  -4.004  -5.801  1.00 13.52 ? 144  TRP A N   1 
ATOM   806  C CA  . TRP A 1 110 ? 26.129  -4.199  -6.799  1.00 18.98 ? 144  TRP A CA  1 
ATOM   807  C C   . TRP A 1 110 ? 26.304  -5.499  -7.578  1.00 13.68 ? 144  TRP A C   1 
ATOM   808  O O   . TRP A 1 110 ? 25.329  -6.077  -8.060  1.00 14.46 ? 144  TRP A O   1 
ATOM   809  C CB  . TRP A 1 110 ? 26.057  -3.008  -7.768  1.00 17.90 ? 144  TRP A CB  1 
ATOM   810  C CG  . TRP A 1 110 ? 27.177  -2.958  -8.777  1.00 18.51 ? 144  TRP A CG  1 
ATOM   811  C CD1 . TRP A 1 110 ? 28.348  -2.273  -8.664  1.00 15.50 ? 144  TRP A CD1 1 
ATOM   812  C CD2 . TRP A 1 110 ? 27.219  -3.617  -10.054 1.00 16.27 ? 144  TRP A CD2 1 
ATOM   813  N NE1 . TRP A 1 110 ? 29.121  -2.464  -9.786  1.00 14.57 ? 144  TRP A NE1 1 
ATOM   814  C CE2 . TRP A 1 110 ? 28.453  -3.285  -10.653 1.00 14.91 ? 144  TRP A CE2 1 
ATOM   815  C CE3 . TRP A 1 110 ? 26.339  -4.456  -10.743 1.00 13.43 ? 144  TRP A CE3 1 
ATOM   816  C CZ2 . TRP A 1 110 ? 28.827  -3.764  -11.909 1.00 15.00 ? 144  TRP A CZ2 1 
ATOM   817  C CZ3 . TRP A 1 110 ? 26.713  -4.930  -11.992 1.00 18.91 ? 144  TRP A CZ3 1 
ATOM   818  C CH2 . TRP A 1 110 ? 27.945  -4.580  -12.562 1.00 16.59 ? 144  TRP A CH2 1 
ATOM   819  N N   . ARG A 1 111 ? 27.547  -5.957  -7.692  1.00 19.92 ? 145  ARG A N   1 
ATOM   820  C CA  . ARG A 1 111 ? 27.855  -7.175  -8.436  1.00 15.73 ? 145  ARG A CA  1 
ATOM   821  C C   . ARG A 1 111 ? 27.258  -8.422  -7.786  1.00 19.89 ? 145  ARG A C   1 
ATOM   822  O O   . ARG A 1 111 ? 27.150  -9.470  -8.421  1.00 17.60 ? 145  ARG A O   1 
ATOM   823  C CB  . ARG A 1 111 ? 29.369  -7.333  -8.597  1.00 14.16 ? 145  ARG A CB  1 
ATOM   824  C CG  . ARG A 1 111 ? 30.006  -6.254  -9.462  1.00 23.12 ? 145  ARG A CG  1 
ATOM   825  C CD  . ARG A 1 111 ? 31.526  -6.295  -9.384  1.00 18.17 ? 145  ARG A CD  1 
ATOM   826  N NE  . ARG A 1 111 ? 31.998  -6.085  -8.019  1.00 16.84 ? 145  ARG A NE  1 
ATOM   827  C CZ  . ARG A 1 111 ? 33.274  -5.926  -7.680  1.00 12.95 ? 145  ARG A CZ  1 
ATOM   828  N NH1 . ARG A 1 111 ? 34.222  -5.940  -8.612  1.00 16.70 ? 145  ARG A NH1 1 
ATOM   829  N NH2 . ARG A 1 111 ? 33.602  -5.746  -6.408  1.00 17.03 ? 145  ARG A NH2 1 
ATOM   830  N N   . GLU A 1 112 ? 26.867  -8.306  -6.521  1.00 14.95 ? 146  GLU A N   1 
ATOM   831  C CA  . GLU A 1 112 ? 26.227  -9.421  -5.831  1.00 20.50 ? 146  GLU A CA  1 
ATOM   832  C C   . GLU A 1 112 ? 24.850  -9.039  -5.285  1.00 23.65 ? 146  GLU A C   1 
ATOM   833  O O   . GLU A 1 112 ? 24.275  -9.745  -4.460  1.00 24.03 ? 146  GLU A O   1 
ATOM   834  C CB  . GLU A 1 112 ? 27.148  -9.985  -4.746  1.00 15.28 ? 146  GLU A CB  1 
ATOM   835  C CG  . GLU A 1 112 ? 28.435  -10.562 -5.327  1.00 17.29 ? 146  GLU A CG  1 
ATOM   836  C CD  . GLU A 1 112 ? 29.307  -11.251 -4.300  1.00 29.01 ? 146  GLU A CD  1 
ATOM   837  O OE1 . GLU A 1 112 ? 29.407  -10.745 -3.167  1.00 24.88 ? 146  GLU A OE1 1 
ATOM   838  O OE2 . GLU A 1 112 ? 29.902  -12.297 -4.633  1.00 25.09 ? 146  GLU A OE2 1 
ATOM   839  N N   . ALA A 1 113 ? 24.323  -7.920  -5.774  1.00 15.98 ? 147  ALA A N   1 
ATOM   840  C CA  . ALA A 1 113 ? 22.966  -7.502  -5.452  1.00 12.34 ? 147  ALA A CA  1 
ATOM   841  C C   . ALA A 1 113 ? 22.005  -8.135  -6.451  1.00 22.05 ? 147  ALA A C   1 
ATOM   842  O O   . ALA A 1 113 ? 22.421  -8.567  -7.525  1.00 16.32 ? 147  ALA A O   1 
ATOM   843  C CB  . ALA A 1 113 ? 22.857  -5.997  -5.495  1.00 14.14 ? 147  ALA A CB  1 
ATOM   844  N N   . ARG A 1 114 ? 20.723  -8.180  -6.099  1.00 15.21 ? 148  ARG A N   1 
ATOM   845  C CA  . ARG A 1 114 ? 19.708  -8.782  -6.961  1.00 16.96 ? 148  ARG A CA  1 
ATOM   846  C C   . ARG A 1 114 ? 18.428  -7.949  -6.968  1.00 14.38 ? 148  ARG A C   1 
ATOM   847  O O   . ARG A 1 114 ? 18.292  -6.999  -6.201  1.00 15.95 ? 148  ARG A O   1 
ATOM   848  C CB  . ARG A 1 114 ? 19.391  -10.212 -6.512  1.00 17.81 ? 148  ARG A CB  1 
ATOM   849  C CG  . ARG A 1 114 ? 20.269  -11.294 -7.140  1.00 24.61 ? 148  ARG A CG  1 
ATOM   850  C CD  . ARG A 1 114 ? 21.570  -11.502 -6.379  1.00 27.56 ? 148  ARG A CD  1 
ATOM   851  N NE  . ARG A 1 114 ? 22.345  -12.599 -6.953  1.00 26.17 ? 148  ARG A NE  1 
ATOM   852  C CZ  . ARG A 1 114 ? 23.300  -12.443 -7.865  1.00 21.92 ? 148  ARG A CZ  1 
ATOM   853  N NH1 . ARG A 1 114 ? 23.614  -11.230 -8.301  1.00 15.76 ? 148  ARG A NH1 1 
ATOM   854  N NH2 . ARG A 1 114 ? 23.949  -13.500 -8.335  1.00 19.86 ? 148  ARG A NH2 1 
ATOM   855  N N   . ALA A 1 115 ? 17.486  -8.316  -7.831  1.00 15.07 ? 149  ALA A N   1 
ATOM   856  C CA  . ALA A 1 115 ? 16.224  -7.590  -7.933  1.00 13.23 ? 149  ALA A CA  1 
ATOM   857  C C   . ALA A 1 115 ? 15.539  -7.505  -6.572  1.00 15.40 ? 149  ALA A C   1 
ATOM   858  O O   . ALA A 1 115 ? 14.967  -6.475  -6.221  1.00 19.69 ? 149  ALA A O   1 
ATOM   859  C CB  . ALA A 1 115 ? 15.308  -8.253  -8.957  1.00 17.05 ? 149  ALA A CB  1 
ATOM   860  N N   . TRP A 1 116 ? 15.602  -8.597  -5.815  1.00 19.44 ? 150  TRP A N   1 
ATOM   861  C CA  . TRP A 1 116 ? 15.095  -8.620  -4.445  1.00 18.79 ? 150  TRP A CA  1 
ATOM   862  C C   . TRP A 1 116 ? 16.054  -9.389  -3.535  1.00 22.18 ? 150  TRP A C   1 
ATOM   863  O O   . TRP A 1 116 ? 16.732  -10.317 -3.979  1.00 21.84 ? 150  TRP A O   1 
ATOM   864  C CB  . TRP A 1 116 ? 13.688  -9.218  -4.395  1.00 20.12 ? 150  TRP A CB  1 
ATOM   865  C CG  . TRP A 1 116 ? 12.702  -8.433  -5.206  1.00 16.02 ? 150  TRP A CG  1 
ATOM   866  C CD1 . TRP A 1 116 ? 12.309  -8.687  -6.486  1.00 23.91 ? 150  TRP A CD1 1 
ATOM   867  C CD2 . TRP A 1 116 ? 12.009  -7.246  -4.800  1.00 19.83 ? 150  TRP A CD2 1 
ATOM   868  N NE1 . TRP A 1 116 ? 11.407  -7.737  -6.902  1.00 19.36 ? 150  TRP A NE1 1 
ATOM   869  C CE2 . TRP A 1 116 ? 11.203  -6.842  -5.884  1.00 19.77 ? 150  TRP A CE2 1 
ATOM   870  C CE3 . TRP A 1 116 ? 11.984  -6.490  -3.624  1.00 19.86 ? 150  TRP A CE3 1 
ATOM   871  C CZ2 . TRP A 1 116 ? 10.384  -5.717  -5.827  1.00 22.47 ? 150  TRP A CZ2 1 
ATOM   872  C CZ3 . TRP A 1 116 ? 11.172  -5.372  -3.570  1.00 20.71 ? 150  TRP A CZ3 1 
ATOM   873  C CH2 . TRP A 1 116 ? 10.382  -4.997  -4.663  1.00 18.03 ? 150  TRP A CH2 1 
ATOM   874  N N   . GLY A 1 117 ? 16.114  -8.990  -2.268  1.00 21.99 ? 151  GLY A N   1 
ATOM   875  C CA  . GLY A 1 117 ? 17.053  -9.574  -1.325  1.00 15.93 ? 151  GLY A CA  1 
ATOM   876  C C   . GLY A 1 117 ? 16.581  -10.891 -0.745  1.00 17.06 ? 151  GLY A C   1 
ATOM   877  O O   . GLY A 1 117 ? 15.406  -11.235 -0.845  1.00 20.17 ? 151  GLY A O   1 
ATOM   878  N N   . PRO A 1 118 ? 17.503  -11.644 -0.127  1.00 17.09 ? 152  PRO A N   1 
ATOM   879  C CA  . PRO A 1 118 ? 17.170  -12.949 0.460   1.00 19.30 ? 152  PRO A CA  1 
ATOM   880  C C   . PRO A 1 118 ? 16.202  -12.851 1.642   1.00 19.86 ? 152  PRO A C   1 
ATOM   881  O O   . PRO A 1 118 ? 15.583  -13.855 1.999   1.00 20.51 ? 152  PRO A O   1 
ATOM   882  C CB  . PRO A 1 118 ? 18.531  -13.484 0.925   1.00 23.50 ? 152  PRO A CB  1 
ATOM   883  C CG  . PRO A 1 118 ? 19.395  -12.268 1.072   1.00 28.74 ? 152  PRO A CG  1 
ATOM   884  C CD  . PRO A 1 118 ? 18.934  -11.323 0.004   1.00 29.39 ? 152  PRO A CD  1 
ATOM   885  N N   . HIS A 1 119 ? 16.071  -11.668 2.236   1.00 16.90 ? 153  HIS A N   1 
ATOM   886  C CA  . HIS A 1 119 ? 15.160  -11.488 3.366   1.00 16.67 ? 153  HIS A CA  1 
ATOM   887  C C   . HIS A 1 119 ? 14.104  -10.424 3.078   1.00 25.18 ? 153  HIS A C   1 
ATOM   888  O O   . HIS A 1 119 ? 13.698  -9.681  3.974   1.00 19.22 ? 153  HIS A O   1 
ATOM   889  C CB  . HIS A 1 119 ? 15.932  -11.127 4.640   1.00 22.61 ? 153  HIS A CB  1 
ATOM   890  C CG  . HIS A 1 119 ? 17.102  -12.022 4.913   1.00 19.59 ? 153  HIS A CG  1 
ATOM   891  N ND1 . HIS A 1 119 ? 16.977  -13.245 5.535   1.00 23.58 ? 153  HIS A ND1 1 
ATOM   892  C CD2 . HIS A 1 119 ? 18.421  -11.869 4.644   1.00 18.17 ? 153  HIS A CD2 1 
ATOM   893  C CE1 . HIS A 1 119 ? 18.168  -13.810 5.635   1.00 18.87 ? 153  HIS A CE1 1 
ATOM   894  N NE2 . HIS A 1 119 ? 19.061  -12.994 5.102   1.00 21.68 ? 153  HIS A NE2 1 
ATOM   895  N N   . VAL A 1 120 ? 13.666  -10.354 1.823   1.00 22.19 ? 154  VAL A N   1 
ATOM   896  C CA  . VAL A 1 120 ? 12.641  -9.399  1.420   1.00 24.63 ? 154  VAL A CA  1 
ATOM   897  C C   . VAL A 1 120 ? 11.411  -9.521  2.316   1.00 19.76 ? 154  VAL A C   1 
ATOM   898  O O   . VAL A 1 120 ? 11.065  -10.615 2.763   1.00 19.41 ? 154  VAL A O   1 
ATOM   899  C CB  . VAL A 1 120 ? 12.235  -9.601  -0.064  1.00 18.92 ? 154  VAL A CB  1 
ATOM   900  C CG1 . VAL A 1 120 ? 11.738  -11.022 -0.295  1.00 22.91 ? 154  VAL A CG1 1 
ATOM   901  C CG2 . VAL A 1 120 ? 11.181  -8.580  -0.476  1.00 23.74 ? 154  VAL A CG2 1 
ATOM   902  N N   . ILE A 1 121 ? 10.768  -8.390  2.590   1.00 18.92 ? 155  ILE A N   1 
ATOM   903  C CA  . ILE A 1 121 ? 9.585   -8.360  3.446   1.00 18.56 ? 155  ILE A CA  1 
ATOM   904  C C   . ILE A 1 121 ? 8.354   -8.856  2.695   1.00 18.59 ? 155  ILE A C   1 
ATOM   905  O O   . ILE A 1 121 ? 7.931   -8.252  1.709   1.00 19.28 ? 155  ILE A O   1 
ATOM   906  C CB  . ILE A 1 121 ? 9.326   -6.940  3.991   1.00 16.69 ? 155  ILE A CB  1 
ATOM   907  C CG1 . ILE A 1 121 ? 10.564  -6.433  4.732   1.00 17.06 ? 155  ILE A CG1 1 
ATOM   908  C CG2 . ILE A 1 121 ? 8.109   -6.926  4.908   1.00 15.75 ? 155  ILE A CG2 1 
ATOM   909  C CD1 . ILE A 1 121 ? 10.453  -5.011  5.216   1.00 16.42 ? 155  ILE A CD1 1 
ATOM   910  N N   . CYS A 1 122 ? 7.785   -9.957  3.176   1.00 19.23 ? 156  CYS A N   1 
ATOM   911  C CA  . CYS A 1 122 ? 6.657   -10.603 2.515   1.00 23.80 ? 156  CYS A CA  1 
ATOM   912  C C   . CYS A 1 122 ? 5.982   -11.625 3.434   1.00 22.94 ? 156  CYS A C   1 
ATOM   913  O O   . CYS A 1 122 ? 6.264   -11.683 4.632   1.00 19.10 ? 156  CYS A O   1 
ATOM   914  C CB  . CYS A 1 122 ? 7.114   -11.280 1.217   1.00 16.45 ? 156  CYS A CB  1 
ATOM   915  S SG  . CYS A 1 122 ? 8.385   -12.567 1.425   1.00 17.29 ? 156  CYS A SG  1 
ATOM   916  N N   . GLY A 1 123 ? 5.092   -12.433 2.869   1.00 20.09 ? 157  GLY A N   1 
ATOM   917  C CA  . GLY A 1 123 ? 4.398   -13.445 3.646   1.00 20.43 ? 157  GLY A CA  1 
ATOM   918  C C   . GLY A 1 123 ? 3.613   -12.843 4.799   1.00 16.85 ? 157  GLY A C   1 
ATOM   919  O O   . GLY A 1 123 ? 2.983   -11.799 4.647   1.00 18.08 ? 157  GLY A O   1 
ATOM   920  N N   . ASN A 1 124 ? 3.663   -13.497 5.956   1.00 21.47 ? 158  ASN A N   1 
ATOM   921  C CA  . ASN A 1 124 ? 2.901   -13.057 7.122   1.00 20.59 ? 158  ASN A CA  1 
ATOM   922  C C   . ASN A 1 124 ? 3.476   -11.824 7.824   1.00 17.88 ? 158  ASN A C   1 
ATOM   923  O O   . ASN A 1 124 ? 2.980   -11.410 8.873   1.00 15.99 ? 158  ASN A O   1 
ATOM   924  C CB  . ASN A 1 124 ? 2.713   -14.213 8.113   1.00 18.93 ? 158  ASN A CB  1 
ATOM   925  C CG  . ASN A 1 124 ? 1.661   -15.207 7.651   1.00 19.05 ? 158  ASN A CG  1 
ATOM   926  O OD1 . ASN A 1 124 ? 1.143   -15.106 6.540   1.00 21.70 ? 158  ASN A OD1 1 
ATOM   927  N ND2 . ASN A 1 124 ? 1.343   -16.176 8.502   1.00 15.90 ? 158  ASN A ND2 1 
ATOM   928  N N   . GLN A 1 125 ? 4.519   -11.237 7.244   1.00 18.80 ? 159  GLN A N   1 
ATOM   929  C CA  . GLN A 1 125 ? 5.032   -9.964  7.740   1.00 18.63 ? 159  GLN A CA  1 
ATOM   930  C C   . GLN A 1 125 ? 4.030   -8.865  7.418   1.00 17.51 ? 159  GLN A C   1 
ATOM   931  O O   . GLN A 1 125 ? 3.973   -7.843  8.096   1.00 18.84 ? 159  GLN A O   1 
ATOM   932  C CB  . GLN A 1 125 ? 6.394   -9.643  7.127   1.00 20.51 ? 159  GLN A CB  1 
ATOM   933  C CG  . GLN A 1 125 ? 7.517   -10.549 7.606   1.00 19.71 ? 159  GLN A CG  1 
ATOM   934  C CD  . GLN A 1 125 ? 8.871   -10.123 7.076   1.00 19.90 ? 159  GLN A CD  1 
ATOM   935  O OE1 . GLN A 1 125 ? 9.312   -10.589 6.024   1.00 18.97 ? 159  GLN A OE1 1 
ATOM   936  N NE2 . GLN A 1 125 ? 9.540   -9.235  7.803   1.00 21.54 ? 159  GLN A NE2 1 
ATOM   937  N N   . LEU A 1 126 ? 3.232   -9.093  6.378   1.00 20.83 ? 160  LEU A N   1 
ATOM   938  C CA  . LEU A 1 126 ? 2.149   -8.185  6.024   1.00 20.69 ? 160  LEU A CA  1 
ATOM   939  C C   . LEU A 1 126 ? 0.914   -8.496  6.868   1.00 23.37 ? 160  LEU A C   1 
ATOM   940  O O   . LEU A 1 126 ? 0.361   -9.593  6.789   1.00 24.23 ? 160  LEU A O   1 
ATOM   941  C CB  . LEU A 1 126 ? 1.819   -8.309  4.536   1.00 19.76 ? 160  LEU A CB  1 
ATOM   942  C CG  . LEU A 1 126 ? 3.002   -8.295  3.560   1.00 27.15 ? 160  LEU A CG  1 
ATOM   943  C CD1 . LEU A 1 126 ? 2.509   -8.391  2.121   1.00 24.59 ? 160  LEU A CD1 1 
ATOM   944  C CD2 . LEU A 1 126 ? 3.859   -7.053  3.748   1.00 21.80 ? 160  LEU A CD2 1 
ATOM   945  N N   . ARG A 1 127 ? 0.485   -7.528  7.675   1.00 15.53 ? 161  ARG A N   1 
ATOM   946  C CA  . ARG A 1 127 ? -0.618  -7.743  8.610   1.00 20.58 ? 161  ARG A CA  1 
ATOM   947  C C   . ARG A 1 127 ? -1.976  -7.601  7.930   1.00 18.99 ? 161  ARG A C   1 
ATOM   948  O O   . ARG A 1 127 ? -2.194  -6.671  7.157   1.00 16.17 ? 161  ARG A O   1 
ATOM   949  C CB  . ARG A 1 127 ? -0.528  -6.755  9.777   1.00 22.92 ? 161  ARG A CB  1 
ATOM   950  C CG  . ARG A 1 127 ? 0.814   -6.750  10.499  1.00 23.27 ? 161  ARG A CG  1 
ATOM   951  C CD  . ARG A 1 127 ? 0.842   -5.692  11.599  1.00 32.47 ? 161  ARG A CD  1 
ATOM   952  N NE  . ARG A 1 127 ? -0.254  -5.856  12.552  1.00 35.02 ? 161  ARG A NE  1 
ATOM   953  C CZ  . ARG A 1 127 ? -0.497  -5.034  13.568  1.00 49.23 ? 161  ARG A CZ  1 
ATOM   954  N NH1 . ARG A 1 127 ? 0.279   -3.978  13.774  1.00 33.03 ? 161  ARG A NH1 1 
ATOM   955  N NH2 . ARG A 1 127 ? -1.522  -5.267  14.380  1.00 30.91 ? 161  ARG A NH2 1 
ATOM   956  N N   . LYS A 1 128 ? -2.888  -8.521  8.231   1.00 18.49 ? 162  LYS A N   1 
ATOM   957  C CA  . LYS A 1 128 ? -4.232  -8.487  7.660   1.00 17.07 ? 162  LYS A CA  1 
ATOM   958  C C   . LYS A 1 128 ? -5.067  -7.357  8.252   1.00 16.46 ? 162  LYS A C   1 
ATOM   959  O O   . LYS A 1 128 ? -5.230  -7.265  9.466   1.00 28.03 ? 162  LYS A O   1 
ATOM   960  C CB  . LYS A 1 128 ? -4.955  -9.818  7.890   1.00 29.56 ? 162  LYS A CB  1 
ATOM   961  C CG  . LYS A 1 128 ? -4.322  -11.020 7.209   1.00 36.12 ? 162  LYS A CG  1 
ATOM   962  C CD  . LYS A 1 128 ? -5.153  -12.270 7.463   1.00 44.39 ? 162  LYS A CD  1 
ATOM   963  C CE  . LYS A 1 128 ? -4.460  -13.524 6.954   1.00 61.61 ? 162  LYS A CE  1 
ATOM   964  N NZ  . LYS A 1 128 ? -5.270  -14.745 7.228   1.00 61.29 ? 162  LYS A NZ  1 
ATOM   965  N N   . ALA A 1 129 ? -5.601  -6.503  7.386   1.00 19.31 ? 163  ALA A N   1 
ATOM   966  C CA  . ALA A 1 129 ? -6.456  -5.402  7.817   1.00 20.74 ? 163  ALA A CA  1 
ATOM   967  C C   . ALA A 1 129 ? -7.829  -5.502  7.159   1.00 22.01 ? 163  ALA A C   1 
ATOM   968  O O   . ALA A 1 129 ? -8.553  -4.513  7.051   1.00 37.29 ? 163  ALA A O   1 
ATOM   969  C CB  . ALA A 1 129 ? -5.802  -4.065  7.494   1.00 22.36 ? 163  ALA A CB  1 
ATOM   970  N N   . GLY A 1 130 ? -8.180  -6.711  6.727   1.00 25.65 ? 164  GLY A N   1 
ATOM   971  C CA  . GLY A 1 130 ? -9.424  -6.954  6.021   1.00 20.64 ? 164  GLY A CA  1 
ATOM   972  C C   . GLY A 1 130 ? -9.164  -7.856  4.833   1.00 22.12 ? 164  GLY A C   1 
ATOM   973  O O   . GLY A 1 130 ? -8.011  -8.139  4.511   1.00 22.45 ? 164  GLY A O   1 
ATOM   974  N N   . HIS A 1 131 ? -10.221 -8.316  4.170   1.00 17.59 ? 165  HIS A N   1 
ATOM   975  C CA  . HIS A 1 131 ? -10.028 -9.200  3.025   1.00 16.07 ? 165  HIS A CA  1 
ATOM   976  C C   . HIS A 1 131 ? -9.363  -8.452  1.868   1.00 19.10 ? 165  HIS A C   1 
ATOM   977  O O   . HIS A 1 131 ? -8.693  -9.050  1.030   1.00 21.24 ? 165  HIS A O   1 
ATOM   978  C CB  . HIS A 1 131 ? -11.345 -9.867  2.599   1.00 18.33 ? 165  HIS A CB  1 
ATOM   979  C CG  . HIS A 1 131 ? -12.366 -8.918  2.051   1.00 34.92 ? 165  HIS A CG  1 
ATOM   980  N ND1 . HIS A 1 131 ? -12.418 -8.566  0.718   1.00 34.29 ? 165  HIS A ND1 1 
ATOM   981  C CD2 . HIS A 1 131 ? -13.386 -8.259  2.652   1.00 36.20 ? 165  HIS A CD2 1 
ATOM   982  C CE1 . HIS A 1 131 ? -13.420 -7.727  0.524   1.00 36.93 ? 165  HIS A CE1 1 
ATOM   983  N NE2 . HIS A 1 131 ? -14.023 -7.523  1.683   1.00 33.92 ? 165  HIS A NE2 1 
ATOM   984  N N   . LEU A 1 132 ? -9.529  -7.133  1.849   1.00 16.44 ? 166  LEU A N   1 
ATOM   985  C CA  . LEU A 1 132 ? -8.996  -6.304  0.772   1.00 16.84 ? 166  LEU A CA  1 
ATOM   986  C C   . LEU A 1 132 ? -7.644  -5.672  1.088   1.00 21.64 ? 166  LEU A C   1 
ATOM   987  O O   . LEU A 1 132 ? -7.012  -5.092  0.207   1.00 18.61 ? 166  LEU A O   1 
ATOM   988  C CB  . LEU A 1 132 ? -9.992  -5.195  0.421   1.00 18.12 ? 166  LEU A CB  1 
ATOM   989  C CG  . LEU A 1 132 ? -11.181 -5.572  -0.467  1.00 30.20 ? 166  LEU A CG  1 
ATOM   990  C CD1 . LEU A 1 132 ? -12.229 -4.472  -0.456  1.00 22.72 ? 166  LEU A CD1 1 
ATOM   991  C CD2 . LEU A 1 132 ? -10.718 -5.866  -1.888  1.00 26.07 ? 166  LEU A CD2 1 
ATOM   992  N N   . SER A 1 133 ? -7.192  -5.778  2.333   1.00 21.16 ? 167  SER A N   1 
ATOM   993  C CA  . SER A 1 133 ? -6.067  -4.953  2.768   1.00 21.70 ? 167  SER A CA  1 
ATOM   994  C C   . SER A 1 133 ? -5.012  -5.662  3.613   1.00 20.17 ? 167  SER A C   1 
ATOM   995  O O   . SER A 1 133 ? -5.329  -6.516  4.440   1.00 18.15 ? 167  SER A O   1 
ATOM   996  C CB  . SER A 1 133 ? -6.588  -3.738  3.541   1.00 16.84 ? 167  SER A CB  1 
ATOM   997  O OG  . SER A 1 133 ? -7.446  -2.944  2.742   1.00 29.01 ? 167  SER A OG  1 
ATOM   998  N N   . ARG A 1 134 ? -3.754  -5.284  3.391   1.00 19.03 ? 168  ARG A N   1 
ATOM   999  C CA  . ARG A 1 134 ? -2.650  -5.662  4.269   1.00 18.95 ? 168  ARG A CA  1 
ATOM   1000 C C   . ARG A 1 134 ? -1.832  -4.415  4.603   1.00 18.08 ? 168  ARG A C   1 
ATOM   1001 O O   . ARG A 1 134 ? -1.823  -3.449  3.842   1.00 19.09 ? 168  ARG A O   1 
ATOM   1002 C CB  . ARG A 1 134 ? -1.744  -6.699  3.597   1.00 20.80 ? 168  ARG A CB  1 
ATOM   1003 C CG  . ARG A 1 134 ? -2.444  -7.959  3.126   1.00 30.38 ? 168  ARG A CG  1 
ATOM   1004 C CD  . ARG A 1 134 ? -2.942  -8.790  4.288   1.00 30.12 ? 168  ARG A CD  1 
ATOM   1005 N NE  . ARG A 1 134 ? -3.300  -10.140 3.868   1.00 23.28 ? 168  ARG A NE  1 
ATOM   1006 C CZ  . ARG A 1 134 ? -4.496  -10.491 3.404   1.00 48.59 ? 168  ARG A CZ  1 
ATOM   1007 N NH1 . ARG A 1 134 ? -5.465  -9.589  3.290   1.00 25.97 ? 168  ARG A NH1 1 
ATOM   1008 N NH2 . ARG A 1 134 ? -4.720  -11.750 3.049   1.00 39.82 ? 168  ARG A NH2 1 
ATOM   1009 N N   . ALA A 1 135 ? -1.145  -4.430  5.740   1.00 18.12 ? 169  ALA A N   1 
ATOM   1010 C CA  . ALA A 1 135 ? -0.277  -3.313  6.096   1.00 16.37 ? 169  ALA A CA  1 
ATOM   1011 C C   . ALA A 1 135 ? 0.940   -3.800  6.871   1.00 19.14 ? 169  ALA A C   1 
ATOM   1012 O O   . ALA A 1 135 ? 0.869   -4.781  7.609   1.00 20.16 ? 169  ALA A O   1 
ATOM   1013 C CB  . ALA A 1 135 ? -1.043  -2.268  6.895   1.00 19.93 ? 169  ALA A CB  1 
ATOM   1014 N N   . VAL A 1 136 ? 2.063   -3.115  6.696   1.00 13.46 ? 170  VAL A N   1 
ATOM   1015 C CA  . VAL A 1 136 ? 3.284   -3.504  7.383   1.00 14.37 ? 170  VAL A CA  1 
ATOM   1016 C C   . VAL A 1 136 ? 4.075   -2.267  7.764   1.00 14.68 ? 170  VAL A C   1 
ATOM   1017 O O   . VAL A 1 136 ? 4.157   -1.310  6.992   1.00 17.71 ? 170  VAL A O   1 
ATOM   1018 C CB  . VAL A 1 136 ? 4.159   -4.434  6.503   1.00 15.96 ? 170  VAL A CB  1 
ATOM   1019 C CG1 . VAL A 1 136 ? 4.555   -3.733  5.216   1.00 14.14 ? 170  VAL A CG1 1 
ATOM   1020 C CG2 . VAL A 1 136 ? 5.393   -4.892  7.267   1.00 16.08 ? 170  VAL A CG2 1 
ATOM   1021 N N   . TYR A 1 137 ? 4.630   -2.277  8.971   1.00 17.62 ? 171  TYR A N   1 
ATOM   1022 C CA  . TYR A 1 137 ? 5.521   -1.207  9.396   1.00 11.88 ? 171  TYR A CA  1 
ATOM   1023 C C   . TYR A 1 137 ? 6.966   -1.614  9.154   1.00 20.26 ? 171  TYR A C   1 
ATOM   1024 O O   . TYR A 1 137 ? 7.364   -2.738  9.459   1.00 15.87 ? 171  TYR A O   1 
ATOM   1025 C CB  . TYR A 1 137 ? 5.323   -0.868  10.875  1.00 16.31 ? 171  TYR A CB  1 
ATOM   1026 C CG  . TYR A 1 137 ? 6.318   0.153   11.375  1.00 14.49 ? 171  TYR A CG  1 
ATOM   1027 C CD1 . TYR A 1 137 ? 6.192   1.493   11.034  1.00 16.00 ? 171  TYR A CD1 1 
ATOM   1028 C CD2 . TYR A 1 137 ? 7.395   -0.223  12.168  1.00 20.27 ? 171  TYR A CD2 1 
ATOM   1029 C CE1 . TYR A 1 137 ? 7.104   2.433   11.476  1.00 20.71 ? 171  TYR A CE1 1 
ATOM   1030 C CE2 . TYR A 1 137 ? 8.312   0.713   12.616  1.00 21.49 ? 171  TYR A CE2 1 
ATOM   1031 C CZ  . TYR A 1 137 ? 8.161   2.038   12.266  1.00 21.10 ? 171  TYR A CZ  1 
ATOM   1032 O OH  . TYR A 1 137 ? 9.068   2.976   12.707  1.00 38.13 ? 171  TYR A OH  1 
ATOM   1033 N N   . VAL A 1 138 ? 7.745   -0.693  8.603   1.00 15.21 ? 172  VAL A N   1 
ATOM   1034 C CA  . VAL A 1 138 ? 9.140   -0.957  8.281   1.00 13.65 ? 172  VAL A CA  1 
ATOM   1035 C C   . VAL A 1 138 ? 10.011  0.158   8.834   1.00 11.24 ? 172  VAL A C   1 
ATOM   1036 O O   . VAL A 1 138 ? 9.972   1.280   8.338   1.00 17.95 ? 172  VAL A O   1 
ATOM   1037 C CB  . VAL A 1 138 ? 9.348   -1.042  6.757   1.00 23.12 ? 172  VAL A CB  1 
ATOM   1038 C CG1 . VAL A 1 138 ? 10.792  -1.420  6.433   1.00 16.83 ? 172  VAL A CG1 1 
ATOM   1039 C CG2 . VAL A 1 138 ? 8.376   -2.039  6.142   1.00 16.69 ? 172  VAL A CG2 1 
ATOM   1040 N N   . PRO A 1 139 ? 10.794  -0.140  9.879   1.00 16.93 ? 173  PRO A N   1 
ATOM   1041 C CA  . PRO A 1 139 ? 11.702  0.881   10.410  1.00 16.09 ? 173  PRO A CA  1 
ATOM   1042 C C   . PRO A 1 139 ? 12.804  1.213   9.405   1.00 21.44 ? 173  PRO A C   1 
ATOM   1043 O O   . PRO A 1 139 ? 13.287  0.328   8.698   1.00 14.25 ? 173  PRO A O   1 
ATOM   1044 C CB  . PRO A 1 139 ? 12.281  0.222   11.667  1.00 25.56 ? 173  PRO A CB  1 
ATOM   1045 C CG  . PRO A 1 139 ? 12.083  -1.241  11.467  1.00 24.57 ? 173  PRO A CG  1 
ATOM   1046 C CD  . PRO A 1 139 ? 10.825  -1.383  10.667  1.00 19.77 ? 173  PRO A CD  1 
ATOM   1047 N N   . LEU A 1 140 ? 13.181  2.485   9.336   1.00 16.21 ? 174  LEU A N   1 
ATOM   1048 C CA  . LEU A 1 140 ? 14.235  2.925   8.429   1.00 19.28 ? 174  LEU A CA  1 
ATOM   1049 C C   . LEU A 1 140 ? 15.331  3.659   9.193   1.00 24.96 ? 174  LEU A C   1 
ATOM   1050 O O   . LEU A 1 140 ? 15.073  4.268   10.229  1.00 25.23 ? 174  LEU A O   1 
ATOM   1051 C CB  . LEU A 1 140 ? 13.676  3.852   7.341   1.00 17.42 ? 174  LEU A CB  1 
ATOM   1052 C CG  . LEU A 1 140 ? 12.812  3.318   6.190   1.00 24.16 ? 174  LEU A CG  1 
ATOM   1053 C CD1 . LEU A 1 140 ? 13.414  2.071   5.560   1.00 19.97 ? 174  LEU A CD1 1 
ATOM   1054 C CD2 . LEU A 1 140 ? 11.400  3.049   6.631   1.00 37.42 ? 174  LEU A CD2 1 
ATOM   1055 N N   . ASP A 1 141 ? 16.557  3.589   8.687   1.00 24.34 ? 175  ASP A N   1 
ATOM   1056 C CA  . ASP A 1 141 ? 17.623  4.443   9.197   1.00 31.88 ? 175  ASP A CA  1 
ATOM   1057 C C   . ASP A 1 141 ? 18.099  5.357   8.075   1.00 24.97 ? 175  ASP A C   1 
ATOM   1058 O O   . ASP A 1 141 ? 17.672  5.212   6.931   1.00 26.86 ? 175  ASP A O   1 
ATOM   1059 C CB  . ASP A 1 141 ? 18.773  3.630   9.804   1.00 55.83 ? 175  ASP A CB  1 
ATOM   1060 C CG  . ASP A 1 141 ? 19.401  2.668   8.818   1.00 43.76 ? 175  ASP A CG  1 
ATOM   1061 O OD1 . ASP A 1 141 ? 19.548  3.032   7.633   1.00 73.72 ? 175  ASP A OD1 1 
ATOM   1062 O OD2 . ASP A 1 141 ? 19.755  1.543   9.235   1.00 66.65 ? 175  ASP A OD2 1 
ATOM   1063 N N   . GLU A 1 142 ? 18.973  6.300   8.404   1.00 22.30 ? 176  GLU A N   1 
ATOM   1064 C CA  . GLU A 1 142 ? 19.338  7.354   7.466   1.00 26.08 ? 176  GLU A CA  1 
ATOM   1065 C C   . GLU A 1 142 ? 19.797  6.818   6.112   1.00 29.08 ? 176  GLU A C   1 
ATOM   1066 O O   . GLU A 1 142 ? 20.581  5.870   6.035   1.00 28.71 ? 176  GLU A O   1 
ATOM   1067 C CB  . GLU A 1 142 ? 20.408  8.271   8.070   1.00 25.01 ? 176  GLU A CB  1 
ATOM   1068 C CG  . GLU A 1 142 ? 20.675  9.524   7.252   1.00 71.20 ? 176  GLU A CG  1 
ATOM   1069 C CD  . GLU A 1 142 ? 21.633  10.479  7.936   1.00 78.28 ? 176  GLU A CD  1 
ATOM   1070 O OE1 . GLU A 1 142 ? 22.092  10.167  9.055   1.00 69.87 ? 176  GLU A OE1 1 
ATOM   1071 O OE2 . GLU A 1 142 ? 21.926  11.544  7.354   1.00 77.31 ? 176  GLU A OE2 1 
ATOM   1072 N N   . HIS A 1 143 ? 19.282  7.433   5.052   1.00 37.20 ? 177  HIS A N   1 
ATOM   1073 C CA  . HIS A 1 143 ? 19.680  7.125   3.679   1.00 40.56 ? 177  HIS A CA  1 
ATOM   1074 C C   . HIS A 1 143 ? 19.115  5.820   3.118   1.00 33.71 ? 177  HIS A C   1 
ATOM   1075 O O   . HIS A 1 143 ? 19.302  5.520   1.937   1.00 30.69 ? 177  HIS A O   1 
ATOM   1076 C CB  . HIS A 1 143 ? 21.202  7.175   3.527   1.00 41.23 ? 177  HIS A CB  1 
ATOM   1077 C CG  . HIS A 1 143 ? 21.780  8.543   3.713   1.00 62.15 ? 177  HIS A CG  1 
ATOM   1078 N ND1 . HIS A 1 143 ? 20.997  9.651   3.962   1.00 70.81 ? 177  HIS A ND1 1 
ATOM   1079 C CD2 . HIS A 1 143 ? 23.058  8.985   3.687   1.00 70.99 ? 177  HIS A CD2 1 
ATOM   1080 C CE1 . HIS A 1 143 ? 21.770  10.715  4.081   1.00 69.40 ? 177  HIS A CE1 1 
ATOM   1081 N NE2 . HIS A 1 143 ? 23.025  10.338  3.920   1.00 71.07 ? 177  HIS A NE2 1 
ATOM   1082 N N   . ASN A 1 144 ? 18.430  5.044   3.955   1.00 24.20 ? 178  ASN A N   1 
ATOM   1083 C CA  . ASN A 1 144 ? 17.669  3.906   3.451   1.00 28.25 ? 178  ASN A CA  1 
ATOM   1084 C C   . ASN A 1 144 ? 16.773  4.364   2.305   1.00 22.24 ? 178  ASN A C   1 
ATOM   1085 O O   . ASN A 1 144 ? 16.342  5.515   2.271   1.00 24.42 ? 178  ASN A O   1 
ATOM   1086 C CB  . ASN A 1 144 ? 16.795  3.297   4.554   1.00 28.94 ? 178  ASN A CB  1 
ATOM   1087 C CG  . ASN A 1 144 ? 17.373  2.018   5.130   1.00 30.94 ? 178  ASN A CG  1 
ATOM   1088 O OD1 . ASN A 1 144 ? 17.278  1.768   6.333   1.00 28.35 ? 178  ASN A OD1 1 
ATOM   1089 N ND2 . ASN A 1 144 ? 17.967  1.196   4.277   1.00 25.96 ? 178  ASN A ND2 1 
ATOM   1090 N N   . THR A 1 145 ? 16.507  3.471   1.359   1.00 18.37 ? 179  THR A N   1 
ATOM   1091 C CA  . THR A 1 145 ? 15.492  3.727   0.345   1.00 16.28 ? 179  THR A CA  1 
ATOM   1092 C C   . THR A 1 145 ? 14.420  2.651   0.437   1.00 23.79 ? 179  THR A C   1 
ATOM   1093 O O   . THR A 1 145 ? 14.612  1.641   1.109   1.00 19.46 ? 179  THR A O   1 
ATOM   1094 C CB  . THR A 1 145 ? 16.080  3.779   -1.080  1.00 19.08 ? 179  THR A CB  1 
ATOM   1095 O OG1 . THR A 1 145 ? 16.963  2.668   -1.279  1.00 21.72 ? 179  THR A OG1 1 
ATOM   1096 C CG2 . THR A 1 145 ? 16.844  5.081   -1.297  1.00 19.29 ? 179  THR A CG2 1 
ATOM   1097 N N   . VAL A 1 146 ? 13.292  2.871   -0.230  1.00 17.99 ? 180  VAL A N   1 
ATOM   1098 C CA  . VAL A 1 146 ? 12.174  1.941   -0.143  1.00 17.34 ? 180  VAL A CA  1 
ATOM   1099 C C   . VAL A 1 146 ? 11.735  1.424   -1.511  1.00 15.10 ? 180  VAL A C   1 
ATOM   1100 O O   . VAL A 1 146 ? 11.575  2.191   -2.459  1.00 19.47 ? 180  VAL A O   1 
ATOM   1101 C CB  . VAL A 1 146 ? 10.964  2.586   0.563   1.00 18.74 ? 180  VAL A CB  1 
ATOM   1102 C CG1 . VAL A 1 146 ? 9.778   1.636   0.553   1.00 18.54 ? 180  VAL A CG1 1 
ATOM   1103 C CG2 . VAL A 1 146 ? 11.331  2.992   1.989   1.00 19.69 ? 180  VAL A CG2 1 
ATOM   1104 N N   . LYS A 1 147 ? 11.542  0.112   -1.601  1.00 13.54 ? 181  LYS A N   1 
ATOM   1105 C CA  . LYS A 1 147 ? 11.055  -0.528  -2.816  1.00 12.20 ? 181  LYS A CA  1 
ATOM   1106 C C   . LYS A 1 147 ? 9.778   -1.287  -2.506  1.00 18.75 ? 181  LYS A C   1 
ATOM   1107 O O   . LYS A 1 147 ? 9.709   -2.009  -1.511  1.00 17.20 ? 181  LYS A O   1 
ATOM   1108 C CB  . LYS A 1 147 ? 12.102  -1.496  -3.368  1.00 15.34 ? 181  LYS A CB  1 
ATOM   1109 C CG  . LYS A 1 147 ? 13.327  -0.826  -3.955  1.00 19.92 ? 181  LYS A CG  1 
ATOM   1110 C CD  . LYS A 1 147 ? 14.454  -1.828  -4.165  1.00 15.84 ? 181  LYS A CD  1 
ATOM   1111 C CE  . LYS A 1 147 ? 14.016  -3.015  -5.012  1.00 19.38 ? 181  LYS A CE  1 
ATOM   1112 N NZ  . LYS A 1 147 ? 15.082  -4.058  -5.062  1.00 21.37 ? 181  LYS A NZ  1 
ATOM   1113 N N   . VAL A 1 148 ? 8.763   -1.114  -3.347  1.00 18.16 ? 182  VAL A N   1 
ATOM   1114 C CA  . VAL A 1 148 ? 7.508   -1.838  -3.170  1.00 15.31 ? 182  VAL A CA  1 
ATOM   1115 C C   . VAL A 1 148 ? 7.065   -2.482  -4.477  1.00 18.64 ? 182  VAL A C   1 
ATOM   1116 O O   . VAL A 1 148 ? 7.178   -1.881  -5.547  1.00 18.29 ? 182  VAL A O   1 
ATOM   1117 C CB  . VAL A 1 148 ? 6.380   -0.920  -2.659  1.00 16.03 ? 182  VAL A CB  1 
ATOM   1118 C CG1 . VAL A 1 148 ? 5.098   -1.717  -2.438  1.00 16.61 ? 182  VAL A CG1 1 
ATOM   1119 C CG2 . VAL A 1 148 ? 6.804   -0.218  -1.375  1.00 17.08 ? 182  VAL A CG2 1 
ATOM   1120 N N   . LEU A 1 149 ? 6.572   -3.712  -4.382  1.00 15.67 ? 183  LEU A N   1 
ATOM   1121 C CA  . LEU A 1 149 ? 5.971   -4.396  -5.520  1.00 14.77 ? 183  LEU A CA  1 
ATOM   1122 C C   . LEU A 1 149 ? 4.585   -4.915  -5.161  1.00 17.50 ? 183  LEU A C   1 
ATOM   1123 O O   . LEU A 1 149 ? 4.409   -5.606  -4.160  1.00 16.50 ? 183  LEU A O   1 
ATOM   1124 C CB  . LEU A 1 149 ? 6.842   -5.564  -5.979  1.00 15.46 ? 183  LEU A CB  1 
ATOM   1125 C CG  . LEU A 1 149 ? 6.187   -6.475  -7.022  1.00 21.15 ? 183  LEU A CG  1 
ATOM   1126 C CD1 . LEU A 1 149 ? 5.940   -5.723  -8.318  1.00 25.79 ? 183  LEU A CD1 1 
ATOM   1127 C CD2 . LEU A 1 149 ? 7.034   -7.710  -7.278  1.00 32.51 ? 183  LEU A CD2 1 
ATOM   1128 N N   . ALA A 1 150 ? 3.602   -4.581  -5.987  1.00 17.40 ? 184  ALA A N   1 
ATOM   1129 C CA  . ALA A 1 150 ? 2.254   -5.111  -5.818  1.00 16.38 ? 184  ALA A CA  1 
ATOM   1130 C C   . ALA A 1 150 ? 1.667   -5.450  -7.181  1.00 20.73 ? 184  ALA A C   1 
ATOM   1131 O O   . ALA A 1 150 ? 1.738   -4.649  -8.111  1.00 19.06 ? 184  ALA A O   1 
ATOM   1132 C CB  . ALA A 1 150 ? 1.374   -4.115  -5.084  1.00 16.83 ? 184  ALA A CB  1 
ATOM   1133 N N   . THR A 1 151 ? 1.100   -6.646  -7.301  1.00 19.01 ? 185  THR A N   1 
ATOM   1134 C CA  . THR A 1 151 ? 0.538   -7.091  -8.569  1.00 22.73 ? 185  THR A CA  1 
ATOM   1135 C C   . THR A 1 151 ? -0.877  -7.624  -8.399  1.00 17.48 ? 185  THR A C   1 
ATOM   1136 O O   . THR A 1 151 ? -1.219  -8.187  -7.357  1.00 21.82 ? 185  THR A O   1 
ATOM   1137 C CB  . THR A 1 151 ? 1.412   -8.178  -9.230  1.00 21.91 ? 185  THR A CB  1 
ATOM   1138 O OG1 . THR A 1 151 ? 1.621   -9.253  -8.305  1.00 24.84 ? 185  THR A OG1 1 
ATOM   1139 C CG2 . THR A 1 151 ? 2.762   -7.604  -9.639  1.00 24.35 ? 185  THR A CG2 1 
ATOM   1140 N N   . ALA A 1 152 ? -1.694  -7.439  -9.433  1.00 17.47 ? 186  ALA A N   1 
ATOM   1141 C CA  . ALA A 1 152 ? -3.067  -7.924  -9.426  1.00 24.61 ? 186  ALA A CA  1 
ATOM   1142 C C   . ALA A 1 152 ? -3.087  -9.444  -9.380  1.00 21.38 ? 186  ALA A C   1 
ATOM   1143 O O   . ALA A 1 152 ? -2.308  -10.106 -10.068 1.00 24.70 ? 186  ALA A O   1 
ATOM   1144 C CB  . ALA A 1 152 ? -3.809  -7.423  -10.654 1.00 22.28 ? 186  ALA A CB  1 
ATOM   1145 N N   . ARG A 1 153 ? -3.988  -9.990  -8.571  1.00 15.52 ? 187  ARG A N   1 
ATOM   1146 C CA  . ARG A 1 153 ? -4.123  -11.431 -8.426  1.00 22.43 ? 187  ARG A CA  1 
ATOM   1147 C C   . ARG A 1 153 ? -4.569  -12.075 -9.738  1.00 38.93 ? 187  ARG A C   1 
ATOM   1148 O O   . ARG A 1 153 ? -5.605  -11.718 -10.298 1.00 29.28 ? 187  ARG A O   1 
ATOM   1149 C CB  . ARG A 1 153 ? -5.111  -11.756 -7.302  1.00 29.93 ? 187  ARG A CB  1 
ATOM   1150 C CG  . ARG A 1 153 ? -5.168  -13.220 -6.912  1.00 44.37 ? 187  ARG A CG  1 
ATOM   1151 C CD  . ARG A 1 153 ? -6.091  -13.445 -5.719  1.00 33.34 ? 187  ARG A CD  1 
ATOM   1152 N NE  . ARG A 1 153 ? -5.565  -12.866 -4.484  1.00 37.92 ? 187  ARG A NE  1 
ATOM   1153 C CZ  . ARG A 1 153 ? -6.016  -11.746 -3.925  1.00 50.76 ? 187  ARG A CZ  1 
ATOM   1154 N NH1 . ARG A 1 153 ? -7.011  -11.070 -4.484  1.00 50.14 ? 187  ARG A NH1 1 
ATOM   1155 N NH2 . ARG A 1 153 ? -5.474  -11.302 -2.801  1.00 63.02 ? 187  ARG A NH2 1 
ATOM   1156 N N   . GLN A 1 154 ? -3.766  -13.016 -10.222 1.00 44.78 ? 188  GLN A N   1 
ATOM   1157 C CA  . GLN A 1 154 ? -4.049  -13.730 -11.462 1.00 56.25 ? 188  GLN A CA  1 
ATOM   1158 C C   . GLN A 1 154 ? -5.487  -14.230 -11.517 1.00 48.27 ? 188  GLN A C   1 
ATOM   1159 O O   . GLN A 1 154 ? -5.733  -15.428 -11.653 1.00 69.86 ? 188  GLN A O   1 
ATOM   1160 C CB  . GLN A 1 154 ? -3.080  -14.904 -11.630 1.00 76.93 ? 188  GLN A CB  1 
ATOM   1161 C CG  . GLN A 1 154 ? -2.895  -15.751 -10.375 1.00 76.82 ? 188  GLN A CG  1 
ATOM   1162 C CD  . GLN A 1 154 ? -2.160  -15.010 -9.270  1.00 63.86 ? 188  GLN A CD  1 
ATOM   1163 O OE1 . GLN A 1 154 ? -1.388  -14.087 -9.533  1.00 61.71 ? 188  GLN A OE1 1 
ATOM   1164 N NE2 . GLN A 1 154 ? -2.406  -15.405 -8.025  1.00 49.67 ? 188  GLN A NE2 1 
ATOM   1165 N N   . ASN A 1 159 ? -4.846  -15.312 -17.073 1.00 53.49 ? 193  ASN A N   1 
ATOM   1166 C CA  . ASN A 1 159 ? -4.031  -14.339 -16.358 1.00 74.29 ? 193  ASN A CA  1 
ATOM   1167 C C   . ASN A 1 159 ? -3.712  -13.124 -17.224 1.00 81.97 ? 193  ASN A C   1 
ATOM   1168 O O   . ASN A 1 159 ? -3.345  -13.262 -18.392 1.00 75.46 ? 193  ASN A O   1 
ATOM   1169 C CB  . ASN A 1 159 ? -2.735  -14.988 -15.867 1.00 58.50 ? 193  ASN A CB  1 
ATOM   1170 C CG  . ASN A 1 159 ? -1.998  -14.129 -14.859 1.00 65.27 ? 193  ASN A CG  1 
ATOM   1171 O OD1 . ASN A 1 159 ? -2.267  -12.936 -14.727 1.00 66.23 ? 193  ASN A OD1 1 
ATOM   1172 N ND2 . ASN A 1 159 ? -1.059  -14.735 -14.141 1.00 72.96 ? 193  ASN A ND2 1 
ATOM   1173 N N   . ARG A 1 160 ? -3.853  -11.935 -16.646 1.00 71.48 ? 194  ARG A N   1 
ATOM   1174 C CA  . ARG A 1 160 ? -3.615  -10.693 -17.377 1.00 61.24 ? 194  ARG A CA  1 
ATOM   1175 C C   . ARG A 1 160 ? -2.145  -10.527 -17.751 1.00 57.46 ? 194  ARG A C   1 
ATOM   1176 O O   . ARG A 1 160 ? -1.787  -9.631  -18.515 1.00 49.75 ? 194  ARG A O   1 
ATOM   1177 C CB  . ARG A 1 160 ? -4.093  -9.488  -16.560 1.00 38.99 ? 194  ARG A CB  1 
ATOM   1178 C CG  . ARG A 1 160 ? -3.310  -9.246  -15.281 1.00 36.72 ? 194  ARG A CG  1 
ATOM   1179 C CD  . ARG A 1 160 ? -3.945  -8.139  -14.456 1.00 42.93 ? 194  ARG A CD  1 
ATOM   1180 N NE  . ARG A 1 160 ? -5.212  -8.557  -13.864 1.00 40.63 ? 194  ARG A NE  1 
ATOM   1181 C CZ  . ARG A 1 160 ? -6.048  -7.740  -13.232 1.00 36.56 ? 194  ARG A CZ  1 
ATOM   1182 N NH1 . ARG A 1 160 ? -5.756  -6.451  -13.117 1.00 50.78 ? 194  ARG A NH1 1 
ATOM   1183 N NH2 . ARG A 1 160 ? -7.178  -8.208  -12.721 1.00 43.76 ? 194  ARG A NH2 1 
ATOM   1184 N N   . PHE A 1 161 ? -1.298  -11.394 -17.206 1.00 50.10 ? 195  PHE A N   1 
ATOM   1185 C CA  . PHE A 1 161 ? 0.130   -11.358 -17.499 1.00 59.28 ? 195  PHE A CA  1 
ATOM   1186 C C   . PHE A 1 161 ? 0.522   -12.455 -18.487 1.00 66.54 ? 195  PHE A C   1 
ATOM   1187 O O   . PHE A 1 161 ? 1.696   -12.606 -18.826 1.00 68.78 ? 195  PHE A O   1 
ATOM   1188 C CB  . PHE A 1 161 ? 0.949   -11.493 -16.213 1.00 47.46 ? 195  PHE A CB  1 
ATOM   1189 C CG  . PHE A 1 161 ? 0.785   -10.339 -15.263 1.00 60.54 ? 195  PHE A CG  1 
ATOM   1190 C CD1 . PHE A 1 161 ? 1.379   -9.116  -15.528 1.00 59.30 ? 195  PHE A CD1 1 
ATOM   1191 C CD2 . PHE A 1 161 ? 0.049   -10.481 -14.098 1.00 60.55 ? 195  PHE A CD2 1 
ATOM   1192 C CE1 . PHE A 1 161 ? 1.234   -8.055  -14.657 1.00 34.10 ? 195  PHE A CE1 1 
ATOM   1193 C CE2 . PHE A 1 161 ? -0.098  -9.421  -13.219 1.00 53.05 ? 195  PHE A CE2 1 
ATOM   1194 C CZ  . PHE A 1 161 ? 0.494   -8.207  -13.500 1.00 40.09 ? 195  PHE A CZ  1 
ATOM   1195 N N   . ASN A 1 162 ? -0.467  -13.216 -18.946 1.00 64.28 ? 196  ASN A N   1 
ATOM   1196 C CA  . ASN A 1 162 ? -0.221  -14.319 -19.872 1.00 69.86 ? 196  ASN A CA  1 
ATOM   1197 C C   . ASN A 1 162 ? -0.459  -13.963 -21.337 1.00 79.53 ? 196  ASN A C   1 
ATOM   1198 O O   . ASN A 1 162 ? -1.421  -13.271 -21.672 1.00 74.53 ? 196  ASN A O   1 
ATOM   1199 C CB  . ASN A 1 162 ? -1.072  -15.538 -19.498 1.00 73.66 ? 196  ASN A CB  1 
ATOM   1200 C CG  . ASN A 1 162 ? -0.364  -16.472 -18.536 1.00 88.73 ? 196  ASN A CG  1 
ATOM   1201 O OD1 . ASN A 1 162 ? 0.866   -16.529 -18.497 1.00 85.55 ? 196  ASN A OD1 1 
ATOM   1202 N ND2 . ASN A 1 162 ? -1.140  -17.219 -17.758 1.00 83.34 ? 196  ASN A ND2 1 
ATOM   1203 N N   . GLY A 1 163 ? 0.430   -14.448 -22.197 1.00 58.46 ? 197  GLY A N   1 
ATOM   1204 C CA  . GLY A 1 163 ? 0.274   -14.347 -23.638 1.00 65.28 ? 197  GLY A CA  1 
ATOM   1205 C C   . GLY A 1 163 ? -0.283  -13.046 -24.184 1.00 66.45 ? 197  GLY A C   1 
ATOM   1206 O O   . GLY A 1 163 ? 0.401   -12.022 -24.183 1.00 67.95 ? 197  GLY A O   1 
ATOM   1207 N N   . PRO A 1 164 ? -1.539  -13.081 -24.653 1.00 79.44 ? 198  PRO A N   1 
ATOM   1208 C CA  . PRO A 1 164 ? -2.154  -11.962 -25.377 1.00 62.05 ? 198  PRO A CA  1 
ATOM   1209 C C   . PRO A 1 164 ? -2.700  -10.860 -24.470 1.00 69.74 ? 198  PRO A C   1 
ATOM   1210 O O   . PRO A 1 164 ? -2.888  -9.736  -24.932 1.00 64.74 ? 198  PRO A O   1 
ATOM   1211 C CB  . PRO A 1 164 ? -3.295  -12.634 -26.152 1.00 73.33 ? 198  PRO A CB  1 
ATOM   1212 C CG  . PRO A 1 164 ? -3.577  -13.932 -25.422 1.00 59.35 ? 198  PRO A CG  1 
ATOM   1213 C CD  . PRO A 1 164 ? -2.505  -14.161 -24.390 1.00 69.28 ? 198  PRO A CD  1 
ATOM   1214 N N   . GLN A 1 165 ? -2.949  -11.176 -23.204 1.00 66.10 ? 199  GLN A N   1 
ATOM   1215 C CA  . GLN A 1 165 ? -3.473  -10.187 -22.267 1.00 62.81 ? 199  GLN A CA  1 
ATOM   1216 C C   . GLN A 1 165 ? -2.385  -9.249  -21.753 1.00 49.56 ? 199  GLN A C   1 
ATOM   1217 O O   . GLN A 1 165 ? -2.677  -8.148  -21.288 1.00 44.46 ? 199  GLN A O   1 
ATOM   1218 C CB  . GLN A 1 165 ? -4.184  -10.869 -21.094 1.00 48.15 ? 199  GLN A CB  1 
ATOM   1219 C CG  . GLN A 1 165 ? -5.651  -11.172 -21.353 1.00 64.17 ? 199  GLN A CG  1 
ATOM   1220 C CD  . GLN A 1 165 ? -5.862  -12.016 -22.593 1.00 66.03 ? 199  GLN A CD  1 
ATOM   1221 O OE1 . GLN A 1 165 ? -5.511  -13.195 -22.622 1.00 81.28 ? 199  GLN A OE1 1 
ATOM   1222 N NE2 . GLN A 1 165 ? -6.435  -11.412 -23.629 1.00 58.79 ? 199  GLN A NE2 1 
ATOM   1223 N N   . LEU A 1 166 ? -1.133  -9.686  -21.843 1.00 46.99 ? 200  LEU A N   1 
ATOM   1224 C CA  . LEU A 1 166 ? -0.011  -8.889  -21.359 1.00 38.52 ? 200  LEU A CA  1 
ATOM   1225 C C   . LEU A 1 166 ? 0.072   -7.546  -22.075 1.00 51.45 ? 200  LEU A C   1 
ATOM   1226 O O   . LEU A 1 166 ? 0.494   -6.548  -21.492 1.00 42.83 ? 200  LEU A O   1 
ATOM   1227 C CB  . LEU A 1 166 ? 1.304   -9.656  -21.518 1.00 49.06 ? 200  LEU A CB  1 
ATOM   1228 C CG  . LEU A 1 166 ? 2.559   -8.956  -20.992 1.00 45.88 ? 200  LEU A CG  1 
ATOM   1229 C CD1 . LEU A 1 166 ? 2.375   -8.522  -19.543 1.00 42.32 ? 200  LEU A CD1 1 
ATOM   1230 C CD2 . LEU A 1 166 ? 3.779   -9.854  -21.132 1.00 54.39 ? 200  LEU A CD2 1 
ATOM   1231 N N   . ALA A 1 167 ? -0.336  -7.527  -23.340 1.00 58.34 ? 201  ALA A N   1 
ATOM   1232 C CA  . ALA A 1 167 ? -0.305  -6.308  -24.138 1.00 52.14 ? 201  ALA A CA  1 
ATOM   1233 C C   . ALA A 1 167 ? -1.224  -5.237  -23.561 1.00 36.31 ? 201  ALA A C   1 
ATOM   1234 O O   . ALA A 1 167 ? -0.801  -4.104  -23.330 1.00 51.57 ? 201  ALA A O   1 
ATOM   1235 C CB  . ALA A 1 167 ? -0.675  -6.607  -25.582 1.00 74.52 ? 201  ALA A CB  1 
ATOM   1236 N N   . GLN A 1 168 ? -2.483  -5.597  -23.330 1.00 35.22 ? 202  GLN A N   1 
ATOM   1237 C CA  . GLN A 1 168 ? -3.445  -4.655  -22.769 1.00 30.30 ? 202  GLN A CA  1 
ATOM   1238 C C   . GLN A 1 168 ? -3.019  -4.212  -21.375 1.00 50.50 ? 202  GLN A C   1 
ATOM   1239 O O   . GLN A 1 168 ? -3.130  -3.037  -21.029 1.00 44.47 ? 202  GLN A O   1 
ATOM   1240 C CB  . GLN A 1 168 ? -4.847  -5.269  -22.713 1.00 58.31 ? 202  GLN A CB  1 
ATOM   1241 C CG  . GLN A 1 168 ? -5.890  -4.347  -22.095 1.00 65.04 ? 202  GLN A CG  1 
ATOM   1242 C CD  . GLN A 1 168 ? -7.284  -4.949  -22.085 1.00 68.57 ? 202  GLN A CD  1 
ATOM   1243 O OE1 . GLN A 1 168 ? -7.448  -6.169  -22.107 1.00 52.44 ? 202  GLN A OE1 1 
ATOM   1244 N NE2 . GLN A 1 168 ? -8.296  -4.091  -22.054 1.00 47.55 ? 202  GLN A NE2 1 
ATOM   1245 N N   . THR A 1 169 ? -2.533  -5.158  -20.579 1.00 37.56 ? 203  THR A N   1 
ATOM   1246 C CA  . THR A 1 169 ? -2.085  -4.870  -19.222 1.00 29.83 ? 203  THR A CA  1 
ATOM   1247 C C   . THR A 1 169 ? -0.986  -3.812  -19.208 1.00 34.93 ? 203  THR A C   1 
ATOM   1248 O O   . THR A 1 169 ? -0.997  -2.899  -18.385 1.00 48.60 ? 203  THR A O   1 
ATOM   1249 C CB  . THR A 1 169 ? -1.573  -6.144  -18.525 1.00 38.99 ? 203  THR A CB  1 
ATOM   1250 O OG1 . THR A 1 169 ? -2.666  -7.043  -18.308 1.00 39.39 ? 203  THR A OG1 1 
ATOM   1251 C CG2 . THR A 1 169 ? -0.929  -5.802  -17.189 1.00 38.84 ? 203  THR A CG2 1 
ATOM   1252 N N   . LEU A 1 170 ? -0.037  -3.944  -20.126 1.00 37.78 ? 204  LEU A N   1 
ATOM   1253 C CA  . LEU A 1 170 ? 1.077   -3.010  -20.224 1.00 35.29 ? 204  LEU A CA  1 
ATOM   1254 C C   . LEU A 1 170 ? 0.593   -1.598  -20.548 1.00 44.53 ? 204  LEU A C   1 
ATOM   1255 O O   . LEU A 1 170 ? 1.017   -0.627  -19.919 1.00 41.15 ? 204  LEU A O   1 
ATOM   1256 C CB  . LEU A 1 170 ? 2.076   -3.498  -21.279 1.00 36.06 ? 204  LEU A CB  1 
ATOM   1257 C CG  . LEU A 1 170 ? 3.322   -2.658  -21.565 1.00 36.71 ? 204  LEU A CG  1 
ATOM   1258 C CD1 . LEU A 1 170 ? 2.974   -1.471  -22.442 1.00 54.03 ? 204  LEU A CD1 1 
ATOM   1259 C CD2 . LEU A 1 170 ? 3.980   -2.202  -20.269 1.00 47.07 ? 204  LEU A CD2 1 
ATOM   1260 N N   . THR A 1 171 ? -0.300  -1.492  -21.526 1.00 36.45 ? 205  THR A N   1 
ATOM   1261 C CA  . THR A 1 171 ? -0.787  -0.195  -21.990 1.00 35.46 ? 205  THR A CA  1 
ATOM   1262 C C   . THR A 1 171 ? -1.904  0.358   -21.109 1.00 34.07 ? 205  THR A C   1 
ATOM   1263 O O   . THR A 1 171 ? -2.159  1.563   -21.099 1.00 45.28 ? 205  THR A O   1 
ATOM   1264 C CB  . THR A 1 171 ? -1.290  -0.282  -23.443 1.00 39.38 ? 205  THR A CB  1 
ATOM   1265 O OG1 . THR A 1 171 ? -2.390  -1.199  -23.517 1.00 37.07 ? 205  THR A OG1 1 
ATOM   1266 C CG2 . THR A 1 171 ? -0.181  -0.764  -24.360 1.00 29.33 ? 205  THR A CG2 1 
ATOM   1267 N N   . ASN A 1 172 ? -2.563  -0.526  -20.370 1.00 35.20 ? 206  ASN A N   1 
ATOM   1268 C CA  . ASN A 1 172 ? -3.693  -0.145  -19.528 1.00 37.99 ? 206  ASN A CA  1 
ATOM   1269 C C   . ASN A 1 172 ? -3.257  0.346   -18.151 1.00 47.32 ? 206  ASN A C   1 
ATOM   1270 O O   . ASN A 1 172 ? -4.015  1.018   -17.448 1.00 28.99 ? 206  ASN A O   1 
ATOM   1271 C CB  . ASN A 1 172 ? -4.644  -1.333  -19.374 1.00 50.68 ? 206  ASN A CB  1 
ATOM   1272 C CG  . ASN A 1 172 ? -5.808  -1.038  -18.457 1.00 46.71 ? 206  ASN A CG  1 
ATOM   1273 O OD1 . ASN A 1 172 ? -5.729  -1.247  -17.247 1.00 63.09 ? 206  ASN A OD1 1 
ATOM   1274 N ND2 . ASN A 1 172 ? -6.904  -0.557  -19.030 1.00 52.43 ? 206  ASN A ND2 1 
ATOM   1275 N N   . ASN A 1 173 ? -2.029  0.010   -17.772 1.00 29.03 ? 207  ASN A N   1 
ATOM   1276 C CA  . ASN A 1 173 ? -1.548  0.285   -16.423 1.00 26.80 ? 207  ASN A CA  1 
ATOM   1277 C C   . ASN A 1 173 ? -0.957  1.684   -16.233 1.00 24.47 ? 207  ASN A C   1 
ATOM   1278 O O   . ASN A 1 173 ? 0.256   1.877   -16.336 1.00 27.29 ? 207  ASN A O   1 
ATOM   1279 C CB  . ASN A 1 173 ? -0.544  -0.785  -15.989 1.00 29.22 ? 207  ASN A CB  1 
ATOM   1280 C CG  . ASN A 1 173 ? -0.169  -0.670  -14.527 1.00 20.24 ? 207  ASN A CG  1 
ATOM   1281 O OD1 . ASN A 1 173 ? -0.989  -0.920  -13.643 1.00 27.42 ? 207  ASN A OD1 1 
ATOM   1282 N ND2 . ASN A 1 173 ? 1.076   -0.294  -14.263 1.00 25.04 ? 207  ASN A ND2 1 
ATOM   1283 N N   . ILE A 1 174 ? -1.821  2.653   -15.949 1.00 22.52 ? 208  ILE A N   1 
ATOM   1284 C CA  . ILE A 1 174 ? -1.378  4.007   -15.641 1.00 20.20 ? 208  ILE A CA  1 
ATOM   1285 C C   . ILE A 1 174 ? -1.347  4.213   -14.131 1.00 26.55 ? 208  ILE A C   1 
ATOM   1286 O O   . ILE A 1 174 ? -2.394  4.315   -13.490 1.00 17.59 ? 208  ILE A O   1 
ATOM   1287 C CB  . ILE A 1 174 ? -2.304  5.072   -16.274 1.00 17.52 ? 208  ILE A CB  1 
ATOM   1288 C CG1 . ILE A 1 174 ? -2.260  4.987   -17.802 1.00 28.78 ? 208  ILE A CG1 1 
ATOM   1289 C CG2 . ILE A 1 174 ? -1.918  6.465   -15.802 1.00 15.01 ? 208  ILE A CG2 1 
ATOM   1290 C CD1 . ILE A 1 174 ? -3.121  6.031   -18.495 1.00 24.47 ? 208  ILE A CD1 1 
ATOM   1291 N N   . VAL A 1 175 ? -0.144  4.260   -13.568 1.00 22.65 ? 209  VAL A N   1 
ATOM   1292 C CA  . VAL A 1 175 ? 0.024   4.502   -12.141 1.00 24.44 ? 209  VAL A CA  1 
ATOM   1293 C C   . VAL A 1 175 ? -0.164  5.983   -11.828 1.00 29.02 ? 209  VAL A C   1 
ATOM   1294 O O   . VAL A 1 175 ? 0.494   6.841   -12.418 1.00 18.44 ? 209  VAL A O   1 
ATOM   1295 C CB  . VAL A 1 175 ? 1.414   4.046   -11.645 1.00 23.84 ? 209  VAL A CB  1 
ATOM   1296 C CG1 . VAL A 1 175 ? 1.598   4.404   -10.176 1.00 19.93 ? 209  VAL A CG1 1 
ATOM   1297 C CG2 . VAL A 1 175 ? 1.592   2.550   -11.862 1.00 22.36 ? 209  VAL A CG2 1 
ATOM   1298 N N   . CYS A 1 176 ? -1.071  6.277   -10.902 1.00 20.08 ? 210  CYS A N   1 
ATOM   1299 C CA  . CYS A 1 176 ? -1.364  7.656   -10.537 1.00 19.36 ? 210  CYS A CA  1 
ATOM   1300 C C   . CYS A 1 176 ? -0.902  7.954   -9.117  1.00 21.50 ? 210  CYS A C   1 
ATOM   1301 O O   . CYS A 1 176 ? -1.592  7.620   -8.154  1.00 18.32 ? 210  CYS A O   1 
ATOM   1302 C CB  . CYS A 1 176 ? -2.859  7.930   -10.669 1.00 17.04 ? 210  CYS A CB  1 
ATOM   1303 S SG  . CYS A 1 176 ? -3.511  7.570   -12.302 1.00 20.57 ? 210  CYS A SG  1 
ATOM   1304 N N   . PRO A 1 177 ? 0.278   8.575   -8.988  1.00 19.23 ? 211  PRO A N   1 
ATOM   1305 C CA  . PRO A 1 177 ? 0.871   8.919   -7.693  1.00 23.16 ? 211  PRO A CA  1 
ATOM   1306 C C   . PRO A 1 177 ? 0.421   10.277  -7.174  1.00 17.05 ? 211  PRO A C   1 
ATOM   1307 O O   . PRO A 1 177 ? 0.256   11.221  -7.949  1.00 26.80 ? 211  PRO A O   1 
ATOM   1308 C CB  . PRO A 1 177 ? 2.378   8.977   -8.000  1.00 21.67 ? 211  PRO A CB  1 
ATOM   1309 C CG  . PRO A 1 177 ? 2.533   8.496   -9.427  1.00 20.68 ? 211  PRO A CG  1 
ATOM   1310 C CD  . PRO A 1 177 ? 1.230   8.789   -10.087 1.00 16.98 ? 211  PRO A CD  1 
ATOM   1311 N N   . ASN A 1 178 ? 0.220   10.363  -5.865  1.00 19.61 ? 212  ASN A N   1 
ATOM   1312 C CA  . ASN A 1 178 ? 0.073   11.642  -5.187  1.00 25.65 ? 212  ASN A CA  1 
ATOM   1313 C C   . ASN A 1 178 ? 0.927   11.680  -3.932  1.00 26.47 ? 212  ASN A C   1 
ATOM   1314 O O   . ASN A 1 178 ? 1.061   10.679  -3.226  1.00 24.68 ? 212  ASN A O   1 
ATOM   1315 C CB  . ASN A 1 178 ? -1.387  11.930  -4.842  1.00 32.74 ? 212  ASN A CB  1 
ATOM   1316 C CG  . ASN A 1 178 ? -2.096  12.705  -5.928  1.00 41.68 ? 212  ASN A CG  1 
ATOM   1317 O OD1 . ASN A 1 178 ? -1.856  13.900  -6.110  1.00 34.02 ? 212  ASN A OD1 1 
ATOM   1318 N ND2 . ASN A 1 178 ? -2.974  12.029  -6.659  1.00 33.99 ? 212  ASN A ND2 1 
ATOM   1319 N N   . VAL A 1 179 ? 1.519   12.837  -3.663  1.00 23.30 ? 213  VAL A N   1 
ATOM   1320 C CA  . VAL A 1 179 ? 2.293   13.018  -2.447  1.00 24.27 ? 213  VAL A CA  1 
ATOM   1321 C C   . VAL A 1 179 ? 1.522   13.957  -1.535  1.00 28.49 ? 213  VAL A C   1 
ATOM   1322 O O   . VAL A 1 179 ? 1.170   15.069  -1.927  1.00 22.26 ? 213  VAL A O   1 
ATOM   1323 C CB  . VAL A 1 179 ? 3.688   13.592  -2.737  1.00 28.46 ? 213  VAL A CB  1 
ATOM   1324 C CG1 . VAL A 1 179 ? 4.511   13.646  -1.462  1.00 23.36 ? 213  VAL A CG1 1 
ATOM   1325 C CG2 . VAL A 1 179 ? 4.392   12.752  -3.791  1.00 27.44 ? 213  VAL A CG2 1 
ATOM   1326 N N   . ILE A 1 180 ? 1.246   13.494  -0.322  1.00 26.84 ? 214  ILE A N   1 
ATOM   1327 C CA  . ILE A 1 180 ? 0.424   14.249  0.610   1.00 18.32 ? 214  ILE A CA  1 
ATOM   1328 C C   . ILE A 1 180 ? 1.152   14.461  1.929   1.00 28.69 ? 214  ILE A C   1 
ATOM   1329 O O   . ILE A 1 180 ? 1.693   13.519  2.509   1.00 22.29 ? 214  ILE A O   1 
ATOM   1330 C CB  . ILE A 1 180 ? -0.907  13.531  0.868   1.00 35.89 ? 214  ILE A CB  1 
ATOM   1331 C CG1 . ILE A 1 180 ? -1.575  13.188  -0.465  1.00 36.64 ? 214  ILE A CG1 1 
ATOM   1332 C CG2 . ILE A 1 180 ? -1.823  14.387  1.738   1.00 25.89 ? 214  ILE A CG2 1 
ATOM   1333 C CD1 . ILE A 1 180 ? -2.827  12.384  -0.326  1.00 39.04 ? 214  ILE A CD1 1 
ATOM   1334 N N   . GLU A 1 181 ? 1.164   15.708  2.387   1.00 25.83 ? 215  GLU A N   1 
ATOM   1335 C CA  . GLU A 1 181 ? 1.788   16.058  3.656   1.00 24.49 ? 215  GLU A CA  1 
ATOM   1336 C C   . GLU A 1 181 ? 0.735   16.190  4.750   1.00 27.62 ? 215  GLU A C   1 
ATOM   1337 O O   . GLU A 1 181 ? -0.295  16.831  4.555   1.00 25.26 ? 215  GLU A O   1 
ATOM   1338 C CB  . GLU A 1 181 ? 2.574   17.365  3.520   1.00 31.33 ? 215  GLU A CB  1 
ATOM   1339 C CG  . GLU A 1 181 ? 3.741   17.287  2.544   1.00 37.36 ? 215  GLU A CG  1 
ATOM   1340 C CD  . GLU A 1 181 ? 4.454   18.616  2.380   1.00 40.94 ? 215  GLU A CD  1 
ATOM   1341 O OE1 . GLU A 1 181 ? 3.818   19.666  2.607   1.00 55.42 ? 215  GLU A OE1 1 
ATOM   1342 O OE2 . GLU A 1 181 ? 5.652   18.610  2.024   1.00 64.82 ? 215  GLU A OE2 1 
ATOM   1343 N N   . PHE A 1 182 ? 0.998   15.569  5.895   1.00 21.18 ? 216  PHE A N   1 
ATOM   1344 C CA  . PHE A 1 182 ? 0.099   15.642  7.039   1.00 25.43 ? 216  PHE A CA  1 
ATOM   1345 C C   . PHE A 1 182 ? 0.806   16.288  8.223   1.00 25.36 ? 216  PHE A C   1 
ATOM   1346 O O   . PHE A 1 182 ? 1.978   16.011  8.481   1.00 23.61 ? 216  PHE A O   1 
ATOM   1347 C CB  . PHE A 1 182 ? -0.382  14.244  7.434   1.00 19.37 ? 216  PHE A CB  1 
ATOM   1348 C CG  . PHE A 1 182 ? -1.110  13.519  6.338   1.00 16.95 ? 216  PHE A CG  1 
ATOM   1349 C CD1 . PHE A 1 182 ? -0.421  12.715  5.443   1.00 25.48 ? 216  PHE A CD1 1 
ATOM   1350 C CD2 . PHE A 1 182 ? -2.484  13.630  6.210   1.00 19.99 ? 216  PHE A CD2 1 
ATOM   1351 C CE1 . PHE A 1 182 ? -1.089  12.041  4.439   1.00 32.54 ? 216  PHE A CE1 1 
ATOM   1352 C CE2 . PHE A 1 182 ? -3.157  12.961  5.206   1.00 25.76 ? 216  PHE A CE2 1 
ATOM   1353 C CZ  . PHE A 1 182 ? -2.459  12.163  4.321   1.00 23.56 ? 216  PHE A CZ  1 
ATOM   1354 N N   . ASN A 1 183 ? 0.089   17.143  8.946   1.00 20.90 ? 217  ASN A N   1 
ATOM   1355 C CA  . ASN A 1 183 ? 0.650   17.806  10.120  1.00 21.80 ? 217  ASN A CA  1 
ATOM   1356 C C   . ASN A 1 183 ? 0.748   16.875  11.325  1.00 20.13 ? 217  ASN A C   1 
ATOM   1357 O O   . ASN A 1 183 ? 1.704   16.942  12.094  1.00 26.65 ? 217  ASN A O   1 
ATOM   1358 C CB  . ASN A 1 183 ? -0.171  19.047  10.485  1.00 32.87 ? 217  ASN A CB  1 
ATOM   1359 C CG  . ASN A 1 183 ? -0.164  20.096  9.389   1.00 36.27 ? 217  ASN A CG  1 
ATOM   1360 O OD1 . ASN A 1 183 ? 0.795   20.205  8.625   1.00 39.54 ? 217  ASN A OD1 1 
ATOM   1361 N ND2 . ASN A 1 183 ? -1.238  20.872  9.305   1.00 39.05 ? 217  ASN A ND2 1 
ATOM   1362 N N   . THR A 1 184 ? -0.246  16.005  11.483  1.00 21.00 ? 218  THR A N   1 
ATOM   1363 C CA  . THR A 1 184 ? -0.331  15.135  12.653  1.00 29.04 ? 218  THR A CA  1 
ATOM   1364 C C   . THR A 1 184 ? -0.830  13.756  12.251  1.00 29.23 ? 218  THR A C   1 
ATOM   1365 O O   . THR A 1 184 ? -1.362  13.586  11.157  1.00 19.78 ? 218  THR A O   1 
ATOM   1366 C CB  . THR A 1 184 ? -1.305  15.705  13.700  1.00 22.58 ? 218  THR A CB  1 
ATOM   1367 O OG1 . THR A 1 184 ? -2.639  15.676  13.176  1.00 25.45 ? 218  THR A OG1 1 
ATOM   1368 C CG2 . THR A 1 184 ? -0.935  17.137  14.057  1.00 28.04 ? 218  THR A CG2 1 
ATOM   1369 N N   . GLU A 1 185 ? -0.676  12.771  13.133  1.00 17.52 ? 219  GLU A N   1 
ATOM   1370 C CA  . GLU A 1 185 ? -1.180  11.434  12.825  1.00 16.06 ? 219  GLU A CA  1 
ATOM   1371 C C   . GLU A 1 185 ? -2.700  11.423  12.686  1.00 19.68 ? 219  GLU A C   1 
ATOM   1372 O O   . GLU A 1 185 ? -3.246  10.662  11.895  1.00 21.93 ? 219  GLU A O   1 
ATOM   1373 C CB  . GLU A 1 185 ? -0.752  10.395  13.867  1.00 18.32 ? 219  GLU A CB  1 
ATOM   1374 C CG  . GLU A 1 185 ? -0.891  8.969   13.330  1.00 18.29 ? 219  GLU A CG  1 
ATOM   1375 C CD  . GLU A 1 185 ? -0.761  7.885   14.386  1.00 19.52 ? 219  GLU A CD  1 
ATOM   1376 O OE1 . GLU A 1 185 ? -0.791  8.194   15.596  1.00 23.18 ? 219  GLU A OE1 1 
ATOM   1377 O OE2 . GLU A 1 185 ? -0.629  6.707   13.992  1.00 22.06 ? 219  GLU A OE2 1 
ATOM   1378 N N   . SER A 1 186 ? -3.384  12.257  13.463  1.00 19.54 ? 220  SER A N   1 
ATOM   1379 C CA  . SER A 1 186 ? -4.839  12.311  13.391  1.00 23.61 ? 220  SER A CA  1 
ATOM   1380 C C   . SER A 1 186 ? -5.294  12.596  11.962  1.00 16.64 ? 220  SER A C   1 
ATOM   1381 O O   . SER A 1 186 ? -6.281  12.034  11.493  1.00 21.26 ? 220  SER A O   1 
ATOM   1382 C CB  . SER A 1 186 ? -5.404  13.350  14.368  1.00 24.16 ? 220  SER A CB  1 
ATOM   1383 O OG  . SER A 1 186 ? -4.914  14.646  14.080  1.00 41.29 ? 220  SER A OG  1 
ATOM   1384 N N   . ASP A 1 187 ? -4.560  13.460  11.267  1.00 20.05 ? 221  ASP A N   1 
ATOM   1385 C CA  . ASP A 1 187 ? -4.855  13.763  9.872   1.00 18.03 ? 221  ASP A CA  1 
ATOM   1386 C C   . ASP A 1 187 ? -4.635  12.542  8.981   1.00 23.10 ? 221  ASP A C   1 
ATOM   1387 O O   . ASP A 1 187 ? -5.426  12.272  8.073   1.00 17.69 ? 221  ASP A O   1 
ATOM   1388 C CB  . ASP A 1 187 ? -3.995  14.929  9.381   1.00 19.24 ? 221  ASP A CB  1 
ATOM   1389 C CG  . ASP A 1 187 ? -4.340  16.238  10.066  1.00 31.45 ? 221  ASP A CG  1 
ATOM   1390 O OD1 . ASP A 1 187 ? -5.519  16.430  10.426  1.00 30.69 ? 221  ASP A OD1 1 
ATOM   1391 O OD2 . ASP A 1 187 ? -3.431  17.075  10.241  1.00 37.54 ? 221  ASP A OD2 1 
ATOM   1392 N N   . VAL A 1 188 ? -3.559  11.810  9.242   1.00 18.76 ? 222  VAL A N   1 
ATOM   1393 C CA  . VAL A 1 188 ? -3.282  10.589  8.497   1.00 17.22 ? 222  VAL A CA  1 
ATOM   1394 C C   . VAL A 1 188 ? -4.413  9.595   8.708   1.00 24.57 ? 222  VAL A C   1 
ATOM   1395 O O   . VAL A 1 188 ? -4.926  9.009   7.760   1.00 20.13 ? 222  VAL A O   1 
ATOM   1396 C CB  . VAL A 1 188 ? -1.965  9.930   8.950   1.00 16.12 ? 222  VAL A CB  1 
ATOM   1397 C CG1 . VAL A 1 188 ? -1.759  8.610   8.220   1.00 21.33 ? 222  VAL A CG1 1 
ATOM   1398 C CG2 . VAL A 1 188 ? -0.792  10.866  8.709   1.00 24.47 ? 222  VAL A CG2 1 
ATOM   1399 N N   . ILE A 1 189 ? -4.804  9.422   9.966   1.00 18.69 ? 223  ILE A N   1 
ATOM   1400 C CA  . ILE A 1 189 ? -5.820  8.440   10.330  1.00 20.10 ? 223  ILE A CA  1 
ATOM   1401 C C   . ILE A 1 189 ? -7.166  8.703   9.652   1.00 23.09 ? 223  ILE A C   1 
ATOM   1402 O O   . ILE A 1 189 ? -7.775  7.788   9.093   1.00 22.03 ? 223  ILE A O   1 
ATOM   1403 C CB  . ILE A 1 189 ? -5.996  8.370   11.857  1.00 30.65 ? 223  ILE A CB  1 
ATOM   1404 C CG1 . ILE A 1 189 ? -4.702  7.872   12.509  1.00 23.25 ? 223  ILE A CG1 1 
ATOM   1405 C CG2 . ILE A 1 189 ? -7.168  7.471   12.221  1.00 29.22 ? 223  ILE A CG2 1 
ATOM   1406 C CD1 . ILE A 1 189 ? -4.661  8.038   14.013  1.00 26.80 ? 223  ILE A CD1 1 
ATOM   1407 N N   . ASP A 1 190 ? -7.630  9.946   9.691   1.00 18.52 ? 224  ASP A N   1 
ATOM   1408 C CA  . ASP A 1 190 ? -8.921  10.263  9.087   1.00 27.85 ? 224  ASP A CA  1 
ATOM   1409 C C   . ASP A 1 190 ? -8.836  10.186  7.567   1.00 21.66 ? 224  ASP A C   1 
ATOM   1410 O O   . ASP A 1 190 ? -9.804  9.830   6.899   1.00 20.08 ? 224  ASP A O   1 
ATOM   1411 C CB  . ASP A 1 190 ? -9.438  11.630  9.543   1.00 24.03 ? 224  ASP A CB  1 
ATOM   1412 C CG  . ASP A 1 190 ? -10.944 11.761  9.389   1.00 21.72 ? 224  ASP A CG  1 
ATOM   1413 O OD1 . ASP A 1 190 ? -11.679 11.084  10.138  1.00 23.33 ? 224  ASP A OD1 1 
ATOM   1414 O OD2 . ASP A 1 190 ? -11.395 12.524  8.511   1.00 26.87 ? 224  ASP A OD2 1 
ATOM   1415 N N   . TYR A 1 191 ? -7.668  10.509  7.027   1.00 17.41 ? 225  TYR A N   1 
ATOM   1416 C CA  . TYR A 1 191 ? -7.425  10.354  5.599   1.00 18.76 ? 225  TYR A CA  1 
ATOM   1417 C C   . TYR A 1 191 ? -7.593  8.891   5.195   1.00 20.09 ? 225  TYR A C   1 
ATOM   1418 O O   . TYR A 1 191 ? -8.268  8.583   4.213   1.00 16.32 ? 225  TYR A O   1 
ATOM   1419 C CB  . TYR A 1 191 ? -6.020  10.842  5.240   1.00 20.76 ? 225  TYR A CB  1 
ATOM   1420 C CG  . TYR A 1 191 ? -5.682  10.700  3.776   1.00 24.31 ? 225  TYR A CG  1 
ATOM   1421 C CD1 . TYR A 1 191 ? -5.957  11.722  2.878   1.00 33.57 ? 225  TYR A CD1 1 
ATOM   1422 C CD2 . TYR A 1 191 ? -5.086  9.543   3.290   1.00 26.07 ? 225  TYR A CD2 1 
ATOM   1423 C CE1 . TYR A 1 191 ? -5.651  11.596  1.537   1.00 28.95 ? 225  TYR A CE1 1 
ATOM   1424 C CE2 . TYR A 1 191 ? -4.778  9.408   1.950   1.00 20.22 ? 225  TYR A CE2 1 
ATOM   1425 C CZ  . TYR A 1 191 ? -5.062  10.438  1.079   1.00 29.70 ? 225  TYR A CZ  1 
ATOM   1426 O OH  . TYR A 1 191 ? -4.756  10.310  -0.256  1.00 33.72 ? 225  TYR A OH  1 
ATOM   1427 N N   . ALA A 1 192 ? -6.980  7.996   5.965   1.00 15.26 ? 226  ALA A N   1 
ATOM   1428 C CA  . ALA A 1 192 ? -7.029  6.566   5.682   1.00 22.58 ? 226  ALA A CA  1 
ATOM   1429 C C   . ALA A 1 192 ? -8.442  6.004   5.799   1.00 16.21 ? 226  ALA A C   1 
ATOM   1430 O O   . ALA A 1 192 ? -8.866  5.198   4.973   1.00 19.93 ? 226  ALA A O   1 
ATOM   1431 C CB  . ALA A 1 192 ? -6.075  5.807   6.601   1.00 12.22 ? 226  ALA A CB  1 
ATOM   1432 N N   . LYS A 1 193 ? -9.174  6.425   6.827   1.00 15.66 ? 227  LYS A N   1 
ATOM   1433 C CA  . LYS A 1 193 ? -10.557 5.985   6.988   1.00 16.77 ? 227  LYS A CA  1 
ATOM   1434 C C   . LYS A 1 193 ? -11.425 6.403   5.801   1.00 18.41 ? 227  LYS A C   1 
ATOM   1435 O O   . LYS A 1 193 ? -12.205 5.608   5.280   1.00 21.35 ? 227  LYS A O   1 
ATOM   1436 C CB  . LYS A 1 193 ? -11.160 6.532   8.285   1.00 18.02 ? 227  LYS A CB  1 
ATOM   1437 C CG  . LYS A 1 193 ? -10.591 5.921   9.558   1.00 21.59 ? 227  LYS A CG  1 
ATOM   1438 C CD  . LYS A 1 193 ? -11.279 6.508   10.785  1.00 16.15 ? 227  LYS A CD  1 
ATOM   1439 C CE  . LYS A 1 193 ? -10.468 6.288   12.057  1.00 26.54 ? 227  LYS A CE  1 
ATOM   1440 N NZ  . LYS A 1 193 ? -10.421 4.860   12.460  1.00 29.09 ? 227  LYS A NZ  1 
ATOM   1441 N N   . MET A 1 194 ? -11.292 7.655   5.378   1.00 18.00 ? 228  MET A N   1 
ATOM   1442 C CA  . MET A 1 194 ? -12.132 8.168   4.299   1.00 24.75 ? 228  MET A CA  1 
ATOM   1443 C C   . MET A 1 194 ? -11.698 7.662   2.925   1.00 20.29 ? 228  MET A C   1 
ATOM   1444 O O   . MET A 1 194 ? -12.502 7.618   1.999   1.00 17.83 ? 228  MET A O   1 
ATOM   1445 C CB  . MET A 1 194 ? -12.180 9.698   4.325   1.00 22.75 ? 228  MET A CB  1 
ATOM   1446 C CG  . MET A 1 194 ? -12.909 10.281  5.535   1.00 22.35 ? 228  MET A CG  1 
ATOM   1447 S SD  . MET A 1 194 ? -14.625 9.725   5.706   1.00 22.06 ? 228  MET A SD  1 
ATOM   1448 C CE  . MET A 1 194 ? -14.447 8.390   6.891   1.00 15.96 ? 228  MET A CE  1 
ATOM   1449 N N   . ALA A 1 195 ? -10.432 7.272   2.802   1.00 18.92 ? 229  ALA A N   1 
ATOM   1450 C CA  . ALA A 1 195 ? -9.917  6.712   1.556   1.00 21.38 ? 229  ALA A CA  1 
ATOM   1451 C C   . ALA A 1 195 ? -10.102 5.196   1.486   1.00 14.06 ? 229  ALA A C   1 
ATOM   1452 O O   . ALA A 1 195 ? -9.785  4.569   0.471   1.00 17.66 ? 229  ALA A O   1 
ATOM   1453 C CB  . ALA A 1 195 ? -8.444  7.074   1.376   1.00 21.20 ? 229  ALA A CB  1 
ATOM   1454 N N   . HIS A 1 196 ? -10.621 4.619   2.562   1.00 13.64 ? 230  HIS A N   1 
ATOM   1455 C CA  . HIS A 1 196 ? -10.851 3.176   2.653   1.00 16.93 ? 230  HIS A CA  1 
ATOM   1456 C C   . HIS A 1 196 ? -9.572  2.386   2.409   1.00 15.38 ? 230  HIS A C   1 
ATOM   1457 O O   . HIS A 1 196 ? -9.525  1.511   1.540   1.00 17.18 ? 230  HIS A O   1 
ATOM   1458 C CB  . HIS A 1 196 ? -11.941 2.738   1.669   1.00 12.64 ? 230  HIS A CB  1 
ATOM   1459 C CG  . HIS A 1 196 ? -12.969 3.791   1.401   1.00 20.55 ? 230  HIS A CG  1 
ATOM   1460 N ND1 . HIS A 1 196 ? -13.838 4.248   2.370   1.00 16.09 ? 230  HIS A ND1 1 
ATOM   1461 C CD2 . HIS A 1 196 ? -13.264 4.486   0.277   1.00 15.01 ? 230  HIS A CD2 1 
ATOM   1462 C CE1 . HIS A 1 196 ? -14.623 5.176   1.855   1.00 23.14 ? 230  HIS A CE1 1 
ATOM   1463 N NE2 . HIS A 1 196 ? -14.293 5.341   0.585   1.00 17.74 ? 230  HIS A NE2 1 
ATOM   1464 N N   . ILE A 1 197 ? -8.530  2.702   3.173   1.00 18.92 ? 231  ILE A N   1 
ATOM   1465 C CA  . ILE A 1 197 ? -7.251  2.005   3.049   1.00 21.50 ? 231  ILE A CA  1 
ATOM   1466 C C   . ILE A 1 197 ? -6.707  1.619   4.421   1.00 15.90 ? 231  ILE A C   1 
ATOM   1467 O O   . ILE A 1 197 ? -6.954  2.302   5.410   1.00 17.83 ? 231  ILE A O   1 
ATOM   1468 C CB  . ILE A 1 197 ? -6.198  2.863   2.322   1.00 15.63 ? 231  ILE A CB  1 
ATOM   1469 C CG1 . ILE A 1 197 ? -6.058  4.223   3.007   1.00 16.55 ? 231  ILE A CG1 1 
ATOM   1470 C CG2 . ILE A 1 197 ? -6.550  3.010   0.839   1.00 17.36 ? 231  ILE A CG2 1 
ATOM   1471 C CD1 . ILE A 1 197 ? -4.994  5.112   2.399   1.00 19.48 ? 231  ILE A CD1 1 
ATOM   1472 N N   . ALA A 1 198 ? -5.963  0.522   4.476   1.00 17.53 ? 232  ALA A N   1 
ATOM   1473 C CA  . ALA A 1 198 ? -5.397  0.062   5.735   1.00 20.07 ? 232  ALA A CA  1 
ATOM   1474 C C   . ALA A 1 198 ? -4.410  1.073   6.301   1.00 21.29 ? 232  ALA A C   1 
ATOM   1475 O O   . ALA A 1 198 ? -3.642  1.687   5.560   1.00 18.65 ? 232  ALA A O   1 
ATOM   1476 C CB  . ALA A 1 198 ? -4.717  -1.284  5.552   1.00 16.35 ? 232  ALA A CB  1 
ATOM   1477 N N   . TYR A 1 199 ? -4.445  1.246   7.619   1.00 19.53 ? 233  TYR A N   1 
ATOM   1478 C CA  . TYR A 1 199 ? -3.435  2.030   8.319   1.00 17.39 ? 233  TYR A CA  1 
ATOM   1479 C C   . TYR A 1 199 ? -3.243  1.481   9.727   1.00 20.33 ? 233  TYR A C   1 
ATOM   1480 O O   . TYR A 1 199 ? -4.186  0.998   10.348  1.00 20.56 ? 233  TYR A O   1 
ATOM   1481 C CB  . TYR A 1 199 ? -3.800  3.521   8.363   1.00 21.05 ? 233  TYR A CB  1 
ATOM   1482 C CG  . TYR A 1 199 ? -2.803  4.349   9.145   1.00 15.61 ? 233  TYR A CG  1 
ATOM   1483 C CD1 . TYR A 1 199 ? -1.537  4.614   8.634   1.00 18.27 ? 233  TYR A CD1 1 
ATOM   1484 C CD2 . TYR A 1 199 ? -3.122  4.854   10.401  1.00 18.12 ? 233  TYR A CD2 1 
ATOM   1485 C CE1 . TYR A 1 199 ? -0.618  5.367   9.357   1.00 13.74 ? 233  TYR A CE1 1 
ATOM   1486 C CE2 . TYR A 1 199 ? -2.212  5.602   11.123  1.00 22.31 ? 233  TYR A CE2 1 
ATOM   1487 C CZ  . TYR A 1 199 ? -0.964  5.855   10.601  1.00 16.19 ? 233  TYR A CZ  1 
ATOM   1488 O OH  . TYR A 1 199 ? -0.062  6.600   11.334  1.00 22.77 ? 233  TYR A OH  1 
ATOM   1489 N N   . ILE A 1 200 ? -2.010  1.549   10.216  1.00 13.39 ? 234  ILE A N   1 
ATOM   1490 C CA  . ILE A 1 200 ? -1.680  1.084   11.559  1.00 22.17 ? 234  ILE A CA  1 
ATOM   1491 C C   . ILE A 1 200 ? -1.237  2.283   12.381  1.00 13.62 ? 234  ILE A C   1 
ATOM   1492 O O   . ILE A 1 200 ? -0.237  2.924   12.053  1.00 20.01 ? 234  ILE A O   1 
ATOM   1493 C CB  . ILE A 1 200 ? -0.531  0.059   11.524  1.00 27.43 ? 234  ILE A CB  1 
ATOM   1494 C CG1 . ILE A 1 200 ? -0.818  -1.022  10.482  1.00 18.19 ? 234  ILE A CG1 1 
ATOM   1495 C CG2 . ILE A 1 200 ? -0.297  -0.547  12.912  1.00 14.47 ? 234  ILE A CG2 1 
ATOM   1496 C CD1 . ILE A 1 200 ? 0.324   -1.993  10.286  1.00 22.47 ? 234  ILE A CD1 1 
ATOM   1497 N N   . ASP A 1 201 ? -1.983  2.603   13.436  1.00 16.82 ? 235  ASP A N   1 
ATOM   1498 C CA  . ASP A 1 201 ? -1.659  3.784   14.229  1.00 13.45 ? 235  ASP A CA  1 
ATOM   1499 C C   . ASP A 1 201 ? -0.429  3.553   15.105  1.00 16.94 ? 235  ASP A C   1 
ATOM   1500 O O   . ASP A 1 201 ? 0.117   2.453   15.144  1.00 18.25 ? 235  ASP A O   1 
ATOM   1501 C CB  . ASP A 1 201 ? -2.868  4.296   15.037  1.00 13.39 ? 235  ASP A CB  1 
ATOM   1502 C CG  . ASP A 1 201 ? -3.159  3.469   16.285  1.00 21.31 ? 235  ASP A CG  1 
ATOM   1503 O OD1 . ASP A 1 201 ? -2.324  2.632   16.691  1.00 18.01 ? 235  ASP A OD1 1 
ATOM   1504 O OD2 . ASP A 1 201 ? -4.240  3.683   16.878  1.00 20.90 ? 235  ASP A OD2 1 
ATOM   1505 N N   . GLN A 1 202 ? 0.008   4.599   15.797  1.00 16.20 ? 236  GLN A N   1 
ATOM   1506 C CA  . GLN A 1 202 ? 1.268   4.548   16.534  1.00 20.32 ? 236  GLN A CA  1 
ATOM   1507 C C   . GLN A 1 202 ? 1.267   3.565   17.706  1.00 19.78 ? 236  GLN A C   1 
ATOM   1508 O O   . GLN A 1 202 ? 2.326   3.233   18.241  1.00 19.56 ? 236  GLN A O   1 
ATOM   1509 C CB  . GLN A 1 202 ? 1.684   5.952   16.983  1.00 17.40 ? 236  GLN A CB  1 
ATOM   1510 C CG  . GLN A 1 202 ? 2.060   6.854   15.816  1.00 16.54 ? 236  GLN A CG  1 
ATOM   1511 C CD  . GLN A 1 202 ? 2.362   8.281   16.235  1.00 30.49 ? 236  GLN A CD  1 
ATOM   1512 O OE1 . GLN A 1 202 ? 2.413   8.598   17.424  1.00 34.14 ? 236  GLN A OE1 1 
ATOM   1513 N NE2 . GLN A 1 202 ? 2.567   9.150   15.253  1.00 20.36 ? 236  GLN A NE2 1 
ATOM   1514 N N   . ALA A 1 203 ? 0.083   3.095   18.091  1.00 15.68 ? 237  ALA A N   1 
ATOM   1515 C CA  . ALA A 1 203 ? -0.036  2.084   19.137  1.00 16.30 ? 237  ALA A CA  1 
ATOM   1516 C C   . ALA A 1 203 ? -0.071  0.678   18.542  1.00 22.83 ? 237  ALA A C   1 
ATOM   1517 O O   . ALA A 1 203 ? -0.144  -0.310  19.267  1.00 26.53 ? 237  ALA A O   1 
ATOM   1518 C CB  . ALA A 1 203 ? -1.276  2.335   19.987  1.00 20.26 ? 237  ALA A CB  1 
ATOM   1519 N N   . GLY A 1 204 ? -0.021  0.600   17.215  1.00 17.94 ? 238  GLY A N   1 
ATOM   1520 C CA  . GLY A 1 204 ? 0.011   -0.678  16.528  1.00 19.02 ? 238  GLY A CA  1 
ATOM   1521 C C   . GLY A 1 204 ? -1.360  -1.212  16.165  1.00 20.23 ? 238  GLY A C   1 
ATOM   1522 O O   . GLY A 1 204 ? -1.488  -2.338  15.688  1.00 24.19 ? 238  GLY A O   1 
ATOM   1523 N N   . LEU A 1 205 ? -2.392  -0.407  16.387  1.00 19.08 ? 239  LEU A N   1 
ATOM   1524 C CA  . LEU A 1 205 ? -3.754  -0.835  16.096  1.00 22.96 ? 239  LEU A CA  1 
ATOM   1525 C C   . LEU A 1 205 ? -4.121  -0.592  14.639  1.00 18.26 ? 239  LEU A C   1 
ATOM   1526 O O   . LEU A 1 205 ? -3.732  0.414   14.047  1.00 18.30 ? 239  LEU A O   1 
ATOM   1527 C CB  . LEU A 1 205 ? -4.757  -0.124  17.009  1.00 18.37 ? 239  LEU A CB  1 
ATOM   1528 C CG  . LEU A 1 205 ? -4.677  -0.481  18.495  1.00 22.85 ? 239  LEU A CG  1 
ATOM   1529 C CD1 . LEU A 1 205 ? -5.664  0.344   19.313  1.00 21.32 ? 239  LEU A CD1 1 
ATOM   1530 C CD2 . LEU A 1 205 ? -4.921  -1.969  18.693  1.00 20.41 ? 239  LEU A CD2 1 
ATOM   1531 N N   . ILE A 1 206 ? -4.872  -1.522  14.066  1.00 21.38 ? 240  ILE A N   1 
ATOM   1532 C CA  . ILE A 1 206 ? -5.414  -1.341  12.728  1.00 17.19 ? 240  ILE A CA  1 
ATOM   1533 C C   . ILE A 1 206 ? -6.648  -0.452  12.827  1.00 17.81 ? 240  ILE A C   1 
ATOM   1534 O O   . ILE A 1 206 ? -7.693  -0.877  13.324  1.00 23.23 ? 240  ILE A O   1 
ATOM   1535 C CB  . ILE A 1 206 ? -5.775  -2.691  12.087  1.00 23.99 ? 240  ILE A CB  1 
ATOM   1536 C CG1 . ILE A 1 206 ? -4.528  -3.577  11.997  1.00 24.48 ? 240  ILE A CG1 1 
ATOM   1537 C CG2 . ILE A 1 206 ? -6.397  -2.479  10.713  1.00 24.28 ? 240  ILE A CG2 1 
ATOM   1538 C CD1 . ILE A 1 206 ? -4.807  -4.982  11.524  1.00 44.40 ? 240  ILE A CD1 1 
ATOM   1539 N N   . VAL A 1 207 ? -6.519  0.784   12.357  1.00 20.12 ? 241  VAL A N   1 
ATOM   1540 C CA  . VAL A 1 207 ? -7.549  1.796   12.569  1.00 14.73 ? 241  VAL A CA  1 
ATOM   1541 C C   . VAL A 1 207 ? -8.263  2.218   11.287  1.00 20.53 ? 241  VAL A C   1 
ATOM   1542 O O   . VAL A 1 207 ? -9.140  3.081   11.314  1.00 22.75 ? 241  VAL A O   1 
ATOM   1543 C CB  . VAL A 1 207 ? -6.972  3.041   13.268  1.00 24.27 ? 241  VAL A CB  1 
ATOM   1544 C CG1 . VAL A 1 207 ? -6.503  2.684   14.674  1.00 27.08 ? 241  VAL A CG1 1 
ATOM   1545 C CG2 . VAL A 1 207 ? -5.828  3.624   12.453  1.00 24.05 ? 241  VAL A CG2 1 
ATOM   1546 N N   . ALA A 1 208 ? -7.882  1.612   10.169  1.00 20.93 ? 242  ALA A N   1 
ATOM   1547 C CA  . ALA A 1 208 ? -8.560  1.850   8.902   1.00 18.49 ? 242  ALA A CA  1 
ATOM   1548 C C   . ALA A 1 208 ? -8.512  0.600   8.035   1.00 23.45 ? 242  ALA A C   1 
ATOM   1549 O O   . ALA A 1 208 ? -7.594  -0.213  8.148   1.00 19.28 ? 242  ALA A O   1 
ATOM   1550 C CB  . ALA A 1 208 ? -7.942  3.040   8.172   1.00 18.14 ? 242  ALA A CB  1 
ATOM   1551 N N   . SER A 1 209 ? -9.510  0.444   7.174   1.00 20.08 ? 243  SER A N   1 
ATOM   1552 C CA  . SER A 1 209 ? -9.619  -0.754  6.355   1.00 23.00 ? 243  SER A CA  1 
ATOM   1553 C C   . SER A 1 209 ? -10.383 -0.454  5.074   1.00 19.82 ? 243  SER A C   1 
ATOM   1554 O O   . SER A 1 209 ? -11.147 0.507   5.011   1.00 19.60 ? 243  SER A O   1 
ATOM   1555 C CB  . SER A 1 209 ? -10.330 -1.862  7.138   1.00 20.70 ? 243  SER A CB  1 
ATOM   1556 O OG  . SER A 1 209 ? -10.538 -3.011  6.335   1.00 21.68 ? 243  SER A OG  1 
ATOM   1557 N N   . SER A 1 210 ? -10.172 -1.284  4.057   1.00 20.46 ? 244  SER A N   1 
ATOM   1558 C CA  . SER A 1 210 ? -10.900 -1.154  2.801   1.00 24.21 ? 244  SER A CA  1 
ATOM   1559 C C   . SER A 1 210 ? -12.255 -1.847  2.874   1.00 15.74 ? 244  SER A C   1 
ATOM   1560 O O   . SER A 1 210 ? -13.146 -1.559  2.080   1.00 14.01 ? 244  SER A O   1 
ATOM   1561 C CB  . SER A 1 210 ? -10.083 -1.742  1.650   1.00 16.72 ? 244  SER A CB  1 
ATOM   1562 O OG  . SER A 1 210 ? -8.853  -1.058  1.510   1.00 20.36 ? 244  SER A OG  1 
ATOM   1563 N N   . ASP A 1 211 ? -12.397 -2.766  3.826   1.00 19.28 ? 245  ASP A N   1 
ATOM   1564 C CA  . ASP A 1 211 ? -13.620 -3.554  3.971   1.00 17.67 ? 245  ASP A CA  1 
ATOM   1565 C C   . ASP A 1 211 ? -14.827 -2.712  4.376   1.00 16.03 ? 245  ASP A C   1 
ATOM   1566 O O   . ASP A 1 211 ? -14.796 -2.001  5.383   1.00 20.04 ? 245  ASP A O   1 
ATOM   1567 C CB  . ASP A 1 211 ? -13.416 -4.666  5.004   1.00 20.96 ? 245  ASP A CB  1 
ATOM   1568 C CG  . ASP A 1 211 ? -12.490 -5.757  4.515   1.00 29.06 ? 245  ASP A CG  1 
ATOM   1569 O OD1 . ASP A 1 211 ? -11.757 -5.528  3.530   1.00 21.41 ? 245  ASP A OD1 1 
ATOM   1570 O OD2 . ASP A 1 211 ? -12.492 -6.850  5.125   1.00 29.65 ? 245  ASP A OD2 1 
ATOM   1571 N N   . ALA A 1 212 ? -15.899 -2.809  3.594   1.00 19.82 ? 246  ALA A N   1 
ATOM   1572 C CA  . ALA A 1 212 ? -17.136 -2.102  3.901   1.00 13.58 ? 246  ALA A CA  1 
ATOM   1573 C C   . ALA A 1 212 ? -18.032 -2.941  4.807   1.00 19.48 ? 246  ALA A C   1 
ATOM   1574 O O   . ALA A 1 212 ? -18.253 -4.125  4.548   1.00 16.95 ? 246  ALA A O   1 
ATOM   1575 C CB  . ALA A 1 212 ? -17.875 -1.737  2.616   1.00 19.56 ? 246  ALA A CB  1 
ATOM   1576 N N   . TYR A 1 213 ? -18.535 -2.319  5.871   1.00 20.14 ? 247  TYR A N   1 
ATOM   1577 C CA  . TYR A 1 213 ? -19.445 -2.966  6.814   1.00 16.90 ? 247  TYR A CA  1 
ATOM   1578 C C   . TYR A 1 213 ? -20.792 -2.254  6.775   1.00 20.19 ? 247  TYR A C   1 
ATOM   1579 O O   . TYR A 1 213 ? -20.844 -1.025  6.795   1.00 21.64 ? 247  TYR A O   1 
ATOM   1580 C CB  . TYR A 1 213 ? -18.893 -2.887  8.239   1.00 23.79 ? 247  TYR A CB  1 
ATOM   1581 C CG  . TYR A 1 213 ? -17.770 -3.851  8.565   1.00 28.18 ? 247  TYR A CG  1 
ATOM   1582 C CD1 . TYR A 1 213 ? -17.087 -4.527  7.564   1.00 20.76 ? 247  TYR A CD1 1 
ATOM   1583 C CD2 . TYR A 1 213 ? -17.390 -4.076  9.885   1.00 30.99 ? 247  TYR A CD2 1 
ATOM   1584 C CE1 . TYR A 1 213 ? -16.061 -5.405  7.867   1.00 23.44 ? 247  TYR A CE1 1 
ATOM   1585 C CE2 . TYR A 1 213 ? -16.369 -4.951  10.198  1.00 29.34 ? 247  TYR A CE2 1 
ATOM   1586 C CZ  . TYR A 1 213 ? -15.706 -5.612  9.183   1.00 36.56 ? 247  TYR A CZ  1 
ATOM   1587 O OH  . TYR A 1 213 ? -14.688 -6.485  9.485   1.00 32.02 ? 247  TYR A OH  1 
ATOM   1588 N N   . ILE A 1 214 ? -21.879 -3.019  6.744   1.00 18.84 ? 248  ILE A N   1 
ATOM   1589 C CA  . ILE A 1 214 ? -23.212 -2.432  6.596   1.00 16.80 ? 248  ILE A CA  1 
ATOM   1590 C C   . ILE A 1 214 ? -23.651 -1.587  7.799   1.00 18.73 ? 248  ILE A C   1 
ATOM   1591 O O   . ILE A 1 214 ? -24.454 -0.663  7.658   1.00 18.80 ? 248  ILE A O   1 
ATOM   1592 C CB  . ILE A 1 214 ? -24.283 -3.508  6.271   1.00 21.69 ? 248  ILE A CB  1 
ATOM   1593 C CG1 . ILE A 1 214 ? -25.592 -2.845  5.830   1.00 28.01 ? 248  ILE A CG1 1 
ATOM   1594 C CG2 . ILE A 1 214 ? -24.493 -4.440  7.459   1.00 17.90 ? 248  ILE A CG2 1 
ATOM   1595 C CD1 . ILE A 1 214 ? -26.633 -3.822  5.310   1.00 24.07 ? 248  ILE A CD1 1 
ATOM   1596 N N   . SER A 1 215 ? -23.115 -1.890  8.977   1.00 22.35 ? 249  SER A N   1 
ATOM   1597 C CA  . SER A 1 215 ? -23.445 -1.121  10.177  1.00 26.61 ? 249  SER A CA  1 
ATOM   1598 C C   . SER A 1 215 ? -22.216 -0.496  10.835  1.00 25.87 ? 249  SER A C   1 
ATOM   1599 O O   . SER A 1 215 ? -22.279 -0.052  11.980  1.00 38.63 ? 249  SER A O   1 
ATOM   1600 C CB  . SER A 1 215 ? -24.184 -1.999  11.189  1.00 21.16 ? 249  SER A CB  1 
ATOM   1601 O OG  . SER A 1 215 ? -25.437 -2.414  10.677  1.00 32.31 ? 249  SER A OG  1 
ATOM   1602 N N   . GLY A 1 216 ? -21.104 -0.452  10.109  1.00 24.40 ? 250  GLY A N   1 
ATOM   1603 C CA  . GLY A 1 216 ? -19.853 -0.002  10.689  1.00 19.26 ? 250  GLY A CA  1 
ATOM   1604 C C   . GLY A 1 216 ? -19.376 -1.004  11.725  1.00 25.40 ? 250  GLY A C   1 
ATOM   1605 O O   . GLY A 1 216 ? -19.682 -2.192  11.627  1.00 27.99 ? 250  GLY A O   1 
ATOM   1606 N N   . ASP A 1 217 ? -18.633 -0.530  12.720  1.00 27.23 ? 251  ASP A N   1 
ATOM   1607 C CA  . ASP A 1 217 ? -18.128 -1.403  13.777  1.00 26.38 ? 251  ASP A CA  1 
ATOM   1608 C C   . ASP A 1 217 ? -19.141 -1.521  14.911  1.00 35.69 ? 251  ASP A C   1 
ATOM   1609 O O   . ASP A 1 217 ? -18.911 -1.023  16.014  1.00 45.61 ? 251  ASP A O   1 
ATOM   1610 C CB  . ASP A 1 217 ? -16.793 -0.881  14.311  1.00 19.29 ? 251  ASP A CB  1 
ATOM   1611 C CG  . ASP A 1 217 ? -15.714 -0.849  13.243  1.00 20.53 ? 251  ASP A CG  1 
ATOM   1612 O OD1 . ASP A 1 217 ? -15.154 -1.922  12.937  1.00 27.12 ? 251  ASP A OD1 1 
ATOM   1613 O OD2 . ASP A 1 217 ? -15.424 0.246   12.716  1.00 21.42 ? 251  ASP A OD2 1 
ATOM   1614 N N   . SER A 1 218 ? -20.254 -2.194  14.634  1.00 39.42 ? 252  SER A N   1 
ATOM   1615 C CA  . SER A 1 218 ? -21.388 -2.227  15.555  1.00 39.08 ? 252  SER A CA  1 
ATOM   1616 C C   . SER A 1 218 ? -21.398 -3.433  16.491  1.00 53.68 ? 252  SER A C   1 
ATOM   1617 O O   . SER A 1 218 ? -22.304 -3.573  17.310  1.00 45.96 ? 252  SER A O   1 
ATOM   1618 C CB  . SER A 1 218 ? -22.703 -2.191  14.771  1.00 25.80 ? 252  SER A CB  1 
ATOM   1619 O OG  . SER A 1 218 ? -22.863 -3.370  14.002  1.00 45.83 ? 252  SER A OG  1 
ATOM   1620 N N   . GLN A 1 219 ? -20.401 -4.302  16.366  1.00 30.06 ? 253  GLN A N   1 
ATOM   1621 C CA  . GLN A 1 219 ? -20.359 -5.520  17.170  1.00 57.22 ? 253  GLN A CA  1 
ATOM   1622 C C   . GLN A 1 219 ? -19.174 -5.556  18.133  1.00 70.14 ? 253  GLN A C   1 
ATOM   1623 O O   . GLN A 1 219 ? -19.202 -6.277  19.135  1.00 38.80 ? 253  GLN A O   1 
ATOM   1624 C CB  . GLN A 1 219 ? -20.326 -6.753  16.266  1.00 63.60 ? 253  GLN A CB  1 
ATOM   1625 C CG  . GLN A 1 219 ? -21.656 -7.087  15.614  1.00 52.23 ? 253  GLN A CG  1 
ATOM   1626 C CD  . GLN A 1 219 ? -22.661 -7.630  16.609  1.00 73.63 ? 253  GLN A CD  1 
ATOM   1627 O OE1 . GLN A 1 219 ? -22.484 -7.496  17.819  1.00 77.25 ? 253  GLN A OE1 1 
ATOM   1628 N NE2 . GLN A 1 219 ? -23.718 -8.256  16.103  1.00 51.97 ? 253  GLN A NE2 1 
HETATM 1629 O O   . HOH B 2 .   ? -44.245 -8.994  -0.108  1.00 49.60 ? 2001 HOH A O   1 
HETATM 1630 O O   . HOH B 2 .   ? -35.529 -1.500  6.138   1.00 24.85 ? 2002 HOH A O   1 
HETATM 1631 O O   . HOH B 2 .   ? -38.035 -2.981  4.869   1.00 37.58 ? 2003 HOH A O   1 
HETATM 1632 O O   . HOH B 2 .   ? -33.736 -8.900  5.238   1.00 45.71 ? 2004 HOH A O   1 
HETATM 1633 O O   . HOH B 2 .   ? -34.339 -9.590  3.642   1.00 50.52 ? 2005 HOH A O   1 
HETATM 1634 O O   . HOH B 2 .   ? -25.045 0.724   5.355   1.00 18.24 ? 2006 HOH A O   1 
HETATM 1635 O O   . HOH B 2 .   ? -23.571 -0.170  3.263   1.00 22.15 ? 2007 HOH A O   1 
HETATM 1636 O O   . HOH B 2 .   ? -31.567 -9.328  4.622   1.00 46.25 ? 2008 HOH A O   1 
HETATM 1637 O O   . HOH B 2 .   ? -10.270 10.619  0.101   1.00 39.29 ? 2009 HOH A O   1 
HETATM 1638 O O   . HOH B 2 .   ? -22.800 -13.423 -2.017  1.00 42.07 ? 2010 HOH A O   1 
HETATM 1639 O O   . HOH B 2 .   ? -19.607 -6.771  4.750   1.00 45.12 ? 2011 HOH A O   1 
HETATM 1640 O O   . HOH B 2 .   ? -20.210 -7.707  2.307   1.00 27.98 ? 2012 HOH A O   1 
HETATM 1641 O O   . HOH B 2 .   ? 11.471  3.751   -14.021 1.00 32.59 ? 2013 HOH A O   1 
HETATM 1642 O O   . HOH B 2 .   ? -8.367  -4.150  -6.690  1.00 20.09 ? 2014 HOH A O   1 
HETATM 1643 O O   . HOH B 2 .   ? -8.315  -7.061  -10.228 1.00 25.59 ? 2015 HOH A O   1 
HETATM 1644 O O   . HOH B 2 .   ? -7.407  -8.965  -1.555  1.00 24.16 ? 2016 HOH A O   1 
HETATM 1645 O O   . HOH B 2 .   ? -9.830  -12.164 -1.091  1.00 37.83 ? 2017 HOH A O   1 
HETATM 1646 O O   . HOH B 2 .   ? 13.363  14.400  -5.708  1.00 50.30 ? 2018 HOH A O   1 
HETATM 1647 O O   . HOH B 2 .   ? -14.454 -0.654  -16.195 1.00 28.75 ? 2019 HOH A O   1 
HETATM 1648 O O   . HOH B 2 .   ? -15.197 -3.023  -14.703 1.00 29.24 ? 2020 HOH A O   1 
HETATM 1649 O O   . HOH B 2 .   ? -11.000 0.117   -17.417 1.00 24.60 ? 2021 HOH A O   1 
HETATM 1650 O O   . HOH B 2 .   ? -7.231  -5.166  -9.774  1.00 31.95 ? 2022 HOH A O   1 
HETATM 1651 O O   . HOH B 2 .   ? -11.175 -1.160  -7.376  1.00 19.69 ? 2023 HOH A O   1 
HETATM 1652 O O   . HOH B 2 .   ? -9.275  9.075   -2.214  1.00 22.24 ? 2024 HOH A O   1 
HETATM 1653 O O   . HOH B 2 .   ? 5.251   10.440  15.110  1.00 40.35 ? 2025 HOH A O   1 
HETATM 1654 O O   . HOH B 2 .   ? 5.955   7.187   17.787  1.00 51.10 ? 2026 HOH A O   1 
HETATM 1655 O O   . HOH B 2 .   ? 1.769   13.140  15.018  1.00 24.97 ? 2027 HOH A O   1 
HETATM 1656 O O   . HOH B 2 .   ? 5.290   16.526  5.876   1.00 41.72 ? 2028 HOH A O   1 
HETATM 1657 O O   . HOH B 2 .   ? 11.874  15.995  -0.038  1.00 53.78 ? 2029 HOH A O   1 
HETATM 1658 O O   . HOH B 2 .   ? 8.438   17.287  1.586   1.00 44.35 ? 2030 HOH A O   1 
HETATM 1659 O O   . HOH B 2 .   ? -2.777  -15.822 -1.332  1.00 49.68 ? 2031 HOH A O   1 
HETATM 1660 O O   . HOH B 2 .   ? -1.075  -14.832 2.293   1.00 44.36 ? 2032 HOH A O   1 
HETATM 1661 O O   . HOH B 2 .   ? -7.833  -13.354 4.115   1.00 44.51 ? 2033 HOH A O   1 
HETATM 1662 O O   . HOH B 2 .   ? 27.469  1.937   -0.463  1.00 30.66 ? 2034 HOH A O   1 
HETATM 1663 O O   . HOH B 2 .   ? 7.063   7.778   -6.505  1.00 32.84 ? 2035 HOH A O   1 
HETATM 1664 O O   . HOH B 2 .   ? 4.898   0.917   -11.612 1.00 32.13 ? 2036 HOH A O   1 
HETATM 1665 O O   . HOH B 2 .   ? 10.088  1.919   -11.178 1.00 40.73 ? 2037 HOH A O   1 
HETATM 1666 O O   . HOH B 2 .   ? 8.647   4.703   -7.836  1.00 42.24 ? 2038 HOH A O   1 
HETATM 1667 O O   . HOH B 2 .   ? 10.496  3.846   -9.785  1.00 54.44 ? 2039 HOH A O   1 
HETATM 1668 O O   . HOH B 2 .   ? 9.721   7.441   -6.809  1.00 44.41 ? 2040 HOH A O   1 
HETATM 1669 O O   . HOH B 2 .   ? 12.420  7.450   -7.675  1.00 40.48 ? 2041 HOH A O   1 
HETATM 1670 O O   . HOH B 2 .   ? -0.854  -9.538  14.993  1.00 44.45 ? 2042 HOH A O   1 
HETATM 1671 O O   . HOH B 2 .   ? -3.809  -12.266 11.363  1.00 43.72 ? 2043 HOH A O   1 
HETATM 1672 O O   . HOH B 2 .   ? 13.791  12.849  -7.032  1.00 32.82 ? 2044 HOH A O   1 
HETATM 1673 O O   . HOH B 2 .   ? 15.071  8.606   -8.204  1.00 41.85 ? 2045 HOH A O   1 
HETATM 1674 O O   . HOH B 2 .   ? 20.097  13.666  -4.864  1.00 47.54 ? 2046 HOH A O   1 
HETATM 1675 O O   . HOH B 2 .   ? 6.698   9.935   -6.004  1.00 42.29 ? 2047 HOH A O   1 
HETATM 1676 O O   . HOH B 2 .   ? 6.686   17.076  7.037   1.00 44.10 ? 2048 HOH A O   1 
HETATM 1677 O O   . HOH B 2 .   ? 15.068  9.669   11.795  1.00 43.74 ? 2049 HOH A O   1 
HETATM 1678 O O   . HOH B 2 .   ? 15.431  7.065   10.579  1.00 31.53 ? 2050 HOH A O   1 
HETATM 1679 O O   . HOH B 2 .   ? 13.337  3.687   13.409  1.00 37.58 ? 2051 HOH A O   1 
HETATM 1680 O O   . HOH B 2 .   ? -9.716  13.113  3.991   1.00 47.03 ? 2052 HOH A O   1 
HETATM 1681 O O   . HOH B 2 .   ? -9.366  -12.864 -7.671  1.00 52.84 ? 2053 HOH A O   1 
HETATM 1682 O O   . HOH B 2 .   ? -12.633 10.450  -0.718  1.00 38.08 ? 2054 HOH A O   1 
HETATM 1683 O O   . HOH B 2 .   ? 1.720   -8.821  -5.510  1.00 18.68 ? 2055 HOH A O   1 
HETATM 1684 O O   . HOH B 2 .   ? -3.088  -14.178 -3.236  1.00 37.75 ? 2056 HOH A O   1 
HETATM 1685 O O   . HOH B 2 .   ? 0.117   -11.623 -9.643  1.00 36.24 ? 2057 HOH A O   1 
HETATM 1686 O O   . HOH B 2 .   ? 4.063   -11.718 0.103   1.00 22.14 ? 2058 HOH A O   1 
HETATM 1687 O O   . HOH B 2 .   ? 1.463   -11.517 2.340   1.00 37.95 ? 2059 HOH A O   1 
HETATM 1688 O O   . HOH B 2 .   ? 0.807   -14.406 1.797   1.00 41.57 ? 2060 HOH A O   1 
HETATM 1689 O O   . HOH B 2 .   ? -7.477  -11.395 1.170   1.00 32.59 ? 2061 HOH A O   1 
HETATM 1690 O O   . HOH B 2 .   ? -26.501 -5.169  13.052  1.00 49.27 ? 2062 HOH A O   1 
HETATM 1691 O O   . HOH B 2 .   ? 25.250  -0.724  1.761   1.00 34.48 ? 2063 HOH A O   1 
HETATM 1692 O O   . HOH B 2 .   ? 26.149  0.385   -2.744  1.00 22.85 ? 2064 HOH A O   1 
HETATM 1693 O O   . HOH B 2 .   ? 23.552  3.713   1.779   1.00 38.14 ? 2065 HOH A O   1 
HETATM 1694 O O   . HOH B 2 .   ? 27.559  4.647   -0.609  1.00 41.75 ? 2066 HOH A O   1 
HETATM 1695 O O   . HOH B 2 .   ? 27.484  7.966   -2.096  1.00 42.50 ? 2067 HOH A O   1 
HETATM 1696 O O   . HOH B 2 .   ? 21.144  4.169   -7.776  1.00 24.54 ? 2068 HOH A O   1 
HETATM 1697 O O   . HOH B 2 .   ? 23.757  5.392   -6.488  1.00 34.01 ? 2069 HOH A O   1 
HETATM 1698 O O   . HOH B 2 .   ? 19.394  -4.442  -5.478  1.00 16.55 ? 2070 HOH A O   1 
HETATM 1699 O O   . HOH B 2 .   ? 17.209  -2.937  -6.386  1.00 21.13 ? 2071 HOH A O   1 
HETATM 1700 O O   . HOH B 2 .   ? 22.108  -9.352  1.228   1.00 43.12 ? 2072 HOH A O   1 
HETATM 1701 O O   . HOH B 2 .   ? 25.837  -6.085  1.746   1.00 35.50 ? 2073 HOH A O   1 
HETATM 1702 O O   . HOH B 2 .   ? 27.447  -10.579 0.387   1.00 37.34 ? 2074 HOH A O   1 
HETATM 1703 O O   . HOH B 2 .   ? 22.698  -9.960  -1.199  1.00 44.11 ? 2075 HOH A O   1 
HETATM 1704 O O   . HOH B 2 .   ? 28.276  -1.257  -5.483  1.00 19.35 ? 2076 HOH A O   1 
HETATM 1705 O O   . HOH B 2 .   ? 28.209  -4.321  3.722   1.00 47.12 ? 2077 HOH A O   1 
HETATM 1706 O O   . HOH B 2 .   ? 29.229  -2.528  4.602   1.00 37.00 ? 2078 HOH A O   1 
HETATM 1707 O O   . HOH B 2 .   ? 36.225  -4.998  -6.320  1.00 28.44 ? 2079 HOH A O   1 
HETATM 1708 O O   . HOH B 2 .   ? 36.963  -4.435  -8.913  1.00 48.47 ? 2080 HOH A O   1 
HETATM 1709 O O   . HOH B 2 .   ? 23.561  -12.035 -2.413  1.00 39.03 ? 2081 HOH A O   1 
HETATM 1710 O O   . HOH B 2 .   ? 31.506  -13.404 -3.021  1.00 28.08 ? 2082 HOH A O   1 
HETATM 1711 O O   . HOH B 2 .   ? 13.661  -4.879  -8.299  1.00 24.67 ? 2083 HOH A O   1 
HETATM 1712 O O   . HOH B 2 .   ? 19.048  -11.977 -3.466  1.00 25.44 ? 2084 HOH A O   1 
HETATM 1713 O O   . HOH B 2 .   ? 13.812  -15.369 1.224   1.00 37.08 ? 2085 HOH A O   1 
HETATM 1714 O O   . HOH B 2 .   ? 1.683   -15.339 3.824   1.00 27.17 ? 2086 HOH A O   1 
HETATM 1715 O O   . HOH B 2 .   ? 0.990   -11.584 10.940  1.00 35.92 ? 2087 HOH A O   1 
HETATM 1716 O O   . HOH B 2 .   ? -1.743  -16.071 6.138   1.00 37.82 ? 2088 HOH A O   1 
HETATM 1717 O O   . HOH B 2 .   ? -0.802  -11.889 6.796   1.00 41.03 ? 2089 HOH A O   1 
HETATM 1718 O O   . HOH B 2 .   ? -1.743  -8.361  12.951  1.00 37.60 ? 2090 HOH A O   1 
HETATM 1719 O O   . HOH B 2 .   ? 2.978   -3.117  13.290  1.00 24.83 ? 2091 HOH A O   1 
HETATM 1720 O O   . HOH B 2 .   ? -3.448  -7.269  13.946  1.00 46.33 ? 2092 HOH A O   1 
HETATM 1721 O O   . HOH B 2 .   ? -1.868  -10.946 9.818   1.00 30.37 ? 2093 HOH A O   1 
HETATM 1722 O O   . HOH B 2 .   ? -3.996  -8.332  11.869  1.00 29.15 ? 2094 HOH A O   1 
HETATM 1723 O O   . HOH B 2 .   ? -5.551  -15.013 10.398  1.00 50.33 ? 2095 HOH A O   1 
HETATM 1724 O O   . HOH B 2 .   ? -9.885  -4.831  10.283  1.00 49.31 ? 2096 HOH A O   1 
HETATM 1725 O O   . HOH B 2 .   ? 21.455  3.143   4.766   1.00 47.64 ? 2097 HOH A O   1 
HETATM 1726 O O   . HOH B 2 .   ? 21.853  1.844   6.382   1.00 56.41 ? 2098 HOH A O   1 
HETATM 1727 O O   . HOH B 2 .   ? -6.156  -13.788 -2.259  1.00 44.64 ? 2099 HOH A O   1 
HETATM 1728 O O   . HOH B 2 .   ? -3.899  -7.778  -24.829 1.00 53.13 ? 2100 HOH A O   1 
HETATM 1729 O O   . HOH B 2 .   ? -5.870  -8.250  -25.151 1.00 51.45 ? 2101 HOH A O   1 
HETATM 1730 O O   . HOH B 2 .   ? -5.536  -6.577  -18.377 1.00 48.21 ? 2102 HOH A O   1 
HETATM 1731 O O   . HOH B 2 .   ? -5.556  -0.798  -23.566 1.00 51.05 ? 2103 HOH A O   1 
HETATM 1732 O O   . HOH B 2 .   ? -5.996  0.472   -20.834 1.00 43.39 ? 2104 HOH A O   1 
HETATM 1733 O O   . HOH B 2 .   ? 2.157   4.624   -15.474 1.00 36.80 ? 2105 HOH A O   1 
HETATM 1734 O O   . HOH B 2 .   ? -4.987  4.248   -13.852 1.00 21.54 ? 2106 HOH A O   1 
HETATM 1735 O O   . HOH B 2 .   ? 2.580   7.870   -13.854 1.00 39.20 ? 2107 HOH A O   1 
HETATM 1736 O O   . HOH B 2 .   ? 1.573   18.001  -2.526  1.00 53.05 ? 2108 HOH A O   1 
HETATM 1737 O O   . HOH B 2 .   ? -0.173  17.784  0.827   1.00 31.81 ? 2109 HOH A O   1 
HETATM 1738 O O   . HOH B 2 .   ? -1.754  18.504  2.433   1.00 48.05 ? 2110 HOH A O   1 
HETATM 1739 O O   . HOH B 2 .   ? 6.236   17.261  4.135   1.00 48.05 ? 2111 HOH A O   1 
HETATM 1740 O O   . HOH B 2 .   ? -2.347  17.937  7.540   1.00 30.70 ? 2112 HOH A O   1 
HETATM 1741 O O   . HOH B 2 .   ? -1.132  9.850   17.407  1.00 24.98 ? 2113 HOH A O   1 
HETATM 1742 O O   . HOH B 2 .   ? -8.491  11.265  13.324  1.00 33.61 ? 2114 HOH A O   1 
HETATM 1743 O O   . HOH B 2 .   ? -6.744  14.564  6.751   1.00 43.61 ? 2115 HOH A O   1 
HETATM 1744 O O   . HOH B 2 .   ? -10.819 10.352  12.797  1.00 37.54 ? 2116 HOH A O   1 
HETATM 1745 O O   . HOH B 2 .   ? -10.471 13.490  6.028   1.00 45.45 ? 2117 HOH A O   1 
HETATM 1746 O O   . HOH B 2 .   ? -9.369  10.481  2.246   1.00 35.68 ? 2118 HOH A O   1 
HETATM 1747 O O   . HOH B 2 .   ? -13.568 3.220   5.047   1.00 22.31 ? 2119 HOH A O   1 
HETATM 1748 O O   . HOH B 2 .   ? -15.290 8.697   2.108   1.00 23.90 ? 2120 HOH A O   1 
HETATM 1749 O O   . HOH B 2 .   ? -12.567 8.147   -0.565  1.00 22.90 ? 2121 HOH A O   1 
HETATM 1750 O O   . HOH B 2 .   ? -15.049 7.321   -1.264  1.00 24.70 ? 2122 HOH A O   1 
HETATM 1751 O O   . HOH B 2 .   ? 1.497   7.594   20.506  1.00 35.00 ? 2123 HOH A O   1 
HETATM 1752 O O   . HOH B 2 .   ? -5.799  -3.838  15.640  1.00 32.29 ? 2124 HOH A O   1 
HETATM 1753 O O   . HOH B 2 .   ? -8.918  -3.039  14.383  1.00 30.50 ? 2125 HOH A O   1 
HETATM 1754 O O   . HOH B 2 .   ? -12.441 -6.752  8.048   1.00 32.38 ? 2126 HOH A O   1 
HETATM 1755 O O   . HOH B 2 .   ? -17.765 0.333   6.225   1.00 16.47 ? 2127 HOH A O   1 
HETATM 1756 O O   . HOH B 2 .   ? -13.379 -6.560  12.253  1.00 40.44 ? 2128 HOH A O   1 
HETATM 1757 O O   . HOH B 2 .   ? -21.343 -5.966  6.440   1.00 25.88 ? 2129 HOH A O   1 
HETATM 1758 O O   . HOH B 2 .   ? -21.595 -3.885  10.474  1.00 28.31 ? 2130 HOH A O   1 
HETATM 1759 O O   . HOH B 2 .   ? -25.490 -5.471  10.926  1.00 44.48 ? 2131 HOH A O   1 
HETATM 1760 O O   . HOH B 2 .   ? -17.593 2.010   12.421  1.00 23.48 ? 2132 HOH A O   1 
HETATM 1761 O O   . HOH B 2 .   ? -25.059 -4.074  15.018  1.00 47.82 ? 2133 HOH A O   1 
HETATM 1762 O O   . HOH B 2 .   ? -21.137 -3.760  20.401  1.00 43.15 ? 2134 HOH A O   1 
HETATM 1763 O O   . HOH B 2 .   ? -21.147 -5.751  12.309  1.00 46.77 ? 2135 HOH A O   1 
HETATM 1764 O O   . HOH B 2 .   ? -17.893 -5.098  14.688  1.00 45.91 ? 2136 HOH A O   1 
# 
